data_7JPV
#
_entry.id   7JPV
#
_cell.length_a   1.00
_cell.length_b   1.00
_cell.length_c   1.00
_cell.angle_alpha   90.00
_cell.angle_beta   90.00
_cell.angle_gamma   90.00
#
_symmetry.space_group_name_H-M   'P 1'
#
loop_
_entity.id
_entity.type
_entity.pdbx_description
1 polymer 'Voltage-dependent L-type calcium channel subunit alpha-1S'
2 polymer 'Voltage-dependent calcium channel gamma-1 subunit'
3 polymer 'Voltage-dependent calcium channel subunit alpha-2/delta-1'
4 non-polymer 'CALCIUM ION'
5 non-polymer 1,2-Distearoyl-sn-glycerophosphoethanolamine
6 non-polymer 1,2-DIACYL-SN-GLYCERO-3-PHOSPHOCHOLINE
#
loop_
_entity_poly.entity_id
_entity_poly.type
_entity_poly.pdbx_seq_one_letter_code
_entity_poly.pdbx_strand_id
1 'polypeptide(L)'
;MEPSSPQDEGLRKKQPKKPLPEVLPRPPRALFCLTLQNPLRKACISIVEWKPFETIILLTIFANCVALAVYLPMPEDDNN
SLNLGLEKLEYFFLTVFSIEAAMKIIAYGFLFHQDAYLRSGWNVLDFIIVFLGVFTAILEQVNVIQSNTAPMSSKGAGLD
VKALRAFRVLRPLRLVSGVPSLQVVLNSIFKAMLPLFHIALLVLFMVIIYAIIGLELFKGKMHKTCYYIGTDIVATVENE
KPSPCARTGSGRPCTINGSECRGGWPGPNHGITHFDNFGFSMLTVYQCITMEGWTDVLYWVNDAIGNEWPWIYFVTLILL
GSFFILNLVLGVLSGEFTKEREKAKSRGTFQKLREKQQLEEDLRGYMSWITQGEVMDVEDLREGKLSLEEGGSDTESLYE
IEGLNKIIQFIRHWRQWNRVFRWKCHDLVKSRVFYWLVILIVALNTLSIASEHHNQPLWLTHLQDIANRVLLSLFTIEML
LKMYGLGLRQYFMSIFNRFDCFVVCSGILELLLVESGAMTPLGISVLRCIRLLRLFKITKYWTSLSNLVASLLNSIRSIA
SLLLLLFLFIIIFALLGMQLFGGRYDFEDTEVRRSNFDNFPQALISVFQVLTGEDWNSVMYNGIMAYGGPSYPGVLVCIY
FIILFVCGNYILLNVFLAIAVDNLAEAESLTSAQKAKAEERKRRKMSRGLPDKTEEEKSVMAKKLEQKPKGEGIPTTAKL
KVDEFESNVNEVKDPYPSADFPGDDEEDEPEIPVSPRPRPLAELQLKEKAVPIPEASSFFIFSPTNKVRVLCHRIVNATW
FTNFILLFILLSSAALAAEDPIRAESVRNQILGYFDIAFTSVFTVEIVLKMTTYGAFLHKGSFCRNYFNILDLLVVAVSL
ISMGLESSTISVVKILRVLRVLRPLRAINRAKGLKHVVQCVFVAIRTIGNIVLVTTLLQFMFACIGVQLFKGKFFSCNDL
SKMTEEECRGYYYVYKDGDPTQMELRPRQWIHNDFHFDNVLSAMMSLFTVSTFEGWPQLLYRAIDSNEEDMGPVYNNRVE
MAIFFIIYIILIAFFMMNIFVGFVIVTFQEQGETEYKNCELDKNQRQCVQYALKARPLRCYIPKNPYQYQVWYVVTSSYF
EYLMFALIMLNTICLGMQHYHQSEEMNHISDILNVAFTIIFTLEMILKLLAFKARGYFGDPWNVFDFLIVIGSIIDVILS
EIDTFLASSGGLYCLGGGCGNVDPDESARISSAFFRLFRVMRLIKLLSRAEGVRTLLWTFIKSFQALPYVALLIVMLFFI
YAVIGMQMFGKIALVDGTQINRNNNFQTFPQAVLLLFRCATGEAWQEILLACSYGKLCDPESDYAPGEEYTCGTNFAYYY
FISFYMLCAFLIINLFVAVIMDNFDYLTRDWSILGPHHLDEFKAIWAEYDPEAKGRIKHLDVVTLLRRIQPPLGFGKFCP
HRVACKRLVGMNMPLNSDGTVTFNATLFALVRTALKIKTEGNFEQANEELRAIIKKIWKRTSMKLLDQVIPPIGDDEVTV
GKFYATFLIQEHFRKFMKRQEEYYGYRPKKDTVQIQAGLRTIEEEAAPEIRRTISGDLTAEEELERAMVEAAMEERIFRR
TGGLFGQVDTFLERTNSLPPVMANQRPLQFAEIEMEELESPVFLEDFPQDARTNPLARANTNNANANVAYGNSNHSNNQM
FSSVHCEREFPGEAETPAAGRGALSHSHRALGPHSKPCAGKLNGQLVQPGMPINQAPPAPCQQPSTDPPERGQRRTSLTG
SLQDEAPQRRSSEGSTPRRPAPATALLIQEALVRGGLDTLAADAGFVTATSQALADACQMEPEEVEVAATELLKARESVQ
GMASVPGSLSRRSSLGSLDQVQGSQETLIPPRP
;
A
2 'polypeptide(L)'
;MSPTEAPKVRVTLFCILVGIVLAMTAVVSDHWAVLSPHMENHNTTCEAAHFGLWRICTKRIALGEDRSCGPITLPGEKNC
SYFRHFNPGESSEIFEFTTQKEYSISAAAISVFSLGFLIMGTICALMAFRKKRDYLLRPASMFYVFAGLCLFVSLEVMRQ
SVKRMIDSEDTVWIEYYYSWSFACACAAFVLLFLGGISLLLFSLPRMPQNPWESCMDAEPEH
;
E
3 'polypeptide(L)'
;MAAGRPLAWTLTLWQAWLILIGPSSEEPFPSAVTIKSWVDKMQEDLVTLAKTASGVHQLVDIYEKYQDLYTVEPNNARQL
VEIAARDIEKLLSNRSKALVRLALEAEKVQAAHQWREDFASNEVVYYNAKDDLDPEKNDSEPGSQRIKPVFIDDANFRRQ
VSYQHAAVHIPTDIYEGSTIVLNELNWTSALDDVFKKNREEDPSLLWQVFGSATGLARYYPASPWVDNSRTPNKIDLYDV
RRRPWYIQGAASPKDMLILVDVSGSVSGLTLKLIRTSVSEMLETLSDDDFVNVASFNSNAQDVSCFQHLVQANVRNKKVL
KDAVNNITAKGITDYKKGFSFAFEQLLNYNVSRANCNKIIMLFTDGGEERAQEIFAKYNKDKKVRVFTFSVGQHNYDRGP
IQWMACENKGYYYEIPSIGAIRINTQEYLDVLGRPMVLAGDKAKQVQWTNVYLDALELGLVITGTLPVFNITGQFENKTN
LKNQLILGVMGVDVSLEDIKRLTPRFTLCPNGYYFAIDPNGYVLLHPNLQPKPIGVGIPTINLRKRRPNVQNPKSQEPVT
LDFLDAELENDIKVEIRNKMIDGESGEKTFRTLVKSQDERYIDKGNRTYTWTPVNGTDYSLALVLPTYSFYYIKAKIEET
ITQARYSETLKPDNFEESGYTFLAPRDYCSDLKPSDNNTEFLLNFNEFIDRKTPNNPSCNTDLINRVLLDAGFTNELVQN
YWSKQKNIKGVKARFVVTDGGITRVYPKEAGENWQENPETYEDSFYKRSLDNDNYVFTAPYFNKSGPGAYESGIMVSKAV
EIYIQGKLLKPAVVGIKIDVNSWIENFTKTSIRDPCAGPVCDCKRNSDVMDCVILDDGGFLLMANHDDYTNQIGRFFGEI
DPSLMRHLVNISVYAFNKSYDYQSVCEPGAAPKQGAGHRSAYVPSIADILQIGWWATAAAWSILQQFLLSLTFPRLLEAA
DMEDDDFTASMSKQSCITEQTQYFFDNDSKSFSGVLDCGNCSRIFHVEKLMNTNLIFIMVESKGTCPCDTRLLIQAEQTS
DGPDPCDMVKQPRYRKGPDVCFDNNVLEDYTDCGGVSGLNPSLWSIIGIQFVLLWLVSGSRHCLL
;
F
#
# COMPACT_ATOMS: atom_id res chain seq x y z
N PHE A 32 31.96 60.34 1.85
CA PHE A 32 31.28 61.39 2.60
C PHE A 32 31.34 62.72 1.85
N CYS A 33 30.56 63.69 2.32
CA CYS A 33 30.50 65.02 1.74
C CYS A 33 30.15 64.96 0.26
N LEU A 34 29.00 64.36 -0.03
CA LEU A 34 28.53 64.21 -1.41
C LEU A 34 27.01 64.31 -1.43
N THR A 35 26.48 64.77 -2.56
CA THR A 35 25.05 64.72 -2.83
C THR A 35 24.71 63.57 -3.77
N LEU A 36 25.33 63.54 -4.95
CA LEU A 36 25.32 62.41 -5.88
C LEU A 36 23.96 62.23 -6.57
N GLN A 37 22.96 62.98 -6.15
CA GLN A 37 21.67 63.02 -6.84
C GLN A 37 21.28 64.42 -7.26
N ASN A 38 21.35 65.38 -6.33
CA ASN A 38 20.92 66.76 -6.53
C ASN A 38 21.29 67.57 -5.28
N PRO A 39 21.24 68.91 -5.33
CA PRO A 39 21.67 69.70 -4.16
C PRO A 39 20.82 69.49 -2.91
N LEU A 40 21.17 70.21 -1.85
CA LEU A 40 20.60 70.01 -0.52
C LEU A 40 19.10 70.29 -0.47
N ARG A 41 18.54 70.89 -1.53
CA ARG A 41 17.12 71.16 -1.55
C ARG A 41 16.28 69.88 -1.56
N LYS A 42 16.86 68.77 -2.00
CA LYS A 42 16.15 67.50 -2.10
C LYS A 42 16.30 66.64 -0.86
N ALA A 43 17.52 66.51 -0.34
CA ALA A 43 17.79 65.69 0.84
C ALA A 43 17.34 66.40 2.12
N CYS A 44 16.04 66.69 2.16
CA CYS A 44 15.44 67.36 3.32
C CYS A 44 14.97 66.39 4.39
N ILE A 45 14.34 65.27 4.00
CA ILE A 45 13.79 64.33 4.97
C ILE A 45 14.83 63.49 5.67
N SER A 46 16.11 63.63 5.32
CA SER A 46 17.15 62.81 5.92
C SER A 46 17.57 63.37 7.28
N ILE A 47 16.59 63.57 8.17
CA ILE A 47 16.86 64.02 9.52
C ILE A 47 16.71 62.90 10.55
N VAL A 48 15.95 61.86 10.24
CA VAL A 48 15.73 60.75 11.17
C VAL A 48 16.74 59.62 10.99
N GLU A 49 17.52 59.65 9.92
CA GLU A 49 18.48 58.58 9.66
C GLU A 49 19.46 58.38 10.81
N TRP A 50 19.68 59.40 11.64
CA TRP A 50 20.50 59.27 12.83
C TRP A 50 19.68 59.15 14.10
N LYS A 51 18.35 59.28 14.00
CA LYS A 51 17.44 59.01 15.10
C LYS A 51 17.41 57.50 15.33
N PRO A 52 16.70 57.00 16.35
CA PRO A 52 16.53 55.55 16.45
C PRO A 52 15.71 55.01 15.28
N PHE A 53 16.32 55.00 14.10
CA PHE A 53 15.74 54.39 12.91
C PHE A 53 16.17 52.93 12.75
N GLU A 54 17.21 52.51 13.46
CA GLU A 54 17.65 51.13 13.48
C GLU A 54 16.91 50.31 14.54
N THR A 55 15.74 50.80 14.97
CA THR A 55 14.90 50.05 15.90
C THR A 55 13.44 50.06 15.52
N ILE A 56 13.04 50.74 14.45
CA ILE A 56 11.66 50.78 14.00
C ILE A 56 11.46 49.92 12.75
N ILE A 57 12.30 50.12 11.74
CA ILE A 57 12.24 49.24 10.57
C ILE A 57 12.68 47.84 10.94
N LEU A 58 13.56 47.70 11.93
CA LEU A 58 13.87 46.37 12.46
C LEU A 58 12.69 45.79 13.22
N LEU A 59 12.04 46.61 14.04
CA LEU A 59 10.84 46.17 14.73
C LEU A 59 9.75 45.80 13.74
N THR A 60 9.63 46.55 12.64
CA THR A 60 8.64 46.22 11.63
C THR A 60 9.01 44.95 10.88
N ILE A 61 10.30 44.71 10.65
CA ILE A 61 10.70 43.47 10.00
C ILE A 61 10.46 42.27 10.90
N PHE A 62 10.59 42.45 12.22
CA PHE A 62 10.29 41.35 13.12
C PHE A 62 8.80 41.14 13.28
N ALA A 63 8.01 42.21 13.18
CA ALA A 63 6.56 42.05 13.15
C ALA A 63 6.06 41.47 11.83
N ASN A 64 6.84 41.61 10.77
CA ASN A 64 6.47 41.09 9.46
C ASN A 64 6.95 39.66 9.27
N CYS A 65 8.03 39.26 9.92
CA CYS A 65 8.41 37.85 9.90
C CYS A 65 7.55 37.00 10.80
N VAL A 66 6.74 37.61 11.66
CA VAL A 66 5.74 36.88 12.41
C VAL A 66 4.41 36.83 11.68
N ALA A 67 4.14 37.79 10.78
CA ALA A 67 2.98 37.72 9.91
C ALA A 67 3.15 36.72 8.79
N LEU A 68 4.30 36.04 8.71
CA LEU A 68 4.52 34.97 7.76
C LEU A 68 4.48 33.59 8.41
N ALA A 69 4.66 33.51 9.73
CA ALA A 69 4.58 32.24 10.43
C ALA A 69 3.14 31.84 10.72
N VAL A 70 2.26 32.80 10.99
CA VAL A 70 0.87 32.47 11.30
C VAL A 70 0.04 32.23 10.05
N TYR A 71 0.59 32.50 8.87
CA TYR A 71 -0.07 32.13 7.63
C TYR A 71 -0.23 30.63 7.57
N LEU A 72 -1.42 30.17 7.20
CA LEU A 72 -1.70 28.75 7.16
C LEU A 72 -1.96 28.34 5.73
N PRO A 73 -1.11 27.53 5.11
CA PRO A 73 -1.31 27.14 3.71
C PRO A 73 -2.31 26.01 3.60
N MET A 74 -3.29 26.17 2.71
CA MET A 74 -4.36 25.21 2.53
C MET A 74 -4.25 24.55 1.17
N PRO A 75 -4.72 23.31 1.03
CA PRO A 75 -4.47 22.56 -0.20
C PRO A 75 -5.28 23.10 -1.38
N GLU A 76 -4.57 23.38 -2.48
CA GLU A 76 -5.13 23.76 -3.77
C GLU A 76 -6.23 24.80 -3.68
N ASP A 77 -5.85 26.03 -3.32
CA ASP A 77 -6.71 27.20 -3.44
C ASP A 77 -7.90 27.16 -2.49
N ASP A 78 -7.62 26.96 -1.20
CA ASP A 78 -8.59 27.21 -0.15
C ASP A 78 -8.02 28.27 0.78
N ASN A 79 -8.88 28.89 1.58
CA ASN A 79 -8.43 29.96 2.44
C ASN A 79 -9.42 30.17 3.58
N ASN A 80 -8.89 30.57 4.72
CA ASN A 80 -9.68 30.98 5.87
C ASN A 80 -9.58 32.50 6.03
N SER A 81 -10.15 33.03 7.10
CA SER A 81 -10.18 34.47 7.31
C SER A 81 -8.78 35.02 7.57
N LEU A 82 -8.01 34.34 8.43
CA LEU A 82 -6.71 34.87 8.85
C LEU A 82 -5.78 35.12 7.68
N ASN A 83 -5.80 34.21 6.69
CA ASN A 83 -4.97 34.43 5.51
C ASN A 83 -5.47 35.61 4.70
N LEU A 84 -6.78 35.81 4.64
CA LEU A 84 -7.31 36.96 3.91
C LEU A 84 -6.99 38.27 4.62
N GLY A 85 -6.76 38.22 5.93
CA GLY A 85 -6.32 39.40 6.66
C GLY A 85 -4.84 39.67 6.49
N LEU A 86 -4.05 38.59 6.44
CA LEU A 86 -2.63 38.75 6.18
C LEU A 86 -2.38 39.26 4.77
N GLU A 87 -3.22 38.88 3.80
CA GLU A 87 -3.08 39.43 2.45
C GLU A 87 -3.23 40.94 2.45
N LYS A 88 -4.13 41.47 3.29
CA LYS A 88 -4.24 42.91 3.45
C LYS A 88 -2.99 43.47 4.13
N LEU A 89 -2.65 42.95 5.32
CA LEU A 89 -1.51 43.45 6.08
C LEU A 89 -0.23 43.48 5.25
N GLU A 90 -0.12 42.61 4.24
CA GLU A 90 1.03 42.64 3.36
C GLU A 90 1.15 43.98 2.64
N TYR A 91 0.02 44.61 2.31
CA TYR A 91 0.07 45.93 1.68
C TYR A 91 0.67 46.96 2.62
N PHE A 92 0.21 46.97 3.88
CA PHE A 92 0.79 47.84 4.89
C PHE A 92 2.30 47.65 4.97
N PHE A 93 2.75 46.41 5.04
CA PHE A 93 4.17 46.15 5.22
C PHE A 93 4.97 46.59 4.00
N LEU A 94 4.49 46.26 2.81
CA LEU A 94 5.16 46.69 1.58
C LEU A 94 5.25 48.21 1.51
N THR A 95 4.17 48.91 1.89
CA THR A 95 4.17 50.36 1.80
C THR A 95 5.13 50.98 2.81
N VAL A 96 5.18 50.42 4.02
CA VAL A 96 6.12 50.96 5.01
C VAL A 96 7.55 50.76 4.56
N PHE A 97 7.86 49.58 4.00
CA PHE A 97 9.22 49.37 3.51
C PHE A 97 9.53 50.26 2.32
N SER A 98 8.53 50.55 1.47
CA SER A 98 8.79 51.39 0.30
C SER A 98 9.00 52.83 0.71
N ILE A 99 8.27 53.32 1.72
CA ILE A 99 8.50 54.69 2.16
C ILE A 99 9.80 54.79 2.97
N GLU A 100 10.22 53.70 3.61
CA GLU A 100 11.55 53.71 4.22
C GLU A 100 12.63 53.81 3.17
N ALA A 101 12.52 53.01 2.10
CA ALA A 101 13.47 53.12 1.01
C ALA A 101 13.39 54.47 0.31
N ALA A 102 12.22 55.12 0.39
CA ALA A 102 12.06 56.44 -0.21
C ALA A 102 12.68 57.55 0.64
N MET A 103 12.68 57.39 1.96
CA MET A 103 13.39 58.31 2.82
C MET A 103 14.85 57.93 3.00
N LYS A 104 15.29 56.81 2.43
CA LYS A 104 16.70 56.47 2.43
C LYS A 104 17.39 56.62 1.08
N ILE A 105 16.63 56.70 -0.02
CA ILE A 105 17.25 56.87 -1.33
C ILE A 105 17.89 58.25 -1.43
N ILE A 106 17.21 59.27 -0.96
CA ILE A 106 17.73 60.63 -0.98
C ILE A 106 18.38 60.88 0.37
N ALA A 107 19.66 60.53 0.47
CA ALA A 107 20.43 60.68 1.69
C ALA A 107 21.91 60.44 1.39
N GLY A 121 25.64 48.08 -0.20
CA GLY A 121 25.86 46.66 -0.37
C GLY A 121 24.65 45.82 -0.01
N TRP A 122 24.15 46.01 1.22
CA TRP A 122 22.97 45.29 1.66
C TRP A 122 21.69 46.01 1.25
N ASN A 123 21.75 47.35 1.10
CA ASN A 123 20.62 48.07 0.57
C ASN A 123 20.28 47.62 -0.84
N VAL A 124 21.26 47.06 -1.56
CA VAL A 124 20.96 46.42 -2.84
C VAL A 124 19.95 45.29 -2.64
N LEU A 125 20.22 44.41 -1.68
CA LEU A 125 19.29 43.32 -1.38
C LEU A 125 17.94 43.87 -0.91
N ASP A 126 17.96 44.94 -0.11
CA ASP A 126 16.70 45.53 0.35
C ASP A 126 15.88 46.05 -0.82
N PHE A 127 16.53 46.68 -1.79
CA PHE A 127 15.79 47.17 -2.96
C PHE A 127 15.31 46.03 -3.83
N ILE A 128 16.09 44.95 -3.93
CA ILE A 128 15.61 43.78 -4.66
C ILE A 128 14.37 43.22 -3.99
N ILE A 129 14.36 43.18 -2.66
CA ILE A 129 13.20 42.68 -1.92
C ILE A 129 11.98 43.56 -2.19
N VAL A 130 12.17 44.88 -2.12
CA VAL A 130 11.04 45.79 -2.34
C VAL A 130 10.55 45.69 -3.77
N PHE A 131 11.46 45.52 -4.73
CA PHE A 131 11.08 45.38 -6.13
C PHE A 131 10.24 44.13 -6.35
N LEU A 132 10.70 43.00 -5.82
CA LEU A 132 9.93 41.77 -5.94
C LEU A 132 8.58 41.90 -5.25
N GLY A 133 8.54 42.57 -4.11
CA GLY A 133 7.28 42.76 -3.41
C GLY A 133 6.28 43.56 -4.22
N VAL A 134 6.71 44.69 -4.78
CA VAL A 134 5.78 45.51 -5.54
C VAL A 134 5.38 44.82 -6.85
N PHE A 135 6.31 44.08 -7.46
CA PHE A 135 5.95 43.28 -8.63
C PHE A 135 4.85 42.29 -8.29
N THR A 136 5.01 41.55 -7.20
CA THR A 136 3.98 40.60 -6.77
C THR A 136 2.66 41.31 -6.51
N ALA A 137 2.71 42.43 -5.80
CA ALA A 137 1.49 43.13 -5.41
C ALA A 137 0.73 43.67 -6.61
N ILE A 138 1.43 44.07 -7.67
CA ILE A 138 0.72 44.56 -8.84
C ILE A 138 0.27 43.40 -9.74
N LEU A 139 1.07 42.32 -9.81
CA LEU A 139 0.67 41.17 -10.62
C LEU A 139 -0.59 40.52 -10.07
N GLU A 140 -0.69 40.40 -8.74
CA GLU A 140 -1.88 39.77 -8.16
C GLU A 140 -3.12 40.63 -8.30
N GLN A 141 -3.00 41.86 -8.81
CA GLN A 141 -4.15 42.70 -9.08
C GLN A 141 -4.43 42.86 -10.58
N VAL A 142 -3.41 42.66 -11.42
CA VAL A 142 -3.62 42.73 -12.87
C VAL A 142 -4.66 41.72 -13.31
N ASN A 143 -4.74 40.57 -12.64
CA ASN A 143 -5.63 39.50 -13.07
C ASN A 143 -7.10 39.81 -12.83
N VAL A 144 -7.43 40.68 -11.88
CA VAL A 144 -8.81 41.01 -11.57
C VAL A 144 -9.43 41.83 -12.71
N VAL A 161 1.22 32.84 -9.68
CA VAL A 161 1.59 33.87 -8.73
C VAL A 161 2.33 33.24 -7.55
N LYS A 162 2.25 31.92 -7.45
CA LYS A 162 2.99 31.21 -6.40
C LYS A 162 4.48 31.46 -6.51
N ALA A 163 5.00 31.48 -7.74
CA ALA A 163 6.41 31.79 -7.95
C ALA A 163 6.73 33.21 -7.53
N LEU A 164 5.72 34.07 -7.45
CA LEU A 164 5.92 35.45 -7.02
C LEU A 164 5.64 35.65 -5.54
N ARG A 165 5.02 34.68 -4.88
CA ARG A 165 4.88 34.71 -3.43
C ARG A 165 6.00 33.93 -2.73
N ALA A 166 6.72 33.07 -3.46
CA ALA A 166 7.80 32.33 -2.84
C ALA A 166 8.96 33.24 -2.44
N PHE A 167 9.18 34.32 -3.18
CA PHE A 167 10.24 35.25 -2.86
C PHE A 167 9.91 36.16 -1.67
N ARG A 168 8.69 36.05 -1.13
CA ARG A 168 8.31 36.82 0.04
C ARG A 168 9.03 36.36 1.30
N VAL A 169 9.72 35.22 1.25
CA VAL A 169 10.40 34.69 2.43
C VAL A 169 11.81 35.22 2.58
N LEU A 170 12.24 36.12 1.71
CA LEU A 170 13.54 36.77 1.87
C LEU A 170 13.50 37.94 2.85
N ARG A 171 12.32 38.33 3.32
CA ARG A 171 12.20 39.44 4.25
C ARG A 171 13.04 39.29 5.51
N PRO A 172 13.13 38.12 6.16
CA PRO A 172 13.99 38.02 7.36
C PRO A 172 15.45 38.35 7.12
N LEU A 173 15.90 38.42 5.86
CA LEU A 173 17.29 38.79 5.61
C LEU A 173 17.56 40.24 5.94
N ARG A 174 16.53 41.08 5.89
CA ARG A 174 16.66 42.45 6.38
C ARG A 174 17.00 42.48 7.86
N LEU A 175 16.64 41.44 8.61
CA LEU A 175 16.96 41.41 10.03
C LEU A 175 18.45 41.20 10.25
N VAL A 176 19.08 40.34 9.45
CA VAL A 176 20.53 40.20 9.54
C VAL A 176 21.21 41.44 9.00
N SER A 177 20.66 42.04 7.94
CA SER A 177 21.24 43.26 7.40
C SER A 177 21.09 44.44 8.34
N GLY A 178 20.18 44.36 9.31
CA GLY A 178 20.01 45.43 10.28
C GLY A 178 21.15 45.52 11.28
N VAL A 179 21.29 44.51 12.14
CA VAL A 179 22.31 44.55 13.18
C VAL A 179 23.69 44.42 12.54
N PRO A 180 24.67 45.25 12.92
CA PRO A 180 25.99 45.15 12.29
C PRO A 180 26.86 44.06 12.91
N SER A 181 26.59 43.72 14.17
CA SER A 181 27.35 42.68 14.85
C SER A 181 27.12 41.28 14.28
N LEU A 182 26.13 41.13 13.40
CA LEU A 182 25.86 39.85 12.75
C LEU A 182 26.45 39.77 11.35
N GLN A 183 26.58 40.90 10.67
CA GLN A 183 27.16 40.88 9.33
C GLN A 183 28.63 40.52 9.36
N VAL A 184 29.34 40.84 10.45
CA VAL A 184 30.73 40.43 10.57
C VAL A 184 30.82 38.92 10.67
N VAL A 185 29.87 38.29 11.39
CA VAL A 185 29.87 36.84 11.50
C VAL A 185 29.53 36.20 10.16
N LEU A 186 28.55 36.74 9.46
CA LEU A 186 28.22 36.23 8.13
C LEU A 186 29.40 36.37 7.18
N ASN A 187 30.11 37.49 7.26
CA ASN A 187 31.29 37.69 6.43
C ASN A 187 32.39 36.70 6.78
N SER A 188 32.55 36.40 8.08
CA SER A 188 33.53 35.39 8.47
C SER A 188 33.18 34.03 7.91
N ILE A 189 31.89 33.67 7.93
CA ILE A 189 31.46 32.39 7.36
C ILE A 189 31.76 32.36 5.86
N PHE A 190 31.44 33.43 5.15
CA PHE A 190 31.70 33.47 3.72
C PHE A 190 33.19 33.40 3.42
N LYS A 191 34.00 34.09 4.24
CA LYS A 191 35.45 34.06 4.03
C LYS A 191 36.03 32.69 4.32
N ALA A 192 35.47 31.97 5.28
CA ALA A 192 35.93 30.62 5.58
C ALA A 192 35.42 29.60 4.57
N MET A 193 34.38 29.93 3.80
CA MET A 193 33.94 29.06 2.73
C MET A 193 34.93 28.97 1.57
N LEU A 194 35.97 29.81 1.58
CA LEU A 194 36.91 29.85 0.46
C LEU A 194 37.92 28.70 0.46
N PRO A 195 38.66 28.43 1.56
CA PRO A 195 39.73 27.43 1.47
C PRO A 195 39.26 26.01 1.23
N LEU A 196 37.94 25.81 1.13
CA LEU A 196 37.36 24.51 0.85
C LEU A 196 37.18 24.26 -0.65
N PHE A 197 37.83 25.06 -1.50
CA PHE A 197 37.57 25.01 -2.93
C PHE A 197 38.06 23.71 -3.55
N HIS A 198 39.30 23.32 -3.23
CA HIS A 198 39.84 22.09 -3.80
C HIS A 198 39.07 20.88 -3.30
N ILE A 199 38.65 20.89 -2.04
CA ILE A 199 37.84 19.80 -1.51
C ILE A 199 36.50 19.72 -2.24
N ALA A 200 35.88 20.87 -2.50
CA ALA A 200 34.62 20.89 -3.24
C ALA A 200 34.81 20.32 -4.64
N LEU A 201 35.87 20.74 -5.32
CA LEU A 201 36.14 20.22 -6.67
C LEU A 201 36.35 18.72 -6.65
N LEU A 202 37.08 18.22 -5.65
CA LEU A 202 37.32 16.78 -5.55
C LEU A 202 36.02 16.02 -5.32
N VAL A 203 35.16 16.54 -4.44
CA VAL A 203 33.88 15.88 -4.18
C VAL A 203 33.02 15.86 -5.43
N LEU A 204 32.99 16.98 -6.16
CA LEU A 204 32.22 17.04 -7.39
C LEU A 204 32.72 16.02 -8.41
N PHE A 205 34.04 15.95 -8.59
CA PHE A 205 34.60 15.01 -9.56
C PHE A 205 34.32 13.57 -9.16
N MET A 206 34.39 13.27 -7.86
CA MET A 206 34.14 11.91 -7.41
C MET A 206 32.68 11.53 -7.60
N VAL A 207 31.75 12.43 -7.24
CA VAL A 207 30.33 12.17 -7.48
C VAL A 207 30.08 11.94 -8.96
N ILE A 208 30.75 12.71 -9.83
CA ILE A 208 30.55 12.55 -11.27
C ILE A 208 31.04 11.18 -11.73
N ILE A 209 32.24 10.78 -11.29
CA ILE A 209 32.79 9.49 -11.68
C ILE A 209 31.87 8.36 -11.24
N TYR A 210 31.38 8.42 -9.99
CA TYR A 210 30.54 7.34 -9.50
C TYR A 210 29.18 7.32 -10.18
N ALA A 211 28.64 8.50 -10.51
CA ALA A 211 27.39 8.55 -11.24
C ALA A 211 27.55 7.91 -12.61
N ILE A 212 28.66 8.19 -13.30
CA ILE A 212 28.88 7.62 -14.62
C ILE A 212 29.09 6.11 -14.52
N ILE A 213 29.83 5.65 -13.51
CA ILE A 213 30.04 4.22 -13.31
C ILE A 213 28.69 3.52 -13.11
N GLY A 214 27.90 4.00 -12.15
CA GLY A 214 26.60 3.40 -11.91
C GLY A 214 25.70 3.45 -13.12
N LEU A 215 25.77 4.56 -13.88
CA LEU A 215 24.97 4.66 -15.10
C LEU A 215 25.39 3.62 -16.13
N GLU A 216 26.66 3.25 -16.16
CA GLU A 216 27.09 2.20 -17.08
C GLU A 216 26.63 0.83 -16.60
N LEU A 217 26.85 0.52 -15.32
CA LEU A 217 26.67 -0.85 -14.86
C LEU A 217 25.21 -1.21 -14.65
N PHE A 218 24.45 -0.36 -13.95
CA PHE A 218 23.08 -0.68 -13.56
C PHE A 218 22.05 0.14 -14.33
N LYS A 219 22.25 0.32 -15.62
CA LYS A 219 21.34 1.11 -16.45
C LYS A 219 20.16 0.25 -16.88
N GLY A 220 19.08 0.31 -16.11
CA GLY A 220 17.85 -0.33 -16.51
C GLY A 220 17.63 -1.73 -15.97
N LYS A 221 18.26 -2.07 -14.85
CA LYS A 221 18.05 -3.38 -14.25
C LYS A 221 16.84 -3.39 -13.33
N MET A 222 16.74 -2.37 -12.46
CA MET A 222 15.67 -2.31 -11.47
C MET A 222 14.36 -1.88 -12.12
N HIS A 223 13.81 -2.80 -12.92
CA HIS A 223 12.54 -2.53 -13.59
C HIS A 223 11.62 -3.75 -13.58
N LYS A 224 11.85 -4.71 -12.69
CA LYS A 224 11.02 -5.91 -12.60
C LYS A 224 10.66 -6.17 -11.16
N THR A 225 9.40 -6.52 -10.93
CA THR A 225 8.95 -6.94 -9.60
C THR A 225 7.72 -7.82 -9.80
N CYS A 226 7.63 -8.84 -8.97
CA CYS A 226 6.57 -9.83 -9.17
C CYS A 226 5.23 -9.24 -8.76
N TYR A 227 4.39 -9.01 -9.75
CA TYR A 227 2.99 -8.68 -9.50
C TYR A 227 2.23 -9.97 -9.23
N TYR A 228 0.92 -9.85 -9.07
CA TYR A 228 0.08 -11.04 -9.02
C TYR A 228 -0.28 -11.46 -10.43
N ILE A 229 -0.45 -12.76 -10.62
CA ILE A 229 -0.65 -13.30 -11.97
C ILE A 229 -1.96 -12.78 -12.53
N GLY A 230 -1.88 -12.11 -13.67
CA GLY A 230 -3.04 -11.45 -14.23
C GLY A 230 -3.51 -10.27 -13.41
N THR A 231 -2.58 -9.42 -12.98
CA THR A 231 -2.89 -8.33 -12.08
C THR A 231 -1.72 -7.36 -12.10
N ASP A 232 -1.99 -6.09 -11.77
CA ASP A 232 -0.97 -5.06 -11.71
C ASP A 232 -0.80 -4.55 -10.29
N ILE A 233 -0.79 -5.47 -9.33
CA ILE A 233 -0.62 -5.16 -7.92
C ILE A 233 0.68 -5.79 -7.45
N VAL A 234 1.65 -4.96 -7.09
CA VAL A 234 2.93 -5.47 -6.62
C VAL A 234 2.73 -6.28 -5.36
N ALA A 235 3.38 -7.44 -5.29
CA ALA A 235 3.16 -8.40 -4.21
C ALA A 235 4.30 -8.27 -3.20
N THR A 236 3.97 -7.80 -2.00
CA THR A 236 4.93 -7.69 -0.92
C THR A 236 4.32 -8.21 0.36
N VAL A 237 5.19 -8.70 1.26
CA VAL A 237 4.78 -9.07 2.61
C VAL A 237 4.58 -7.80 3.41
N GLU A 238 4.02 -7.93 4.61
CA GLU A 238 3.50 -6.80 5.38
C GLU A 238 4.46 -5.62 5.40
N ASN A 239 5.66 -5.80 5.94
CA ASN A 239 6.57 -4.70 6.18
C ASN A 239 7.63 -4.53 5.10
N GLU A 240 7.54 -5.27 4.00
CA GLU A 240 8.54 -5.17 2.95
C GLU A 240 8.30 -3.92 2.10
N LYS A 241 9.36 -3.45 1.50
CA LYS A 241 9.25 -2.42 0.49
C LYS A 241 9.37 -3.04 -0.89
N PRO A 242 8.82 -2.40 -1.93
CA PRO A 242 8.84 -3.02 -3.26
C PRO A 242 10.23 -3.09 -3.87
N SER A 243 11.01 -4.08 -3.47
CA SER A 243 12.33 -4.29 -4.04
C SER A 243 12.23 -4.99 -5.38
N PRO A 244 13.23 -4.81 -6.24
CA PRO A 244 13.17 -5.44 -7.58
C PRO A 244 13.21 -6.95 -7.54
N CYS A 245 13.14 -7.57 -8.71
CA CYS A 245 13.10 -9.01 -8.85
C CYS A 245 13.76 -9.39 -10.16
N ALA A 246 14.01 -10.69 -10.33
CA ALA A 246 14.63 -11.19 -11.53
C ALA A 246 14.29 -12.67 -11.69
N ARG A 247 13.94 -13.06 -12.92
CA ARG A 247 13.55 -14.42 -13.23
C ARG A 247 14.51 -15.01 -14.26
N THR A 248 15.02 -16.21 -13.96
CA THR A 248 15.99 -16.90 -14.81
C THR A 248 17.24 -16.05 -15.02
N GLY A 249 17.91 -15.75 -13.91
CA GLY A 249 19.18 -15.05 -13.95
C GLY A 249 19.95 -15.27 -12.68
N SER A 250 20.62 -14.23 -12.19
CA SER A 250 21.21 -14.28 -10.86
C SER A 250 20.30 -13.70 -9.80
N GLY A 251 19.56 -12.64 -10.13
CA GLY A 251 18.74 -11.90 -9.20
C GLY A 251 17.77 -12.73 -8.38
N ARG A 252 17.29 -12.17 -7.27
CA ARG A 252 16.46 -12.94 -6.35
C ARG A 252 15.14 -13.32 -7.01
N PRO A 253 14.75 -14.58 -6.95
CA PRO A 253 13.38 -14.93 -7.36
C PRO A 253 12.44 -14.84 -6.17
N CYS A 254 11.25 -14.29 -6.35
CA CYS A 254 10.40 -14.11 -5.20
C CYS A 254 9.51 -15.33 -5.01
N THR A 255 8.88 -15.40 -3.83
CA THR A 255 8.14 -16.59 -3.43
C THR A 255 6.74 -16.28 -2.90
N ILE A 256 6.21 -15.09 -3.19
CA ILE A 256 4.79 -14.85 -2.98
C ILE A 256 4.03 -15.82 -3.86
N ASN A 257 3.04 -16.52 -3.28
CA ASN A 257 2.53 -17.73 -3.90
C ASN A 257 1.87 -17.45 -5.25
N GLY A 258 1.12 -16.36 -5.36
CA GLY A 258 0.44 -16.06 -6.61
C GLY A 258 1.11 -14.96 -7.40
N SER A 259 2.44 -14.94 -7.40
CA SER A 259 3.20 -13.84 -7.95
C SER A 259 4.05 -14.29 -9.13
N GLU A 260 4.24 -13.38 -10.08
CA GLU A 260 5.08 -13.60 -11.25
C GLU A 260 5.91 -12.35 -11.51
N CYS A 261 7.16 -12.56 -11.92
CA CYS A 261 8.10 -11.47 -12.17
C CYS A 261 7.99 -11.05 -13.62
N ARG A 262 7.47 -9.84 -13.86
CA ARG A 262 7.32 -9.33 -15.21
C ARG A 262 7.70 -7.86 -15.24
N GLY A 263 8.30 -7.45 -16.35
CA GLY A 263 8.84 -6.11 -16.46
C GLY A 263 7.77 -5.04 -16.55
N GLY A 264 8.22 -3.85 -16.93
CA GLY A 264 7.32 -2.71 -17.02
C GLY A 264 7.01 -2.05 -15.69
N TRP A 265 8.04 -1.81 -14.87
CA TRP A 265 7.88 -1.30 -13.53
C TRP A 265 8.69 -0.02 -13.38
N PRO A 266 8.12 1.05 -12.84
CA PRO A 266 8.82 2.33 -12.80
C PRO A 266 10.14 2.30 -12.04
N GLY A 267 10.10 1.88 -10.78
CA GLY A 267 11.30 1.86 -9.96
C GLY A 267 11.00 1.62 -8.50
N PRO A 268 12.04 1.47 -7.68
CA PRO A 268 11.84 1.14 -6.28
C PRO A 268 11.11 2.20 -5.47
N ASN A 269 11.61 3.44 -5.49
CA ASN A 269 11.03 4.52 -4.70
C ASN A 269 10.04 5.33 -5.55
N HIS A 270 9.07 4.62 -6.12
CA HIS A 270 8.13 5.18 -7.08
C HIS A 270 8.85 5.72 -8.32
N GLY A 271 10.04 5.23 -8.59
CA GLY A 271 10.80 5.67 -9.75
C GLY A 271 11.78 6.79 -9.49
N ILE A 272 12.10 7.07 -8.24
CA ILE A 272 13.02 8.15 -7.93
C ILE A 272 14.45 7.66 -7.79
N THR A 273 14.67 6.47 -7.23
CA THR A 273 16.00 5.91 -7.07
C THR A 273 16.19 4.79 -8.08
N HIS A 274 16.99 5.08 -9.10
CA HIS A 274 17.40 4.10 -10.10
C HIS A 274 18.55 4.73 -10.88
N PHE A 275 19.16 3.93 -11.76
CA PHE A 275 20.34 4.37 -12.49
C PHE A 275 20.06 4.51 -13.98
N ASP A 276 18.84 4.90 -14.35
CA ASP A 276 18.46 4.91 -15.75
C ASP A 276 19.27 5.93 -16.54
N ASN A 277 19.16 7.20 -16.18
CA ASN A 277 19.88 8.25 -16.88
C ASN A 277 20.85 8.94 -15.93
N PHE A 278 21.49 10.00 -16.42
CA PHE A 278 22.55 10.65 -15.64
C PHE A 278 21.98 11.39 -14.44
N GLY A 279 20.79 11.96 -14.57
CA GLY A 279 20.20 12.73 -13.50
C GLY A 279 19.87 11.92 -12.26
N PHE A 280 19.07 10.87 -12.44
CA PHE A 280 18.70 10.04 -11.30
C PHE A 280 19.90 9.28 -10.76
N SER A 281 20.87 8.96 -11.62
CA SER A 281 22.08 8.30 -11.13
C SER A 281 22.89 9.23 -10.24
N MET A 282 23.07 10.48 -10.67
CA MET A 282 23.74 11.45 -9.83
C MET A 282 22.99 11.70 -8.54
N LEU A 283 21.65 11.68 -8.58
CA LEU A 283 20.87 11.85 -7.37
C LEU A 283 21.10 10.70 -6.40
N THR A 284 21.04 9.46 -6.90
CA THR A 284 21.27 8.31 -6.05
C THR A 284 22.68 8.30 -5.49
N VAL A 285 23.67 8.72 -6.28
CA VAL A 285 25.04 8.77 -5.78
C VAL A 285 25.17 9.80 -4.67
N TYR A 286 24.59 10.98 -4.88
CA TYR A 286 24.63 12.00 -3.83
C TYR A 286 23.94 11.52 -2.56
N GLN A 287 22.83 10.78 -2.71
CA GLN A 287 22.13 10.32 -1.53
C GLN A 287 22.94 9.27 -0.79
N CYS A 288 23.59 8.37 -1.52
CA CYS A 288 24.45 7.37 -0.86
C CYS A 288 25.66 8.02 -0.22
N ILE A 289 26.13 9.15 -0.75
CA ILE A 289 27.29 9.82 -0.18
C ILE A 289 26.98 10.35 1.21
N THR A 290 25.74 10.78 1.46
CA THR A 290 25.34 11.27 2.77
C THR A 290 25.01 10.15 3.75
N MET A 291 25.25 8.90 3.36
CA MET A 291 25.12 7.74 4.25
C MET A 291 23.70 7.56 4.76
N GLU A 292 22.72 8.03 4.01
CA GLU A 292 21.32 7.86 4.35
C GLU A 292 20.67 6.97 3.30
N GLY A 293 20.29 5.76 3.71
CA GLY A 293 19.64 4.84 2.80
C GLY A 293 20.53 4.33 1.70
N TRP A 294 21.83 4.22 1.94
CA TRP A 294 22.71 3.61 0.94
C TRP A 294 22.58 2.10 0.95
N THR A 295 22.28 1.51 2.11
CA THR A 295 22.02 0.09 2.14
C THR A 295 20.77 -0.28 1.36
N ASP A 296 19.82 0.65 1.25
CA ASP A 296 18.62 0.39 0.46
C ASP A 296 18.96 0.19 -1.00
N VAL A 297 19.76 1.08 -1.58
CA VAL A 297 20.18 0.94 -2.97
C VAL A 297 21.07 -0.29 -3.13
N LEU A 298 21.99 -0.49 -2.17
CA LEU A 298 22.82 -1.69 -2.20
C LEU A 298 21.97 -2.94 -2.28
N TYR A 299 20.87 -2.99 -1.51
CA TYR A 299 20.01 -4.16 -1.53
C TYR A 299 19.19 -4.24 -2.81
N TRP A 300 18.73 -3.09 -3.30
CA TRP A 300 17.91 -3.06 -4.51
C TRP A 300 18.73 -3.42 -5.73
N VAL A 301 20.04 -3.48 -5.57
CA VAL A 301 20.95 -3.82 -6.67
C VAL A 301 21.70 -5.10 -6.36
N ASN A 302 21.61 -5.53 -5.11
CA ASN A 302 22.25 -6.74 -4.61
C ASN A 302 21.21 -7.84 -4.49
N ASP A 303 20.11 -7.69 -5.22
CA ASP A 303 19.02 -8.64 -5.24
C ASP A 303 18.12 -8.39 -6.44
N ALA A 304 18.74 -7.98 -7.55
CA ALA A 304 18.02 -7.70 -8.79
C ALA A 304 18.97 -7.73 -9.98
N ILE A 305 20.19 -8.18 -9.74
CA ILE A 305 21.20 -8.25 -10.79
C ILE A 305 22.35 -9.16 -10.39
N GLY A 306 22.28 -9.69 -9.18
CA GLY A 306 23.30 -10.56 -8.65
C GLY A 306 23.34 -10.41 -7.15
N ASN A 307 24.49 -10.69 -6.55
CA ASN A 307 24.65 -10.59 -5.10
C ASN A 307 26.09 -10.53 -4.65
N GLU A 308 27.02 -10.79 -5.56
CA GLU A 308 28.43 -10.80 -5.21
C GLU A 308 29.33 -9.96 -6.11
N TRP A 309 28.81 -8.87 -6.66
CA TRP A 309 29.61 -8.02 -7.53
C TRP A 309 29.24 -6.55 -7.37
N PRO A 310 28.01 -6.30 -6.89
CA PRO A 310 27.50 -4.93 -6.69
C PRO A 310 27.78 -4.42 -5.29
N TRP A 311 28.58 -5.14 -4.52
CA TRP A 311 28.90 -4.72 -3.17
C TRP A 311 30.13 -3.83 -3.18
N ILE A 312 30.84 -3.82 -4.30
CA ILE A 312 32.04 -3.02 -4.43
C ILE A 312 31.75 -1.56 -4.75
N TYR A 313 30.81 -1.32 -5.66
CA TYR A 313 30.50 0.05 -6.03
C TYR A 313 30.02 0.89 -4.84
N PHE A 314 29.30 0.25 -3.92
CA PHE A 314 28.76 0.96 -2.78
C PHE A 314 29.71 1.09 -1.60
N VAL A 315 30.35 0.00 -1.21
CA VAL A 315 31.29 0.05 -0.10
C VAL A 315 32.40 1.05 -0.39
N THR A 316 32.95 1.00 -1.60
CA THR A 316 34.01 1.93 -1.99
C THR A 316 33.47 3.35 -1.93
N LEU A 317 32.29 3.57 -2.49
CA LEU A 317 31.68 4.90 -2.48
C LEU A 317 31.57 5.44 -1.06
N ILE A 318 31.25 4.58 -0.10
CA ILE A 318 31.20 5.02 1.29
C ILE A 318 32.60 5.39 1.78
N LEU A 319 33.57 4.51 1.57
CA LEU A 319 34.93 4.78 2.02
C LEU A 319 35.52 6.02 1.36
N LEU A 320 35.02 6.39 0.20
CA LEU A 320 35.42 7.63 -0.45
C LEU A 320 34.49 8.79 -0.11
N GLY A 321 33.43 8.53 0.66
CA GLY A 321 32.59 9.59 1.18
C GLY A 321 32.72 9.73 2.68
N SER A 322 33.01 8.63 3.36
CA SER A 322 33.22 8.66 4.80
C SER A 322 34.63 9.11 5.14
N PHE A 323 35.64 8.37 4.69
CA PHE A 323 37.02 8.71 5.01
C PHE A 323 37.39 10.09 4.47
N PHE A 324 37.39 10.22 3.14
CA PHE A 324 38.09 11.34 2.54
C PHE A 324 37.35 12.65 2.73
N ILE A 325 36.03 12.65 2.55
CA ILE A 325 35.29 13.91 2.63
C ILE A 325 35.38 14.49 4.03
N LEU A 326 35.04 13.68 5.04
CA LEU A 326 35.10 14.16 6.41
C LEU A 326 36.51 14.53 6.81
N ASN A 327 37.50 13.68 6.47
CA ASN A 327 38.87 13.98 6.86
C ASN A 327 39.35 15.28 6.24
N LEU A 328 39.21 15.43 4.93
CA LEU A 328 39.67 16.63 4.25
C LEU A 328 38.97 17.87 4.80
N VAL A 329 37.65 17.81 4.95
CA VAL A 329 36.89 19.00 5.35
C VAL A 329 37.24 19.40 6.77
N LEU A 330 37.25 18.44 7.69
CA LEU A 330 37.59 18.76 9.08
C LEU A 330 39.03 19.24 9.19
N GLY A 331 39.94 18.65 8.41
CA GLY A 331 41.33 19.10 8.44
C GLY A 331 41.46 20.54 8.01
N VAL A 332 40.88 20.90 6.87
CA VAL A 332 41.06 22.27 6.38
C VAL A 332 40.32 23.25 7.27
N LEU A 333 39.18 22.85 7.83
CA LEU A 333 38.47 23.75 8.74
C LEU A 333 39.27 24.00 10.01
N SER A 334 39.82 22.93 10.61
CA SER A 334 40.65 23.11 11.80
C SER A 334 41.90 23.92 11.49
N GLY A 335 42.46 23.76 10.30
CA GLY A 335 43.62 24.56 9.93
C GLY A 335 43.29 26.03 9.82
N GLU A 336 42.18 26.35 9.14
CA GLU A 336 41.77 27.74 9.02
C GLU A 336 41.44 28.33 10.38
N PHE A 337 40.82 27.53 11.26
CA PHE A 337 40.52 28.02 12.60
C PHE A 337 41.78 28.24 13.42
N THR A 338 42.80 27.40 13.22
CA THR A 338 44.08 27.63 13.87
C THR A 338 44.71 28.93 13.39
N LYS A 339 44.69 29.19 12.08
CA LYS A 339 45.22 30.44 11.57
C LYS A 339 44.42 31.63 12.10
N GLU A 340 43.11 31.45 12.30
CA GLU A 340 42.29 32.49 12.90
C GLU A 340 42.71 32.75 14.34
N ARG A 341 42.93 31.69 15.10
CA ARG A 341 43.42 31.82 16.48
C ARG A 341 44.73 32.59 16.50
N GLU A 342 45.66 32.26 15.60
CA GLU A 342 46.95 32.93 15.61
C GLU A 342 46.83 34.40 15.20
N LYS A 343 46.01 34.71 14.20
CA LYS A 343 45.87 36.11 13.78
C LYS A 343 45.07 36.91 14.79
N ALA A 344 44.31 36.25 15.67
CA ALA A 344 43.60 36.97 16.71
C ALA A 344 44.42 37.11 17.98
N LYS A 345 45.37 36.21 18.21
CA LYS A 345 46.18 36.24 19.43
C LYS A 345 47.46 37.04 19.26
N SER A 346 48.17 36.83 18.15
CA SER A 346 49.48 37.45 17.95
C SER A 346 49.43 38.97 17.86
N ARG A 347 48.23 39.56 17.87
CA ARG A 347 48.11 41.01 17.79
C ARG A 347 48.02 41.63 19.18
N VAL A 433 34.73 14.99 55.61
CA VAL A 433 34.05 15.84 56.58
C VAL A 433 32.68 16.27 56.06
N PHE A 434 32.47 17.59 55.96
CA PHE A 434 31.21 18.12 55.47
C PHE A 434 30.89 17.61 54.07
N TYR A 435 31.93 17.31 53.28
CA TYR A 435 31.71 16.85 51.91
C TYR A 435 30.95 15.52 51.90
N TRP A 436 31.40 14.55 52.70
CA TRP A 436 30.66 13.30 52.81
C TRP A 436 29.31 13.53 53.47
N LEU A 437 29.27 14.45 54.45
CA LEU A 437 28.02 14.79 55.12
C LEU A 437 26.94 15.21 54.14
N VAL A 438 27.31 15.89 53.06
CA VAL A 438 26.32 16.36 52.09
C VAL A 438 26.18 15.37 50.94
N ILE A 439 27.25 14.63 50.65
CA ILE A 439 27.19 13.66 49.55
C ILE A 439 26.27 12.51 49.90
N LEU A 440 26.20 12.14 51.19
CA LEU A 440 25.26 11.09 51.59
C LEU A 440 23.85 11.46 51.19
N ILE A 441 23.38 12.64 51.61
CA ILE A 441 22.00 13.02 51.34
C ILE A 441 21.78 13.30 49.86
N VAL A 442 22.78 13.85 49.17
CA VAL A 442 22.60 14.11 47.74
C VAL A 442 22.47 12.80 46.98
N ALA A 443 23.29 11.80 47.31
CA ALA A 443 23.19 10.50 46.67
C ALA A 443 21.88 9.82 47.01
N LEU A 444 21.40 9.98 48.24
CA LEU A 444 20.11 9.38 48.60
C LEU A 444 18.99 10.03 47.82
N ASN A 445 19.06 11.34 47.60
CA ASN A 445 18.04 12.02 46.80
C ASN A 445 18.10 11.58 45.34
N THR A 446 19.31 11.45 44.79
CA THR A 446 19.44 10.95 43.43
C THR A 446 18.87 9.54 43.29
N LEU A 447 19.07 8.71 44.33
CA LEU A 447 18.50 7.36 44.31
C LEU A 447 16.97 7.41 44.36
N SER A 448 16.41 8.28 45.20
CA SER A 448 14.95 8.41 45.24
C SER A 448 14.41 8.91 43.91
N ILE A 449 15.19 9.73 43.20
CA ILE A 449 14.80 10.17 41.86
C ILE A 449 14.80 8.99 40.90
N ALA A 450 15.94 8.31 40.78
CA ALA A 450 16.11 7.23 39.82
C ALA A 450 15.50 5.91 40.29
N SER A 451 14.69 5.93 41.33
CA SER A 451 13.96 4.75 41.75
C SER A 451 12.58 4.65 41.11
N GLU A 452 12.08 5.72 40.52
CA GLU A 452 10.72 5.75 40.01
C GLU A 452 10.62 4.98 38.70
N HIS A 453 9.44 4.40 38.47
CA HIS A 453 9.14 3.68 37.22
C HIS A 453 7.64 3.43 37.19
N HIS A 454 7.16 2.99 36.03
CA HIS A 454 5.74 2.73 35.85
C HIS A 454 5.35 1.45 36.55
N ASN A 455 4.15 1.45 37.15
CA ASN A 455 3.59 0.30 37.86
C ASN A 455 4.33 -0.02 39.15
N GLN A 456 4.97 0.99 39.75
CA GLN A 456 5.65 0.77 41.01
C GLN A 456 4.65 0.43 42.11
N PRO A 457 5.02 -0.45 43.04
CA PRO A 457 4.12 -0.75 44.15
C PRO A 457 3.82 0.49 44.98
N LEU A 458 2.72 0.43 45.72
CA LEU A 458 2.29 1.57 46.52
C LEU A 458 3.34 1.97 47.54
N TRP A 459 4.03 0.98 48.12
CA TRP A 459 5.02 1.30 49.14
C TRP A 459 6.21 2.05 48.56
N LEU A 460 6.50 1.89 47.27
CA LEU A 460 7.56 2.69 46.67
C LEU A 460 7.18 4.17 46.61
N THR A 461 5.92 4.47 46.30
CA THR A 461 5.48 5.86 46.35
C THR A 461 5.46 6.37 47.78
N HIS A 462 4.98 5.55 48.71
CA HIS A 462 4.99 5.93 50.12
C HIS A 462 6.41 6.17 50.63
N LEU A 463 7.40 5.53 50.01
CA LEU A 463 8.78 5.80 50.39
C LEU A 463 9.30 7.06 49.71
N GLN A 464 8.99 7.25 48.43
CA GLN A 464 9.55 8.38 47.69
C GLN A 464 9.02 9.71 48.21
N ASP A 465 7.72 9.79 48.53
CA ASP A 465 7.18 11.07 48.97
C ASP A 465 7.70 11.45 50.35
N ILE A 466 7.76 10.49 51.27
CA ILE A 466 8.30 10.81 52.60
C ILE A 466 9.80 11.06 52.53
N ALA A 467 10.50 10.41 51.60
CA ALA A 467 11.93 10.71 51.44
C ALA A 467 12.12 12.13 50.91
N ASN A 468 11.29 12.53 49.96
CA ASN A 468 11.32 13.91 49.49
C ASN A 468 11.05 14.88 50.64
N ARG A 469 10.07 14.56 51.50
CA ARG A 469 9.73 15.46 52.60
C ARG A 469 10.89 15.58 53.59
N VAL A 470 11.42 14.44 54.04
CA VAL A 470 12.50 14.49 55.02
C VAL A 470 13.76 15.10 54.44
N LEU A 471 14.01 14.90 53.14
CA LEU A 471 15.20 15.47 52.54
C LEU A 471 15.05 16.96 52.29
N LEU A 472 13.83 17.42 51.99
CA LEU A 472 13.60 18.86 51.92
C LEU A 472 13.76 19.50 53.30
N SER A 473 13.30 18.83 54.34
CA SER A 473 13.46 19.38 55.69
C SER A 473 14.92 19.40 56.12
N LEU A 474 15.68 18.36 55.76
CA LEU A 474 17.11 18.36 56.11
C LEU A 474 17.89 19.35 55.26
N PHE A 475 17.50 19.55 54.00
CA PHE A 475 18.07 20.63 53.21
C PHE A 475 17.81 21.97 53.86
N THR A 476 16.59 22.17 54.38
CA THR A 476 16.29 23.39 55.13
C THR A 476 17.19 23.52 56.35
N ILE A 477 17.38 22.42 57.07
CA ILE A 477 18.22 22.44 58.28
C ILE A 477 19.64 22.86 57.93
N GLU A 478 20.19 22.30 56.85
CA GLU A 478 21.58 22.61 56.50
C GLU A 478 21.71 24.03 55.94
N MET A 479 20.73 24.46 55.14
CA MET A 479 20.71 25.83 54.67
C MET A 479 20.70 26.82 55.83
N LEU A 480 19.83 26.57 56.81
CA LEU A 480 19.73 27.50 57.95
C LEU A 480 20.97 27.44 58.82
N LEU A 481 21.57 26.25 58.96
CA LEU A 481 22.82 26.14 59.70
C LEU A 481 23.91 26.98 59.06
N LYS A 482 24.13 26.80 57.75
CA LYS A 482 25.17 27.58 57.08
C LYS A 482 24.81 29.05 56.98
N MET A 483 23.52 29.39 57.05
CA MET A 483 23.13 30.80 57.05
C MET A 483 23.47 31.46 58.39
N TYR A 484 23.13 30.79 59.50
CA TYR A 484 23.49 31.30 60.81
C TYR A 484 25.00 31.24 61.04
N GLY A 485 25.72 30.39 60.31
CA GLY A 485 27.15 30.28 60.51
C GLY A 485 28.00 31.02 59.49
N LEU A 486 27.38 31.62 58.47
CA LEU A 486 28.12 32.31 57.43
C LEU A 486 27.67 33.76 57.22
N GLY A 487 26.71 34.24 57.99
CA GLY A 487 26.29 35.61 57.77
C GLY A 487 25.27 35.74 56.66
N LEU A 488 24.33 36.67 56.86
CA LEU A 488 23.24 36.84 55.91
C LEU A 488 23.76 37.24 54.52
N ARG A 489 24.75 38.12 54.47
CA ARG A 489 25.31 38.57 53.21
C ARG A 489 26.45 37.67 52.75
N GLN A 490 26.18 36.35 52.72
CA GLN A 490 27.11 35.40 52.14
C GLN A 490 26.40 34.28 51.39
N TYR A 491 25.09 34.40 51.17
CA TYR A 491 24.34 33.41 50.43
C TYR A 491 23.65 33.98 49.19
N PHE A 492 23.85 35.26 48.89
CA PHE A 492 23.21 35.89 47.75
C PHE A 492 24.21 36.43 46.75
N MET A 493 25.50 36.09 46.89
CA MET A 493 26.50 36.51 45.92
C MET A 493 27.35 35.31 45.50
N SER A 494 27.45 34.32 46.38
CA SER A 494 28.19 33.09 46.05
C SER A 494 27.38 32.30 45.03
N ILE A 495 27.79 32.37 43.77
CA ILE A 495 27.08 31.68 42.70
C ILE A 495 27.07 30.18 42.96
N PHE A 496 28.16 29.64 43.50
CA PHE A 496 28.28 28.21 43.71
C PHE A 496 27.18 27.68 44.63
N ASN A 497 26.76 28.46 45.62
CA ASN A 497 25.68 28.12 46.53
C ASN A 497 24.62 29.20 46.53
N ARG A 498 24.27 29.72 45.35
CA ARG A 498 23.26 30.76 45.26
C ARG A 498 21.85 30.21 45.17
N PHE A 499 21.66 29.04 44.55
CA PHE A 499 20.34 28.52 44.25
C PHE A 499 19.96 27.35 45.15
N ASP A 500 20.52 27.28 46.35
CA ASP A 500 20.01 26.33 47.34
C ASP A 500 18.74 26.87 48.00
N CYS A 501 18.72 28.17 48.30
CA CYS A 501 17.47 28.82 48.66
C CYS A 501 16.40 28.59 47.60
N PHE A 502 16.80 28.68 46.33
CA PHE A 502 15.92 28.32 45.23
C PHE A 502 15.40 26.90 45.40
N VAL A 503 16.28 25.96 45.73
CA VAL A 503 15.88 24.56 45.85
C VAL A 503 14.83 24.40 46.96
N VAL A 504 15.10 24.96 48.14
CA VAL A 504 14.19 24.74 49.26
C VAL A 504 12.87 25.46 49.02
N CYS A 505 12.91 26.69 48.50
CA CYS A 505 11.66 27.42 48.24
C CYS A 505 10.84 26.73 47.17
N SER A 506 11.50 26.18 46.14
CA SER A 506 10.76 25.46 45.10
C SER A 506 10.15 24.18 45.65
N GLY A 507 10.89 23.44 46.48
CA GLY A 507 10.32 22.27 47.11
C GLY A 507 9.09 22.61 47.96
N ILE A 508 9.17 23.71 48.72
CA ILE A 508 8.03 24.12 49.53
C ILE A 508 6.85 24.51 48.66
N LEU A 509 7.10 25.28 47.60
CA LEU A 509 6.03 25.69 46.70
C LEU A 509 5.36 24.47 46.08
N GLU A 510 6.14 23.50 45.63
CA GLU A 510 5.56 22.30 45.01
C GLU A 510 4.78 21.48 46.02
N LEU A 511 5.32 21.34 47.24
CA LEU A 511 4.60 20.66 48.31
C LEU A 511 3.23 21.29 48.52
N LEU A 512 3.19 22.62 48.65
CA LEU A 512 1.93 23.29 48.99
C LEU A 512 0.99 23.35 47.80
N LEU A 513 1.51 23.30 46.57
CA LEU A 513 0.63 23.26 45.41
C LEU A 513 0.06 21.88 45.18
N VAL A 514 0.84 20.82 45.44
CA VAL A 514 0.34 19.47 45.25
C VAL A 514 -0.60 19.05 46.38
N GLU A 515 -0.33 19.51 47.61
CA GLU A 515 -1.17 19.14 48.74
C GLU A 515 -2.60 19.64 48.58
N SER A 516 -2.82 20.68 47.79
CA SER A 516 -4.15 21.19 47.49
C SER A 516 -4.71 20.42 46.29
N GLY A 517 -5.81 20.91 45.73
CA GLY A 517 -6.34 20.29 44.54
C GLY A 517 -5.55 20.70 43.31
N ALA A 518 -4.73 19.79 42.81
CA ALA A 518 -3.82 20.04 41.69
C ALA A 518 -4.15 19.08 40.57
N MET A 519 -4.97 19.53 39.63
CA MET A 519 -5.39 18.72 38.48
C MET A 519 -4.27 18.72 37.44
N THR A 520 -4.60 18.24 36.23
CA THR A 520 -3.65 18.15 35.11
C THR A 520 -2.41 17.37 35.52
N PRO A 521 -2.50 16.04 35.60
CA PRO A 521 -1.33 15.23 36.00
C PRO A 521 -0.02 15.61 35.32
N LEU A 522 -0.09 16.17 34.11
CA LEU A 522 1.11 16.77 33.53
C LEU A 522 1.67 17.88 34.40
N GLY A 523 0.79 18.55 35.16
CA GLY A 523 1.26 19.55 36.11
C GLY A 523 2.09 18.93 37.23
N ILE A 524 1.60 17.84 37.81
CA ILE A 524 2.40 17.09 38.78
C ILE A 524 3.70 16.64 38.15
N SER A 525 3.64 16.21 36.89
CA SER A 525 4.84 15.75 36.20
C SER A 525 5.90 16.86 36.10
N VAL A 526 5.48 18.06 35.69
CA VAL A 526 6.47 19.13 35.56
C VAL A 526 6.90 19.66 36.92
N LEU A 527 6.02 19.61 37.93
CA LEU A 527 6.41 20.01 39.27
C LEU A 527 7.45 19.06 39.85
N ARG A 528 7.40 17.79 39.48
CA ARG A 528 8.47 16.89 39.87
C ARG A 528 9.65 16.94 38.91
N CYS A 529 9.46 17.49 37.71
CA CYS A 529 10.59 17.72 36.82
C CYS A 529 11.49 18.84 37.32
N ILE A 530 10.90 19.94 37.78
CA ILE A 530 11.71 21.02 38.34
C ILE A 530 12.38 20.59 39.63
N ARG A 531 11.83 19.56 40.31
CA ARG A 531 12.43 19.08 41.54
C ARG A 531 13.83 18.51 41.30
N LEU A 532 14.09 18.00 40.11
CA LEU A 532 15.35 17.31 39.83
C LEU A 532 16.56 18.23 39.83
N LEU A 533 16.38 19.53 40.09
CA LEU A 533 17.50 20.46 40.10
C LEU A 533 18.42 20.26 41.28
N ARG A 534 17.91 19.72 42.40
CA ARG A 534 18.66 19.68 43.65
C ARG A 534 19.94 18.87 43.56
N LEU A 535 20.09 18.01 42.56
CA LEU A 535 21.27 17.16 42.44
C LEU A 535 22.50 17.89 41.90
N PHE A 536 22.45 19.22 41.77
CA PHE A 536 23.56 19.97 41.22
C PHE A 536 24.57 20.42 42.26
N LYS A 537 24.32 20.17 43.55
CA LYS A 537 25.31 20.50 44.56
C LYS A 537 26.54 19.62 44.44
N ILE A 538 26.37 18.36 44.01
CA ILE A 538 27.51 17.49 43.80
C ILE A 538 28.35 17.94 42.61
N THR A 539 27.74 18.65 41.67
CA THR A 539 28.51 19.22 40.57
C THR A 539 29.16 20.54 40.96
N LYS A 540 28.50 21.32 41.82
CA LYS A 540 29.04 22.61 42.20
C LYS A 540 30.21 22.48 43.16
N TYR A 541 30.06 21.66 44.22
CA TYR A 541 31.18 21.45 45.12
C TYR A 541 32.38 20.87 44.40
N TRP A 542 32.15 20.08 43.35
CA TRP A 542 33.22 19.56 42.50
C TRP A 542 33.86 20.72 41.75
N THR A 543 35.09 21.07 42.13
CA THR A 543 35.73 22.27 41.59
C THR A 543 35.97 22.15 40.09
N SER A 544 36.52 21.02 39.65
CA SER A 544 36.82 20.84 38.24
C SER A 544 35.55 20.96 37.39
N LEU A 545 34.44 20.45 37.91
CA LEU A 545 33.17 20.58 37.19
C LEU A 545 32.76 22.04 37.05
N SER A 546 33.02 22.85 38.09
CA SER A 546 32.71 24.28 38.00
C SER A 546 33.60 24.97 36.97
N ASN A 547 34.88 24.60 36.92
CA ASN A 547 35.77 25.12 35.88
C ASN A 547 35.25 24.75 34.50
N LEU A 548 34.75 23.54 34.34
CA LEU A 548 34.19 23.14 33.06
C LEU A 548 32.94 23.94 32.71
N VAL A 549 32.08 24.19 33.70
CA VAL A 549 30.92 25.05 33.47
C VAL A 549 31.37 26.44 32.99
N ALA A 550 32.39 26.99 33.63
CA ALA A 550 32.90 28.30 33.22
C ALA A 550 33.39 28.26 31.77
N SER A 551 34.14 27.22 31.41
CA SER A 551 34.63 27.09 30.04
C SER A 551 33.49 27.02 29.04
N LEU A 552 32.51 26.15 29.30
CA LEU A 552 31.39 26.00 28.37
C LEU A 552 30.58 27.28 28.25
N LEU A 553 30.37 27.97 29.36
CA LEU A 553 29.59 29.21 29.30
C LEU A 553 30.36 30.30 28.54
N ASN A 554 31.68 30.34 28.69
CA ASN A 554 32.48 31.26 27.88
C ASN A 554 32.33 30.94 26.40
N SER A 555 32.43 29.66 26.05
CA SER A 555 32.29 29.26 24.65
C SER A 555 30.93 29.67 24.08
N ILE A 556 29.87 29.40 24.83
CA ILE A 556 28.54 29.68 24.30
C ILE A 556 28.26 31.18 24.25
N ARG A 557 28.79 31.96 25.20
CA ARG A 557 28.62 33.40 25.12
C ARG A 557 29.49 34.01 24.03
N SER A 558 30.52 33.30 23.57
CA SER A 558 31.24 33.74 22.39
C SER A 558 30.47 33.42 21.11
N ILE A 559 29.84 32.24 21.04
CA ILE A 559 29.20 31.81 19.80
C ILE A 559 27.70 32.08 19.76
N ALA A 560 27.18 32.87 20.71
CA ALA A 560 25.74 33.17 20.69
C ALA A 560 25.31 33.82 19.38
N SER A 561 26.13 34.69 18.79
CA SER A 561 25.72 35.39 17.58
C SER A 561 25.66 34.45 16.40
N LEU A 562 26.66 33.58 16.25
CA LEU A 562 26.64 32.60 15.18
C LEU A 562 25.49 31.62 15.35
N LEU A 563 25.17 31.27 16.60
CA LEU A 563 24.02 30.41 16.84
C LEU A 563 22.72 31.09 16.46
N LEU A 564 22.62 32.39 16.72
CA LEU A 564 21.44 33.15 16.31
C LEU A 564 21.32 33.17 14.79
N LEU A 565 22.43 33.35 14.09
CA LEU A 565 22.40 33.33 12.63
C LEU A 565 21.94 31.97 12.12
N LEU A 566 22.43 30.88 12.73
CA LEU A 566 21.98 29.55 12.35
C LEU A 566 20.48 29.40 12.54
N PHE A 567 19.98 29.84 13.70
CA PHE A 567 18.55 29.75 13.99
C PHE A 567 17.73 30.54 12.98
N LEU A 568 18.23 31.71 12.58
CA LEU A 568 17.51 32.51 11.58
C LEU A 568 17.51 31.83 10.22
N PHE A 569 18.62 31.18 9.86
CA PHE A 569 18.64 30.42 8.61
C PHE A 569 17.64 29.28 8.64
N ILE A 570 17.53 28.59 9.79
CA ILE A 570 16.55 27.52 9.93
C ILE A 570 15.14 28.07 9.75
N ILE A 571 14.87 29.25 10.33
CA ILE A 571 13.54 29.84 10.19
C ILE A 571 13.25 30.19 8.73
N ILE A 572 14.22 30.78 8.04
CA ILE A 572 14.01 31.12 6.63
C ILE A 572 13.68 29.88 5.82
N PHE A 573 14.41 28.78 6.07
CA PHE A 573 14.15 27.58 5.28
C PHE A 573 12.84 26.91 5.68
N ALA A 574 12.41 27.04 6.94
CA ALA A 574 11.10 26.54 7.32
C ALA A 574 9.99 27.31 6.62
N LEU A 575 10.16 28.63 6.48
CA LEU A 575 9.16 29.42 5.76
C LEU A 575 9.14 29.06 4.28
N LEU A 576 10.32 28.87 3.67
CA LEU A 576 10.35 28.47 2.27
C LEU A 576 9.71 27.10 2.08
N GLY A 577 9.89 26.20 3.04
CA GLY A 577 9.23 24.91 2.96
C GLY A 577 7.73 25.01 3.09
N MET A 578 7.25 25.84 4.02
CA MET A 578 5.81 26.07 4.13
C MET A 578 5.24 26.65 2.84
N GLN A 579 6.02 27.46 2.13
CA GLN A 579 5.56 27.97 0.85
C GLN A 579 5.49 26.86 -0.19
N LEU A 580 6.57 26.10 -0.35
CA LEU A 580 6.62 25.08 -1.40
C LEU A 580 5.64 23.95 -1.13
N PHE A 581 5.84 23.20 -0.06
CA PHE A 581 5.09 21.99 0.21
C PHE A 581 3.95 22.19 1.19
N GLY A 582 3.63 23.43 1.53
CA GLY A 582 2.52 23.67 2.44
C GLY A 582 1.19 23.21 1.87
N GLY A 583 0.61 22.18 2.47
CA GLY A 583 -0.66 21.67 2.01
C GLY A 583 -0.64 20.95 0.68
N ARG A 584 0.55 20.64 0.16
CA ARG A 584 0.65 19.90 -1.09
C ARG A 584 0.83 18.39 -0.86
N TYR A 585 0.66 17.92 0.36
CA TYR A 585 0.60 16.48 0.61
C TYR A 585 -0.84 15.98 0.55
N ASP A 586 -1.52 16.30 -0.54
CA ASP A 586 -2.91 15.91 -0.74
C ASP A 586 -2.98 14.53 -1.40
N PHE A 587 -2.37 13.56 -0.73
CA PHE A 587 -2.25 12.22 -1.28
C PHE A 587 -3.54 11.44 -1.05
N GLU A 588 -3.97 10.73 -2.09
CA GLU A 588 -5.21 9.98 -2.06
C GLU A 588 -5.11 8.68 -1.29
N ASP A 589 -3.93 8.31 -0.80
CA ASP A 589 -3.75 7.04 -0.11
C ASP A 589 -3.72 7.27 1.40
N THR A 590 -3.54 6.18 2.15
CA THR A 590 -3.72 6.21 3.59
C THR A 590 -2.42 6.09 4.38
N GLU A 591 -1.26 6.08 3.71
CA GLU A 591 0.00 6.08 4.44
C GLU A 591 0.17 7.41 5.17
N VAL A 592 0.63 7.34 6.42
CA VAL A 592 0.81 8.53 7.23
C VAL A 592 2.17 9.15 6.91
N ARG A 593 2.19 10.47 6.81
CA ARG A 593 3.40 11.24 6.51
C ARG A 593 3.46 12.36 7.54
N ARG A 594 4.06 12.07 8.70
CA ARG A 594 4.04 13.03 9.80
C ARG A 594 5.00 14.18 9.55
N SER A 595 6.08 13.96 8.83
CA SER A 595 7.08 15.00 8.58
C SER A 595 6.69 15.80 7.34
N ASN A 596 5.67 16.62 7.51
CA ASN A 596 5.15 17.48 6.46
C ASN A 596 5.36 18.94 6.82
N PHE A 597 4.85 19.84 5.98
CA PHE A 597 5.06 21.26 6.16
C PHE A 597 3.73 22.00 6.28
N ASP A 598 2.81 21.49 7.10
CA ASP A 598 1.48 22.06 7.15
C ASP A 598 1.47 23.41 7.87
N ASN A 599 1.94 23.44 9.12
CA ASN A 599 1.99 24.66 9.89
C ASN A 599 3.44 24.99 10.23
N PHE A 600 3.63 26.04 11.04
CA PHE A 600 4.99 26.49 11.33
C PHE A 600 5.74 25.55 12.27
N PRO A 601 5.17 25.08 13.39
CA PRO A 601 5.93 24.13 14.21
C PRO A 601 6.29 22.86 13.47
N GLN A 602 5.38 22.34 12.64
CA GLN A 602 5.69 21.12 11.90
C GLN A 602 6.75 21.36 10.84
N ALA A 603 6.72 22.54 10.21
CA ALA A 603 7.78 22.89 9.27
C ALA A 603 9.12 22.99 9.97
N LEU A 604 9.13 23.55 11.19
CA LEU A 604 10.37 23.62 11.95
C LEU A 604 10.89 22.23 12.29
N ILE A 605 10.00 21.33 12.68
CA ILE A 605 10.42 19.97 13.00
C ILE A 605 10.97 19.26 11.78
N SER A 606 10.29 19.38 10.64
CA SER A 606 10.76 18.74 9.42
C SER A 606 12.09 19.31 8.96
N VAL A 607 12.29 20.62 9.10
CA VAL A 607 13.55 21.23 8.68
C VAL A 607 14.67 20.81 9.60
N PHE A 608 14.41 20.74 10.92
CA PHE A 608 15.41 20.22 11.84
C PHE A 608 15.78 18.78 11.51
N GLN A 609 14.78 17.97 11.15
CA GLN A 609 15.06 16.57 10.82
C GLN A 609 15.88 16.45 9.56
N VAL A 610 15.60 17.30 8.55
CA VAL A 610 16.44 17.29 7.35
C VAL A 610 17.84 17.79 7.67
N LEU A 611 17.96 18.72 8.61
CA LEU A 611 19.27 19.27 8.96
C LEU A 611 20.14 18.22 9.64
N THR A 612 19.61 17.56 10.67
CA THR A 612 20.39 16.52 11.33
C THR A 612 20.64 15.30 10.46
N GLY A 613 20.15 15.31 9.22
CA GLY A 613 20.48 14.26 8.28
C GLY A 613 19.87 12.91 8.58
N GLU A 614 18.81 12.86 9.38
CA GLU A 614 18.13 11.61 9.67
C GLU A 614 16.87 11.50 8.83
N ASP A 615 16.76 10.41 8.08
CA ASP A 615 15.57 10.09 7.28
C ASP A 615 15.21 11.21 6.31
N TRP A 616 16.16 12.11 6.03
CA TRP A 616 15.90 13.22 5.13
C TRP A 616 15.54 12.75 3.73
N ASN A 617 15.99 11.56 3.32
CA ASN A 617 15.65 11.06 2.01
C ASN A 617 14.22 10.54 1.95
N SER A 618 13.52 10.48 3.08
CA SER A 618 12.09 10.18 3.05
C SER A 618 11.24 11.43 3.00
N VAL A 619 11.75 12.55 3.52
CA VAL A 619 11.06 13.83 3.38
C VAL A 619 11.26 14.43 2.00
N MET A 620 12.17 13.89 1.20
CA MET A 620 12.37 14.35 -0.17
C MET A 620 11.46 13.64 -1.15
N TYR A 621 11.18 12.35 -0.94
CA TYR A 621 10.32 11.64 -1.87
C TYR A 621 8.87 12.09 -1.73
N ASN A 622 8.45 12.46 -0.52
CA ASN A 622 7.13 13.06 -0.36
C ASN A 622 7.05 14.38 -1.08
N GLY A 623 8.08 15.22 -0.94
CA GLY A 623 8.09 16.50 -1.64
C GLY A 623 8.16 16.36 -3.15
N ILE A 624 8.73 15.26 -3.64
CA ILE A 624 8.77 15.02 -5.08
C ILE A 624 7.41 14.57 -5.56
N MET A 625 6.90 13.47 -5.01
CA MET A 625 5.59 12.96 -5.43
C MET A 625 4.45 13.93 -5.10
N ALA A 626 4.70 14.95 -4.27
CA ALA A 626 3.67 15.95 -4.04
C ALA A 626 3.46 16.81 -5.28
N TYR A 627 4.54 17.07 -6.01
CA TYR A 627 4.45 17.61 -7.35
C TYR A 627 4.15 16.45 -8.29
N GLY A 628 4.27 16.68 -9.60
CA GLY A 628 3.94 15.66 -10.57
C GLY A 628 4.52 14.29 -10.28
N GLY A 629 5.83 14.21 -10.12
CA GLY A 629 6.48 12.96 -9.83
C GLY A 629 7.93 12.99 -10.26
N PRO A 630 8.41 11.89 -10.83
CA PRO A 630 9.75 11.85 -11.44
C PRO A 630 9.77 12.42 -12.86
N SER A 631 9.14 13.57 -13.04
CA SER A 631 9.08 14.25 -14.33
C SER A 631 10.05 15.42 -14.33
N TYR A 632 10.06 16.14 -15.45
CA TYR A 632 11.01 17.25 -15.58
C TYR A 632 10.77 18.37 -14.58
N PRO A 633 9.57 18.94 -14.46
CA PRO A 633 9.39 20.05 -13.50
C PRO A 633 9.23 19.61 -12.06
N GLY A 634 9.05 18.32 -11.80
CA GLY A 634 8.83 17.84 -10.45
C GLY A 634 10.09 17.52 -9.70
N VAL A 635 11.04 16.84 -10.37
CA VAL A 635 12.30 16.49 -9.73
C VAL A 635 13.10 17.73 -9.35
N LEU A 636 12.81 18.87 -9.97
CA LEU A 636 13.56 20.09 -9.64
C LEU A 636 13.33 20.56 -8.22
N VAL A 637 12.37 19.98 -7.48
CA VAL A 637 12.24 20.29 -6.06
C VAL A 637 13.23 19.53 -5.21
N CYS A 638 14.00 18.63 -5.80
CA CYS A 638 15.05 17.92 -5.07
C CYS A 638 16.25 18.80 -4.77
N ILE A 639 16.21 20.08 -5.13
CA ILE A 639 17.31 20.99 -4.83
C ILE A 639 17.00 21.89 -3.66
N TYR A 640 15.79 21.80 -3.09
CA TYR A 640 15.53 22.44 -1.81
C TYR A 640 16.12 21.65 -0.66
N PHE A 641 16.20 20.34 -0.80
CA PHE A 641 16.78 19.47 0.21
C PHE A 641 18.28 19.29 0.05
N ILE A 642 18.84 19.68 -1.09
CA ILE A 642 20.29 19.60 -1.28
C ILE A 642 20.97 20.86 -0.78
N ILE A 643 20.36 22.02 -0.97
CA ILE A 643 20.91 23.24 -0.41
C ILE A 643 20.76 23.26 1.10
N LEU A 644 19.66 22.69 1.60
CA LEU A 644 19.41 22.71 3.04
C LEU A 644 20.35 21.78 3.80
N PHE A 645 20.86 20.74 3.14
CA PHE A 645 21.75 19.79 3.80
C PHE A 645 23.21 20.04 3.52
N VAL A 646 23.55 20.71 2.43
CA VAL A 646 24.93 21.04 2.12
C VAL A 646 25.35 22.35 2.76
N CYS A 647 24.49 23.37 2.70
CA CYS A 647 24.79 24.65 3.32
C CYS A 647 24.18 24.80 4.71
N GLY A 648 23.34 23.85 5.13
CA GLY A 648 22.78 23.87 6.46
C GLY A 648 23.63 23.06 7.42
N ASN A 649 24.43 22.15 6.87
CA ASN A 649 25.43 21.44 7.64
C ASN A 649 26.81 22.05 7.54
N TYR A 650 27.01 23.00 6.61
CA TYR A 650 28.25 23.76 6.60
C TYR A 650 28.26 24.81 7.70
N ILE A 651 27.19 25.59 7.82
CA ILE A 651 27.06 26.51 8.94
C ILE A 651 27.16 25.76 10.25
N LEU A 652 26.44 24.64 10.36
CA LEU A 652 26.43 23.88 11.62
C LEU A 652 27.81 23.39 12.01
N LEU A 653 28.67 23.12 11.03
CA LEU A 653 30.05 22.75 11.34
C LEU A 653 30.89 23.98 11.65
N ASN A 654 30.60 25.10 11.00
CA ASN A 654 31.31 26.35 11.33
C ASN A 654 30.99 26.84 12.73
N VAL A 655 29.84 26.47 13.28
CA VAL A 655 29.48 26.93 14.62
C VAL A 655 30.15 26.05 15.65
N PHE A 656 29.79 24.78 15.65
CA PHE A 656 30.22 23.84 16.68
C PHE A 656 31.64 23.33 16.49
N LEU A 657 32.39 23.90 15.55
CA LEU A 657 33.83 23.69 15.49
C LEU A 657 34.61 24.98 15.69
N ALA A 658 33.95 26.13 15.75
CA ALA A 658 34.56 27.36 16.23
C ALA A 658 34.45 27.50 17.74
N ILE A 659 33.74 26.58 18.40
CA ILE A 659 33.69 26.52 19.85
C ILE A 659 34.79 25.65 20.43
N ALA A 660 35.56 24.97 19.59
CA ALA A 660 36.54 24.00 20.04
C ALA A 660 37.92 24.24 19.45
N VAL A 661 38.11 25.35 18.74
CA VAL A 661 39.43 25.73 18.26
C VAL A 661 39.66 27.19 18.64
N ASP A 662 38.61 27.85 19.15
CA ASP A 662 38.68 29.26 19.44
C ASP A 662 38.23 29.63 20.85
N ASN A 663 37.60 28.73 21.60
CA ASN A 663 37.31 29.03 23.00
C ASN A 663 37.66 27.83 23.88
N LEU A 664 37.66 26.63 23.31
CA LEU A 664 38.11 25.48 24.07
C LEU A 664 39.63 25.39 24.06
N ALA A 665 40.25 25.72 22.93
CA ALA A 665 41.71 25.79 22.90
C ALA A 665 42.24 26.89 23.79
N GLU A 666 41.44 27.93 24.05
CA GLU A 666 41.86 29.02 24.93
C GLU A 666 41.96 28.56 26.37
N ALA A 667 41.14 27.59 26.78
CA ALA A 667 41.25 27.04 28.13
C ALA A 667 42.62 26.41 28.34
N GLU A 668 43.04 25.53 27.42
CA GLU A 668 44.35 24.91 27.54
C GLU A 668 45.47 25.94 27.37
N SER A 669 45.30 26.89 26.45
CA SER A 669 46.30 27.94 26.27
C SER A 669 46.54 28.70 27.57
N LEU A 670 45.48 29.18 28.20
CA LEU A 670 45.62 29.90 29.48
C LEU A 670 46.16 28.97 30.56
N THR A 671 45.79 27.69 30.53
CA THR A 671 46.35 26.73 31.49
C THR A 671 47.85 26.59 31.31
N SER A 672 48.35 26.80 30.09
CA SER A 672 49.78 26.70 29.86
C SER A 672 50.53 27.86 30.50
N ALA A 673 50.12 29.08 30.22
CA ALA A 673 50.75 30.27 30.79
C ALA A 673 50.45 30.38 32.28
N VAL A 788 71.81 -25.00 30.25
CA VAL A 788 72.03 -25.48 28.89
C VAL A 788 70.82 -25.16 28.00
N ARG A 789 70.03 -24.18 28.42
CA ARG A 789 68.82 -23.79 27.69
C ARG A 789 69.11 -22.69 26.68
N VAL A 790 70.08 -22.93 25.81
CA VAL A 790 70.49 -21.96 24.79
C VAL A 790 70.38 -22.53 23.38
N LEU A 791 69.98 -23.80 23.23
CA LEU A 791 69.83 -24.38 21.91
C LEU A 791 68.79 -23.63 21.09
N CYS A 792 67.80 -23.02 21.74
CA CYS A 792 66.78 -22.24 21.07
C CYS A 792 66.84 -20.75 21.40
N HIS A 793 67.63 -20.36 22.40
CA HIS A 793 67.82 -18.95 22.74
C HIS A 793 68.48 -18.16 21.62
N ARG A 794 68.95 -18.83 20.57
CA ARG A 794 69.64 -18.18 19.46
C ARG A 794 68.67 -17.70 18.39
N ILE A 795 67.66 -18.50 18.06
CA ILE A 795 66.72 -18.15 17.00
C ILE A 795 65.47 -17.48 17.56
N VAL A 796 65.16 -17.70 18.84
CA VAL A 796 63.98 -17.10 19.45
C VAL A 796 64.02 -15.58 19.39
N ASN A 797 65.20 -15.00 19.20
CA ASN A 797 65.36 -13.58 18.96
C ASN A 797 65.62 -13.26 17.49
N ALA A 798 65.76 -14.28 16.65
CA ALA A 798 66.03 -14.08 15.23
C ALA A 798 64.75 -13.78 14.47
N THR A 799 64.91 -13.15 13.31
CA THR A 799 63.76 -12.80 12.49
C THR A 799 63.03 -14.02 11.94
N TRP A 800 63.71 -15.16 11.86
CA TRP A 800 63.06 -16.39 11.41
C TRP A 800 61.87 -16.75 12.29
N PHE A 801 62.14 -17.00 13.57
CA PHE A 801 61.10 -17.46 14.49
C PHE A 801 59.98 -16.44 14.60
N THR A 802 60.32 -15.17 14.79
CA THR A 802 59.32 -14.14 14.98
C THR A 802 58.48 -13.94 13.71
N ASN A 803 59.15 -13.78 12.56
CA ASN A 803 58.43 -13.55 11.31
C ASN A 803 57.58 -14.75 10.91
N PHE A 804 57.91 -15.95 11.39
CA PHE A 804 57.03 -17.07 11.08
C PHE A 804 55.89 -17.21 12.08
N ILE A 805 56.13 -16.98 13.37
CA ILE A 805 55.03 -17.06 14.33
C ILE A 805 54.07 -15.89 14.16
N LEU A 806 54.49 -14.84 13.45
CA LEU A 806 53.57 -13.76 13.13
C LEU A 806 52.57 -14.20 12.07
N LEU A 807 53.07 -14.74 10.94
CA LEU A 807 52.19 -15.24 9.89
C LEU A 807 51.47 -16.52 10.28
N PHE A 808 51.89 -17.18 11.36
CA PHE A 808 51.19 -18.38 11.83
C PHE A 808 49.88 -18.06 12.52
N ILE A 809 49.59 -16.79 12.80
CA ILE A 809 48.32 -16.39 13.40
C ILE A 809 47.32 -15.92 12.35
N LEU A 810 47.76 -15.09 11.40
CA LEU A 810 46.88 -14.58 10.36
C LEU A 810 46.18 -15.67 9.59
N LEU A 811 46.74 -16.89 9.57
CA LEU A 811 46.05 -18.04 8.99
C LEU A 811 45.36 -18.90 10.03
N SER A 812 45.71 -18.75 11.31
CA SER A 812 44.98 -19.43 12.36
C SER A 812 43.71 -18.68 12.73
N SER A 813 43.68 -17.36 12.54
CA SER A 813 42.45 -16.61 12.73
C SER A 813 41.43 -16.96 11.66
N ALA A 814 41.89 -17.18 10.42
CA ALA A 814 41.02 -17.56 9.32
C ALA A 814 40.39 -18.93 9.51
N ALA A 815 40.69 -19.63 10.60
CA ALA A 815 40.01 -20.88 10.90
C ALA A 815 38.59 -20.65 11.38
N LEU A 816 38.30 -19.45 11.90
CA LEU A 816 36.94 -19.11 12.32
C LEU A 816 36.17 -18.35 11.25
N ALA A 817 36.88 -17.64 10.37
CA ALA A 817 36.23 -16.96 9.25
C ALA A 817 35.48 -17.95 8.38
N ALA A 818 36.20 -18.91 7.81
CA ALA A 818 35.61 -19.93 6.94
C ALA A 818 34.88 -20.94 7.80
N GLU A 819 33.71 -20.52 8.30
CA GLU A 819 32.90 -21.35 9.17
C GLU A 819 31.43 -21.10 8.89
N ASP A 820 30.62 -22.15 9.04
CA ASP A 820 29.17 -22.06 8.92
C ASP A 820 28.55 -22.36 10.27
N PRO A 821 27.78 -21.43 10.85
CA PRO A 821 27.25 -21.65 12.21
C PRO A 821 25.86 -22.26 12.27
N ILE A 822 25.17 -22.43 11.15
CA ILE A 822 23.82 -22.99 11.19
C ILE A 822 23.86 -24.45 11.60
N ARG A 823 24.67 -25.25 10.91
CA ARG A 823 24.94 -26.64 11.30
C ARG A 823 26.40 -26.75 11.68
N ALA A 824 26.67 -27.09 12.94
CA ALA A 824 28.03 -27.12 13.44
C ALA A 824 28.82 -28.33 12.95
N GLU A 825 28.16 -29.31 12.36
CA GLU A 825 28.81 -30.54 11.91
C GLU A 825 28.46 -30.76 10.44
N SER A 826 29.44 -30.54 9.56
CA SER A 826 29.27 -30.74 8.13
C SER A 826 30.61 -31.15 7.55
N VAL A 827 30.72 -31.10 6.22
CA VAL A 827 31.94 -31.54 5.54
C VAL A 827 33.08 -30.54 5.65
N ARG A 828 32.83 -29.33 6.13
CA ARG A 828 33.86 -28.30 6.24
C ARG A 828 34.33 -28.07 7.67
N ASN A 829 33.43 -28.15 8.64
CA ASN A 829 33.83 -27.89 10.03
C ASN A 829 34.81 -28.94 10.53
N GLN A 830 34.71 -30.17 10.05
CA GLN A 830 35.71 -31.18 10.37
C GLN A 830 37.09 -30.76 9.86
N ILE A 831 37.15 -30.23 8.64
CA ILE A 831 38.43 -29.78 8.09
C ILE A 831 38.97 -28.61 8.90
N LEU A 832 38.09 -27.71 9.33
CA LEU A 832 38.55 -26.56 10.10
C LEU A 832 39.05 -26.99 11.48
N GLY A 833 38.41 -28.00 12.09
CA GLY A 833 38.92 -28.54 13.33
C GLY A 833 40.25 -29.23 13.15
N TYR A 834 40.40 -29.98 12.06
CA TYR A 834 41.68 -30.62 11.77
C TYR A 834 42.79 -29.59 11.60
N PHE A 835 42.48 -28.47 10.93
CA PHE A 835 43.46 -27.39 10.83
C PHE A 835 43.73 -26.75 12.20
N ASP A 836 42.70 -26.65 13.04
CA ASP A 836 42.89 -26.05 14.36
C ASP A 836 43.78 -26.92 15.25
N ILE A 837 43.79 -28.23 15.03
CA ILE A 837 44.73 -29.09 15.76
C ILE A 837 46.16 -28.59 15.56
N ALA A 838 46.57 -28.41 14.30
CA ALA A 838 47.88 -27.87 14.03
C ALA A 838 48.01 -26.44 14.55
N PHE A 839 46.97 -25.63 14.36
CA PHE A 839 47.01 -24.23 14.76
C PHE A 839 47.10 -24.03 16.27
N THR A 840 46.87 -25.08 17.06
CA THR A 840 47.15 -25.01 18.50
C THR A 840 48.42 -25.75 18.89
N SER A 841 48.78 -26.81 18.16
CA SER A 841 50.01 -27.53 18.49
C SER A 841 51.24 -26.70 18.18
N VAL A 842 51.25 -26.00 17.04
CA VAL A 842 52.43 -25.25 16.63
C VAL A 842 52.56 -23.98 17.45
N PHE A 843 51.63 -23.75 18.37
CA PHE A 843 51.71 -22.63 19.30
C PHE A 843 51.94 -23.06 20.73
N THR A 844 51.45 -24.23 21.14
CA THR A 844 51.91 -24.78 22.40
C THR A 844 53.38 -25.16 22.32
N VAL A 845 53.85 -25.58 21.14
CA VAL A 845 55.28 -25.76 20.93
C VAL A 845 56.01 -24.43 21.12
N GLU A 846 55.42 -23.34 20.62
CA GLU A 846 56.03 -22.02 20.78
C GLU A 846 56.11 -21.63 22.25
N ILE A 847 55.03 -21.86 23.01
CA ILE A 847 55.04 -21.40 24.39
C ILE A 847 55.96 -22.27 25.24
N VAL A 848 56.09 -23.57 24.93
CA VAL A 848 57.05 -24.37 25.68
C VAL A 848 58.49 -24.04 25.27
N LEU A 849 58.70 -23.65 24.01
CA LEU A 849 60.01 -23.17 23.59
C LEU A 849 60.34 -21.82 24.22
N LYS A 850 59.33 -21.07 24.62
CA LYS A 850 59.57 -19.85 25.39
C LYS A 850 59.85 -20.17 26.86
N MET A 851 59.13 -21.16 27.42
CA MET A 851 59.25 -21.45 28.84
C MET A 851 60.57 -22.12 29.20
N THR A 852 61.18 -22.84 28.25
CA THR A 852 62.45 -23.50 28.55
C THR A 852 63.56 -22.49 28.81
N THR A 853 63.41 -21.25 28.36
CA THR A 853 64.42 -20.22 28.55
C THR A 853 64.12 -19.27 29.69
N TYR A 854 62.85 -18.95 29.93
CA TYR A 854 62.44 -17.99 30.95
C TYR A 854 61.62 -18.69 32.03
N GLY A 855 61.09 -17.89 32.95
CA GLY A 855 60.30 -18.43 34.04
C GLY A 855 58.80 -18.40 33.82
N TYR A 867 53.11 -10.01 31.03
CA TYR A 867 52.28 -8.99 30.41
C TYR A 867 51.51 -9.57 29.23
N PHE A 868 52.21 -9.73 28.09
CA PHE A 868 51.62 -10.36 26.92
C PHE A 868 51.88 -11.85 26.87
N ASN A 869 52.94 -12.33 27.50
CA ASN A 869 53.21 -13.76 27.55
C ASN A 869 52.07 -14.51 28.21
N ILE A 870 51.46 -13.91 29.24
CA ILE A 870 50.31 -14.55 29.88
C ILE A 870 49.10 -14.53 28.94
N LEU A 871 49.00 -13.50 28.09
CA LEU A 871 47.94 -13.49 27.08
C LEU A 871 48.10 -14.68 26.13
N ASP A 872 49.31 -14.85 25.58
CA ASP A 872 49.57 -16.02 24.73
C ASP A 872 49.29 -17.32 25.49
N LEU A 873 49.66 -17.36 26.78
CA LEU A 873 49.43 -18.55 27.58
C LEU A 873 47.94 -18.88 27.67
N LEU A 874 47.10 -17.87 27.88
CA LEU A 874 45.67 -18.11 27.98
C LEU A 874 45.08 -18.52 26.64
N VAL A 875 45.51 -17.86 25.56
CA VAL A 875 44.96 -18.18 24.24
C VAL A 875 45.39 -19.59 23.82
N VAL A 876 46.53 -20.07 24.30
CA VAL A 876 46.93 -21.43 23.99
C VAL A 876 46.38 -22.44 24.99
N ALA A 877 45.97 -22.00 26.18
CA ALA A 877 45.40 -22.92 27.17
C ALA A 877 43.92 -23.17 26.92
N VAL A 878 43.23 -22.23 26.29
CA VAL A 878 41.82 -22.48 25.96
C VAL A 878 41.68 -23.56 24.90
N SER A 879 42.71 -23.78 24.08
CA SER A 879 42.60 -24.79 23.04
C SER A 879 42.66 -26.20 23.60
N LEU A 880 43.38 -26.41 24.70
CA LEU A 880 43.40 -27.71 25.34
C LEU A 880 42.01 -28.09 25.86
N ILE A 881 41.27 -27.11 26.40
CA ILE A 881 39.92 -27.37 26.87
C ILE A 881 38.87 -27.18 25.78
N SER A 882 39.29 -26.84 24.56
CA SER A 882 38.37 -26.88 23.43
C SER A 882 37.77 -28.27 23.25
N MET A 883 38.51 -29.31 23.63
CA MET A 883 38.07 -30.71 23.58
C MET A 883 37.40 -31.08 22.26
N VAL A 892 30.01 -23.12 30.40
CA VAL A 892 29.22 -24.21 29.85
C VAL A 892 29.85 -24.75 28.58
N VAL A 893 29.04 -24.91 27.53
CA VAL A 893 29.52 -25.42 26.25
C VAL A 893 29.50 -24.37 25.15
N LYS A 894 28.60 -23.40 25.18
CA LYS A 894 28.52 -22.37 24.15
C LYS A 894 29.30 -21.12 24.51
N ILE A 895 29.82 -21.03 25.73
CA ILE A 895 30.60 -19.88 26.17
C ILE A 895 32.08 -20.06 25.86
N LEU A 896 32.60 -21.27 26.04
CA LEU A 896 34.00 -21.53 25.69
C LEU A 896 34.22 -21.34 24.19
N ARG A 897 33.29 -21.83 23.36
CA ARG A 897 33.40 -21.68 21.92
C ARG A 897 33.43 -20.21 21.53
N VAL A 898 32.70 -19.37 22.26
CA VAL A 898 32.71 -17.94 21.97
C VAL A 898 34.01 -17.31 22.44
N LEU A 899 34.48 -17.68 23.64
CA LEU A 899 35.74 -17.18 24.17
C LEU A 899 36.93 -18.03 23.69
N ARG A 900 37.03 -18.22 22.38
CA ARG A 900 38.18 -18.88 21.78
C ARG A 900 38.79 -18.08 20.64
N VAL A 901 38.12 -17.03 20.17
CA VAL A 901 38.71 -16.13 19.20
C VAL A 901 39.49 -15.07 19.97
N LEU A 902 40.71 -15.43 20.37
CA LEU A 902 41.62 -14.55 21.06
C LEU A 902 42.97 -14.46 20.37
N ARG A 903 43.19 -15.27 19.34
CA ARG A 903 44.44 -15.21 18.56
C ARG A 903 44.73 -13.86 17.93
N PRO A 904 43.75 -13.07 17.45
CA PRO A 904 44.12 -11.79 16.83
C PRO A 904 44.69 -10.78 17.81
N LEU A 905 44.32 -10.87 19.09
CA LEU A 905 44.79 -9.90 20.08
C LEU A 905 46.29 -10.03 20.31
N ARG A 906 46.77 -11.26 20.49
CA ARG A 906 48.18 -11.49 20.84
C ARG A 906 49.04 -11.32 19.58
N ALA A 907 49.07 -10.09 19.09
CA ALA A 907 49.91 -9.72 17.96
C ALA A 907 50.53 -8.35 18.22
N ILE A 908 50.16 -7.75 19.36
CA ILE A 908 50.68 -6.42 19.69
C ILE A 908 52.12 -6.49 20.16
N ASN A 909 52.50 -7.59 20.81
CA ASN A 909 53.85 -7.77 21.33
C ASN A 909 54.79 -8.39 20.30
N ARG A 910 54.28 -8.69 19.10
CA ARG A 910 55.08 -9.34 18.07
C ARG A 910 55.51 -8.38 16.98
N ALA A 911 54.56 -7.68 16.35
CA ALA A 911 54.89 -6.74 15.29
C ALA A 911 55.54 -5.46 15.80
N LYS A 912 55.33 -5.12 17.07
CA LYS A 912 55.86 -3.90 17.67
C LYS A 912 55.43 -2.67 16.88
N GLY A 913 54.28 -2.78 16.22
CA GLY A 913 53.68 -1.67 15.52
C GLY A 913 52.35 -1.31 16.17
N LEU A 914 51.68 -2.32 16.71
CA LEU A 914 50.46 -2.12 17.47
C LEU A 914 50.73 -1.62 18.89
N LYS A 915 51.95 -1.81 19.40
CA LYS A 915 52.28 -1.36 20.74
C LYS A 915 52.06 0.15 20.89
N HIS A 916 52.66 0.94 20.01
CA HIS A 916 52.56 2.39 20.11
C HIS A 916 51.13 2.88 19.94
N VAL A 917 50.37 2.31 19.00
CA VAL A 917 49.00 2.79 18.81
C VAL A 917 48.12 2.42 20.01
N VAL A 918 48.26 1.21 20.54
CA VAL A 918 47.47 0.84 21.71
C VAL A 918 47.81 1.74 22.89
N GLN A 919 49.10 2.05 23.08
CA GLN A 919 49.45 2.90 24.22
C GLN A 919 48.98 4.33 24.02
N CYS A 920 49.09 4.86 22.79
CA CYS A 920 48.62 6.21 22.54
C CYS A 920 47.11 6.33 22.72
N VAL A 921 46.35 5.31 22.30
CA VAL A 921 44.91 5.40 22.50
C VAL A 921 44.53 5.18 23.96
N PHE A 922 45.30 4.37 24.68
CA PHE A 922 45.03 4.18 26.10
C PHE A 922 45.42 5.40 26.93
N VAL A 923 46.26 6.28 26.39
CA VAL A 923 46.49 7.57 27.05
C VAL A 923 45.52 8.63 26.55
N ALA A 924 45.04 8.52 25.31
CA ALA A 924 43.97 9.40 24.84
C ALA A 924 42.70 9.21 25.65
N ILE A 925 42.38 7.95 25.98
CA ILE A 925 41.28 7.68 26.91
C ILE A 925 41.54 8.35 28.25
N ARG A 926 42.80 8.34 28.70
CA ARG A 926 43.13 8.98 29.97
C ARG A 926 42.86 10.47 29.93
N THR A 927 43.29 11.14 28.86
CA THR A 927 43.08 12.59 28.74
C THR A 927 41.60 12.92 28.85
N ILE A 928 40.77 12.13 28.17
CA ILE A 928 39.33 12.34 28.19
C ILE A 928 38.73 11.65 29.41
N GLY A 929 38.12 12.43 30.31
CA GLY A 929 37.53 11.85 31.50
C GLY A 929 36.60 12.79 32.24
N ASN A 930 36.98 14.07 32.31
CA ASN A 930 36.16 15.06 33.00
C ASN A 930 35.04 15.60 32.13
N ILE A 931 35.16 15.43 30.82
CA ILE A 931 34.14 15.89 29.88
C ILE A 931 33.11 14.79 29.63
N VAL A 932 33.55 13.55 29.69
CA VAL A 932 32.67 12.41 29.47
C VAL A 932 31.84 12.11 30.71
N LEU A 933 32.31 12.57 31.86
CA LEU A 933 31.61 12.37 33.11
C LEU A 933 30.31 13.17 33.10
N VAL A 934 30.42 14.43 32.71
CA VAL A 934 29.24 15.31 32.66
C VAL A 934 28.33 14.98 31.49
N THR A 935 28.88 14.37 30.45
CA THR A 935 28.08 14.01 29.28
C THR A 935 27.19 12.82 29.61
N THR A 936 27.67 11.95 30.50
CA THR A 936 26.90 10.78 30.90
C THR A 936 25.95 11.13 32.03
N LEU A 937 26.15 12.30 32.63
CA LEU A 937 25.29 12.76 33.70
C LEU A 937 24.12 13.49 33.07
N LEU A 938 24.41 14.21 31.99
CA LEU A 938 23.36 14.94 31.28
C LEU A 938 22.38 13.93 30.73
N GLN A 939 22.90 12.85 30.18
CA GLN A 939 22.06 11.79 29.63
C GLN A 939 21.22 11.20 30.75
N PHE A 940 21.84 10.94 31.89
CA PHE A 940 21.12 10.38 33.03
C PHE A 940 20.12 11.39 33.54
N MET A 941 20.44 12.66 33.41
CA MET A 941 19.55 13.72 33.84
C MET A 941 18.31 13.71 32.96
N PHE A 942 18.51 13.88 31.66
CA PHE A 942 17.40 13.90 30.71
C PHE A 942 16.54 12.66 30.83
N ALA A 943 17.17 11.51 31.03
CA ALA A 943 16.43 10.26 31.20
C ALA A 943 15.41 10.38 32.32
N CYS A 944 15.78 11.01 33.43
CA CYS A 944 14.83 11.19 34.52
C CYS A 944 13.69 12.12 34.12
N ILE A 945 14.01 13.19 33.40
CA ILE A 945 12.95 14.08 32.91
C ILE A 945 12.00 13.34 31.97
N GLY A 946 12.55 12.54 31.06
CA GLY A 946 11.72 11.74 30.19
C GLY A 946 10.82 10.80 30.96
N VAL A 947 11.38 10.09 31.93
CA VAL A 947 10.57 9.19 32.76
C VAL A 947 9.46 9.96 33.44
N GLN A 948 9.72 11.20 33.85
CA GLN A 948 8.65 12.00 34.44
C GLN A 948 7.59 12.34 33.41
N LEU A 949 7.99 12.58 32.17
CA LEU A 949 7.05 13.02 31.14
C LEU A 949 6.29 11.86 30.50
N PHE A 950 7.02 10.94 29.88
CA PHE A 950 6.43 9.88 29.06
C PHE A 950 6.39 8.53 29.76
N LYS A 951 6.07 8.50 31.06
CA LYS A 951 6.03 7.25 31.79
C LYS A 951 4.76 6.49 31.42
N GLY A 952 4.91 5.39 30.69
CA GLY A 952 3.80 4.52 30.37
C GLY A 952 2.86 5.03 29.31
N LYS A 953 3.12 6.21 28.74
CA LYS A 953 2.28 6.78 27.70
C LYS A 953 2.61 6.25 26.32
N PHE A 954 3.51 5.27 26.21
CA PHE A 954 3.98 4.76 24.93
C PHE A 954 3.27 3.49 24.51
N PHE A 955 2.15 3.16 25.14
CA PHE A 955 1.37 2.03 24.67
C PHE A 955 0.48 2.45 23.50
N SER A 956 0.01 1.46 22.75
CA SER A 956 -0.84 1.72 21.60
C SER A 956 -1.45 0.40 21.16
N CYS A 957 -2.74 0.42 20.85
CA CYS A 957 -3.40 -0.78 20.36
C CYS A 957 -2.96 -1.06 18.93
N ASN A 958 -3.47 -2.16 18.37
CA ASN A 958 -3.09 -2.53 17.01
C ASN A 958 -3.82 -1.65 15.99
N ASP A 959 -5.11 -1.44 16.19
CA ASP A 959 -5.87 -0.46 15.44
C ASP A 959 -6.09 0.77 16.30
N LEU A 960 -5.81 1.92 15.75
CA LEU A 960 -5.78 3.17 16.50
C LEU A 960 -7.14 3.59 17.03
N SER A 961 -8.19 2.80 16.84
CA SER A 961 -9.52 3.17 17.29
C SER A 961 -9.82 2.72 18.72
N LYS A 962 -8.98 1.86 19.30
CA LYS A 962 -9.16 1.37 20.65
C LYS A 962 -8.14 2.03 21.55
N MET A 963 -8.60 2.66 22.63
CA MET A 963 -7.77 3.51 23.46
C MET A 963 -7.49 2.90 24.83
N THR A 964 -7.67 1.59 25.01
CA THR A 964 -7.39 0.97 26.29
C THR A 964 -7.05 -0.49 26.07
N GLU A 965 -6.36 -1.08 27.05
CA GLU A 965 -6.03 -2.49 27.00
C GLU A 965 -7.26 -3.37 27.21
N GLU A 966 -8.32 -2.83 27.80
CA GLU A 966 -9.55 -3.59 27.94
C GLU A 966 -10.30 -3.67 26.62
N GLU A 967 -10.18 -2.65 25.78
CA GLU A 967 -10.86 -2.61 24.50
C GLU A 967 -10.08 -3.32 23.39
N CYS A 968 -8.76 -3.35 23.48
CA CYS A 968 -7.91 -3.89 22.42
C CYS A 968 -7.88 -5.42 22.51
N ARG A 969 -9.00 -6.03 22.15
CA ARG A 969 -9.11 -7.47 22.02
C ARG A 969 -9.99 -7.80 20.83
N GLY A 970 -10.05 -9.09 20.48
CA GLY A 970 -10.81 -9.50 19.33
C GLY A 970 -10.02 -9.34 18.04
N TYR A 971 -10.75 -9.36 16.92
CA TYR A 971 -10.17 -9.18 15.60
C TYR A 971 -10.68 -7.90 14.98
N TYR A 972 -9.90 -7.37 14.03
CA TYR A 972 -10.25 -6.15 13.33
C TYR A 972 -9.86 -6.30 11.87
N TYR A 973 -10.28 -5.34 11.06
CA TYR A 973 -10.08 -5.37 9.62
C TYR A 973 -8.90 -4.50 9.22
N VAL A 974 -8.10 -5.01 8.30
CA VAL A 974 -7.01 -4.25 7.69
C VAL A 974 -7.30 -4.15 6.20
N TYR A 975 -7.32 -2.93 5.68
CA TYR A 975 -7.68 -2.68 4.29
C TYR A 975 -6.41 -2.44 3.49
N LYS A 976 -6.22 -3.21 2.43
CA LYS A 976 -5.03 -3.11 1.61
C LYS A 976 -5.19 -2.02 0.57
N ASP A 977 -4.15 -1.19 0.43
CA ASP A 977 -4.14 -0.05 -0.51
C ASP A 977 -5.22 0.97 -0.18
N GLY A 978 -5.75 0.95 1.04
CA GLY A 978 -6.88 1.81 1.36
C GLY A 978 -8.12 1.49 0.59
N ASP A 979 -8.21 0.29 0.00
CA ASP A 979 -9.35 -0.10 -0.81
C ASP A 979 -10.40 -0.72 0.10
N PRO A 980 -11.53 -0.05 0.33
CA PRO A 980 -12.53 -0.59 1.28
C PRO A 980 -13.19 -1.88 0.81
N THR A 981 -12.81 -2.43 -0.34
CA THR A 981 -13.36 -3.68 -0.82
C THR A 981 -12.31 -4.79 -0.87
N GLN A 982 -11.19 -4.63 -0.17
CA GLN A 982 -10.14 -5.65 -0.10
C GLN A 982 -9.62 -5.64 1.34
N MET A 983 -10.19 -6.48 2.18
CA MET A 983 -9.88 -6.46 3.60
C MET A 983 -9.38 -7.82 4.07
N GLU A 984 -8.73 -7.80 5.23
CA GLU A 984 -8.29 -9.02 5.90
C GLU A 984 -8.58 -8.90 7.39
N LEU A 985 -8.61 -10.07 8.05
CA LEU A 985 -8.78 -10.13 9.49
C LEU A 985 -7.42 -10.22 10.17
N ARG A 986 -7.23 -9.42 11.21
CA ARG A 986 -6.03 -9.52 12.02
C ARG A 986 -6.42 -9.36 13.47
N PRO A 987 -5.88 -10.18 14.37
CA PRO A 987 -6.20 -10.02 15.79
C PRO A 987 -5.50 -8.81 16.37
N ARG A 988 -6.25 -7.97 17.08
CA ARG A 988 -5.62 -6.81 17.67
C ARG A 988 -4.93 -7.17 18.97
N GLN A 989 -3.94 -6.37 19.34
CA GLN A 989 -3.16 -6.64 20.53
C GLN A 989 -2.56 -5.35 21.06
N TRP A 990 -2.54 -5.23 22.39
CA TRP A 990 -2.01 -4.06 23.08
C TRP A 990 -0.49 -4.16 23.08
N ILE A 991 0.15 -3.53 22.11
CA ILE A 991 1.60 -3.67 21.92
C ILE A 991 2.30 -2.52 22.62
N HIS A 992 3.32 -2.86 23.40
CA HIS A 992 4.17 -1.86 24.05
C HIS A 992 5.30 -1.52 23.10
N ASN A 993 5.54 -0.22 22.91
CA ASN A 993 6.54 0.22 21.95
C ASN A 993 7.90 -0.36 22.30
N ASP A 994 8.77 -0.44 21.27
CA ASP A 994 10.07 -1.06 21.44
C ASP A 994 10.95 -0.24 22.37
N PHE A 995 11.20 1.02 22.03
CA PHE A 995 11.95 1.94 22.88
C PHE A 995 10.95 2.80 23.64
N HIS A 996 10.95 2.68 24.96
CA HIS A 996 9.97 3.36 25.79
C HIS A 996 10.66 4.18 26.88
N PHE A 997 9.88 4.69 27.83
CA PHE A 997 10.39 5.56 28.87
C PHE A 997 9.88 5.16 30.25
N ASP A 998 9.67 3.86 30.47
CA ASP A 998 9.06 3.44 31.72
C ASP A 998 9.99 3.62 32.91
N ASN A 999 11.28 3.32 32.73
CA ASN A 999 12.26 3.46 33.79
C ASN A 999 13.50 4.15 33.25
N VAL A 1000 14.39 4.55 34.17
CA VAL A 1000 15.57 5.29 33.75
C VAL A 1000 16.50 4.44 32.90
N LEU A 1001 16.42 3.12 33.00
CA LEU A 1001 17.23 2.27 32.12
C LEU A 1001 16.71 2.33 30.69
N SER A 1002 15.41 2.07 30.50
CA SER A 1002 14.81 2.15 29.18
C SER A 1002 14.90 3.58 28.64
N ALA A 1003 14.75 4.58 29.50
CA ALA A 1003 14.88 5.96 29.05
C ALA A 1003 16.30 6.27 28.62
N MET A 1004 17.30 5.73 29.33
CA MET A 1004 18.69 5.94 28.93
C MET A 1004 18.99 5.24 27.61
N MET A 1005 18.41 4.06 27.40
CA MET A 1005 18.54 3.38 26.12
C MET A 1005 17.95 4.22 24.99
N SER A 1006 16.74 4.74 25.20
CA SER A 1006 16.09 5.52 24.15
C SER A 1006 16.84 6.80 23.87
N LEU A 1007 17.32 7.49 24.91
CA LEU A 1007 18.12 8.69 24.69
C LEU A 1007 19.45 8.35 24.02
N PHE A 1008 19.99 7.16 24.27
CA PHE A 1008 21.21 6.75 23.57
C PHE A 1008 20.94 6.60 22.08
N THR A 1009 19.85 5.95 21.72
CA THR A 1009 19.53 5.83 20.29
C THR A 1009 19.21 7.18 19.68
N VAL A 1010 18.61 8.09 20.45
CA VAL A 1010 18.32 9.43 19.92
C VAL A 1010 19.60 10.21 19.70
N SER A 1011 20.59 10.02 20.58
CA SER A 1011 21.83 10.78 20.47
C SER A 1011 22.64 10.40 19.25
N THR A 1012 22.41 9.22 18.68
CA THR A 1012 23.05 8.81 17.44
C THR A 1012 22.23 9.15 16.21
N PHE A 1013 21.12 9.87 16.38
CA PHE A 1013 20.25 10.40 15.35
C PHE A 1013 19.48 9.34 14.59
N GLU A 1014 19.68 8.06 14.87
CA GLU A 1014 19.01 7.00 14.15
C GLU A 1014 17.69 6.69 14.85
N GLY A 1015 16.58 7.00 14.18
CA GLY A 1015 15.27 6.68 14.71
C GLY A 1015 14.71 7.67 15.71
N TRP A 1016 15.21 8.90 15.71
CA TRP A 1016 14.68 9.92 16.60
C TRP A 1016 13.33 10.48 16.16
N PRO A 1017 13.01 10.62 14.87
CA PRO A 1017 11.66 11.07 14.51
C PRO A 1017 10.58 10.09 14.89
N GLN A 1018 10.85 8.79 14.85
CA GLN A 1018 9.83 7.81 15.22
C GLN A 1018 9.54 7.84 16.72
N LEU A 1019 10.47 8.32 17.53
CA LEU A 1019 10.18 8.56 18.93
C LEU A 1019 9.56 9.93 19.14
N LEU A 1020 9.90 10.89 18.29
CA LEU A 1020 9.34 12.23 18.42
C LEU A 1020 7.85 12.24 18.12
N TYR A 1021 7.44 11.57 17.05
CA TYR A 1021 6.03 11.52 16.69
C TYR A 1021 5.25 10.54 17.54
N ARG A 1022 5.91 9.81 18.43
CA ARG A 1022 5.24 8.98 19.41
C ARG A 1022 5.07 9.71 20.73
N ALA A 1023 6.06 10.52 21.11
CA ALA A 1023 5.92 11.37 22.29
C ALA A 1023 4.93 12.48 22.05
N ILE A 1024 4.84 12.99 20.83
CA ILE A 1024 3.88 14.04 20.51
C ILE A 1024 2.45 13.52 20.68
N ASP A 1025 2.22 12.25 20.35
CA ASP A 1025 0.89 11.66 20.37
C ASP A 1025 0.48 11.11 21.72
N SER A 1026 1.38 11.12 22.68
CA SER A 1026 1.11 10.58 24.00
C SER A 1026 -0.17 11.12 24.60
N ASN A 1027 -1.01 10.23 25.11
CA ASN A 1027 -2.27 10.62 25.71
C ASN A 1027 -2.14 10.85 27.21
N GLU A 1028 -2.70 9.94 27.98
CA GLU A 1028 -2.65 10.03 29.43
C GLU A 1028 -1.46 9.25 29.98
N GLU A 1029 -1.74 8.26 30.81
CA GLU A 1029 -0.67 7.46 31.39
C GLU A 1029 -0.80 5.97 31.07
N ASP A 1030 -1.90 5.60 30.44
CA ASP A 1030 -2.12 4.20 30.07
C ASP A 1030 -3.15 4.05 28.96
N MET A 1031 -3.13 4.97 28.01
CA MET A 1031 -4.06 4.94 26.89
C MET A 1031 -3.36 5.08 25.55
N GLY A 1032 -4.10 4.81 24.47
CA GLY A 1032 -3.55 4.88 23.13
C GLY A 1032 -3.18 6.29 22.70
N PRO A 1033 -2.29 6.40 21.72
CA PRO A 1033 -1.82 7.70 21.22
C PRO A 1033 -2.90 8.47 20.47
N VAL A 1034 -3.06 9.75 20.81
CA VAL A 1034 -4.03 10.60 20.15
C VAL A 1034 -3.26 11.41 19.11
N TYR A 1035 -3.80 11.49 17.90
CA TYR A 1035 -3.12 12.22 16.83
C TYR A 1035 -2.77 13.65 17.21
N ASN A 1036 -1.48 13.93 17.25
CA ASN A 1036 -0.97 15.27 17.57
C ASN A 1036 -1.57 15.88 18.82
N ASN A 1037 -1.45 15.30 19.68
CA ASN A 1037 -1.95 15.71 20.99
C ASN A 1037 -1.11 16.84 21.55
N ARG A 1038 0.18 16.57 21.76
CA ARG A 1038 1.07 17.57 22.30
C ARG A 1038 2.14 17.90 21.28
N VAL A 1039 2.06 19.08 20.68
CA VAL A 1039 3.04 19.49 19.69
C VAL A 1039 4.20 20.25 20.35
N GLU A 1040 4.08 20.46 21.65
CA GLU A 1040 5.11 21.13 22.43
C GLU A 1040 5.99 20.10 23.14
N MET A 1041 5.83 18.83 22.76
CA MET A 1041 6.61 17.73 23.32
C MET A 1041 7.89 17.52 22.51
N ALA A 1042 8.01 18.24 21.40
CA ALA A 1042 9.17 18.17 20.52
C ALA A 1042 10.28 19.09 21.02
N ILE A 1043 9.96 19.95 21.98
CA ILE A 1043 10.95 20.85 22.55
C ILE A 1043 11.97 20.06 23.36
N PHE A 1044 11.52 19.00 24.02
CA PHE A 1044 12.39 18.16 24.82
C PHE A 1044 13.31 17.30 23.93
N PHE A 1045 12.83 16.99 22.73
CA PHE A 1045 13.61 16.21 21.78
C PHE A 1045 14.46 17.09 20.89
N ILE A 1046 14.30 18.40 21.04
CA ILE A 1046 15.07 19.34 20.24
C ILE A 1046 16.08 20.07 21.12
N ILE A 1047 15.85 20.06 22.42
CA ILE A 1047 16.76 20.70 23.37
C ILE A 1047 17.82 19.70 23.82
N TYR A 1048 17.54 18.41 23.62
CA TYR A 1048 18.47 17.37 24.01
C TYR A 1048 19.37 17.03 22.83
N ILE A 1049 18.86 17.26 21.63
CA ILE A 1049 19.62 16.98 20.42
C ILE A 1049 20.51 18.16 20.06
N ILE A 1050 20.23 19.31 20.67
CA ILE A 1050 21.00 20.51 20.45
C ILE A 1050 22.14 20.61 21.46
N LEU A 1051 22.03 19.83 22.53
CA LEU A 1051 23.04 19.82 23.58
C LEU A 1051 23.94 18.60 23.47
N ILE A 1052 23.58 17.55 24.19
CA ILE A 1052 24.36 16.32 24.22
C ILE A 1052 24.75 15.79 22.84
N ALA A 1053 23.79 15.76 21.92
CA ALA A 1053 24.05 15.25 20.58
C ALA A 1053 24.71 16.26 19.65
N PHE A 1054 24.80 17.51 20.09
CA PHE A 1054 25.40 18.57 19.28
C PHE A 1054 26.55 19.27 19.99
N PHE A 1055 26.24 19.88 21.13
CA PHE A 1055 27.23 20.63 21.91
C PHE A 1055 28.33 19.76 22.52
N MET A 1056 27.98 18.99 23.54
CA MET A 1056 28.94 18.12 24.24
C MET A 1056 29.84 17.29 23.31
N MET A 1057 29.24 16.65 22.31
CA MET A 1057 30.01 15.85 21.37
C MET A 1057 31.03 16.70 20.61
N ASN A 1058 30.64 17.90 20.23
CA ASN A 1058 31.54 18.79 19.49
C ASN A 1058 32.66 19.37 20.34
N ILE A 1059 32.47 19.42 21.65
CA ILE A 1059 33.52 19.92 22.53
C ILE A 1059 34.36 18.74 23.02
N PHE A 1060 33.84 17.53 22.89
CA PHE A 1060 34.56 16.34 23.29
C PHE A 1060 35.57 16.02 22.20
N VAL A 1061 35.22 16.38 20.97
CA VAL A 1061 36.10 16.16 19.82
C VAL A 1061 37.13 17.28 19.79
N GLY A 1062 36.76 18.43 20.37
CA GLY A 1062 37.65 19.57 20.43
C GLY A 1062 38.72 19.26 21.46
N PHE A 1063 38.32 18.58 22.52
CA PHE A 1063 39.23 18.17 23.58
C PHE A 1063 40.37 17.37 22.95
N VAL A 1064 40.01 16.37 22.17
CA VAL A 1064 40.98 15.52 21.50
C VAL A 1064 41.82 16.30 20.49
N ILE A 1065 41.14 17.00 19.57
CA ILE A 1065 41.81 17.78 18.55
C ILE A 1065 42.83 18.74 19.14
N VAL A 1066 42.43 19.48 20.17
CA VAL A 1066 43.32 20.44 20.82
C VAL A 1066 44.50 19.73 21.48
N THR A 1067 44.25 18.56 22.06
CA THR A 1067 45.30 17.80 22.71
C THR A 1067 46.29 17.25 21.69
N PHE A 1068 45.79 16.91 20.50
CA PHE A 1068 46.65 16.40 19.44
C PHE A 1068 47.67 17.47 19.05
N GLN A 1069 47.20 18.70 18.94
CA GLN A 1069 48.07 19.83 18.59
C GLN A 1069 49.15 20.01 19.64
N GLU A 1070 48.77 19.89 20.90
CA GLU A 1070 49.70 20.04 22.01
C GLU A 1070 50.72 18.92 22.03
N GLN A 1071 50.26 17.69 21.81
CA GLN A 1071 51.15 16.52 21.80
C GLN A 1071 51.94 16.46 20.49
N GLY A 1072 51.33 16.98 19.43
CA GLY A 1072 51.97 17.00 18.13
C GLY A 1072 53.02 18.08 18.01
N ASP A 1082 61.54 30.09 13.72
CA ASP A 1082 60.42 29.49 14.44
C ASP A 1082 60.05 28.12 13.85
N LYS A 1083 59.26 28.12 12.79
CA LYS A 1083 58.88 26.89 12.11
C LYS A 1083 59.31 26.85 10.65
N ASN A 1084 59.27 28.00 9.96
CA ASN A 1084 59.75 28.04 8.58
C ASN A 1084 61.16 27.52 8.46
N GLN A 1085 62.04 27.93 9.38
CA GLN A 1085 63.44 27.51 9.36
C GLN A 1085 63.61 26.03 9.65
N ARG A 1086 62.58 25.35 10.16
CA ARG A 1086 62.68 23.95 10.51
C ARG A 1086 62.20 23.01 9.40
N GLN A 1087 61.94 23.54 8.21
CA GLN A 1087 61.64 22.69 7.07
C GLN A 1087 62.51 22.99 5.86
N CYS A 1088 62.85 24.27 5.64
CA CYS A 1088 63.69 24.62 4.49
C CYS A 1088 65.09 24.05 4.64
N VAL A 1089 65.59 23.93 5.88
CA VAL A 1089 66.89 23.32 6.10
C VAL A 1089 66.90 21.89 5.55
N GLN A 1090 65.86 21.11 5.88
CA GLN A 1090 65.73 19.78 5.31
C GLN A 1090 65.59 19.86 3.80
N TYR A 1091 64.77 20.80 3.30
CA TYR A 1091 64.64 20.96 1.86
C TYR A 1091 65.96 21.43 1.24
N ALA A 1092 66.78 22.16 1.98
CA ALA A 1092 68.03 22.65 1.41
C ALA A 1092 69.02 21.51 1.20
N LEU A 1093 69.30 20.71 2.23
CA LEU A 1093 70.36 19.72 2.16
C LEU A 1093 69.90 18.35 1.68
N LYS A 1094 68.63 18.00 1.82
CA LYS A 1094 68.13 16.68 1.46
C LYS A 1094 67.55 16.62 0.06
N ALA A 1095 67.43 17.75 -0.63
CA ALA A 1095 66.84 17.78 -1.96
C ALA A 1095 67.85 17.31 -3.00
N ARG A 1096 67.51 17.49 -4.27
CA ARG A 1096 68.34 17.07 -5.38
C ARG A 1096 67.83 17.74 -6.64
N PRO A 1097 68.64 17.81 -7.69
CA PRO A 1097 68.16 18.33 -8.98
C PRO A 1097 67.05 17.46 -9.54
N LEU A 1098 66.50 17.91 -10.66
CA LEU A 1098 65.33 17.28 -11.26
C LEU A 1098 65.65 16.81 -12.68
N ARG A 1099 64.78 15.93 -13.19
CA ARG A 1099 64.89 15.38 -14.52
C ARG A 1099 63.87 16.03 -15.44
N CYS A 1100 64.26 16.29 -16.69
CA CYS A 1100 63.35 16.90 -17.65
C CYS A 1100 63.31 16.12 -18.96
N TYR A 1101 64.41 15.42 -19.26
CA TYR A 1101 64.51 14.60 -20.47
C TYR A 1101 64.31 15.44 -21.74
N ILE A 1102 65.20 16.42 -21.91
CA ILE A 1102 65.21 17.26 -23.11
C ILE A 1102 66.02 16.53 -24.18
N PRO A 1103 65.40 16.14 -25.30
CA PRO A 1103 66.09 15.26 -26.25
C PRO A 1103 66.87 16.02 -27.31
N LYS A 1104 67.89 15.33 -27.83
CA LYS A 1104 68.71 15.81 -28.93
C LYS A 1104 68.12 15.28 -30.24
N ASN A 1105 68.91 15.30 -31.33
CA ASN A 1105 68.50 14.77 -32.63
C ASN A 1105 67.21 15.41 -33.12
N PRO A 1106 67.27 16.66 -33.63
CA PRO A 1106 66.06 17.40 -33.99
C PRO A 1106 65.03 16.65 -34.84
N TYR A 1107 65.45 15.55 -35.47
CA TYR A 1107 64.53 14.72 -36.25
C TYR A 1107 63.26 14.40 -35.47
N GLN A 1108 63.42 14.00 -34.20
CA GLN A 1108 62.27 13.77 -33.33
C GLN A 1108 61.97 14.95 -32.41
N TYR A 1109 62.95 15.82 -32.15
CA TYR A 1109 62.68 17.06 -31.43
C TYR A 1109 61.58 17.87 -32.11
N GLN A 1110 61.44 17.71 -33.44
CA GLN A 1110 60.35 18.38 -34.16
C GLN A 1110 59.00 18.07 -33.53
N VAL A 1111 58.63 16.79 -33.48
CA VAL A 1111 57.37 16.43 -32.85
C VAL A 1111 57.42 16.58 -31.33
N TRP A 1112 58.62 16.55 -30.75
CA TRP A 1112 58.71 16.70 -29.30
C TRP A 1112 58.29 18.10 -28.87
N TYR A 1113 58.61 19.12 -29.66
CA TYR A 1113 58.29 20.49 -29.26
C TYR A 1113 56.78 20.72 -29.18
N VAL A 1114 56.01 20.07 -30.06
CA VAL A 1114 54.56 20.19 -29.98
C VAL A 1114 53.99 19.20 -28.97
N VAL A 1115 54.65 18.06 -28.76
CA VAL A 1115 54.16 17.07 -27.80
C VAL A 1115 54.11 17.67 -26.40
N THR A 1116 55.09 18.49 -26.05
CA THR A 1116 55.12 19.15 -24.75
C THR A 1116 54.49 20.54 -24.78
N SER A 1117 54.01 20.98 -25.93
CA SER A 1117 53.43 22.32 -26.04
C SER A 1117 52.13 22.41 -25.23
N SER A 1118 51.71 23.65 -24.99
CA SER A 1118 50.56 23.88 -24.12
C SER A 1118 49.24 23.66 -24.84
N TYR A 1119 49.15 24.06 -26.11
CA TYR A 1119 47.86 23.95 -26.80
C TYR A 1119 47.49 22.49 -27.07
N PHE A 1120 48.48 21.60 -27.17
CA PHE A 1120 48.16 20.18 -27.32
C PHE A 1120 47.56 19.63 -26.03
N GLU A 1121 48.09 20.04 -24.88
CA GLU A 1121 47.49 19.63 -23.62
C GLU A 1121 46.11 20.24 -23.43
N TYR A 1122 45.90 21.48 -23.91
CA TYR A 1122 44.56 22.05 -23.89
C TYR A 1122 43.61 21.24 -24.77
N LEU A 1123 44.08 20.82 -25.95
CA LEU A 1123 43.26 19.98 -26.82
C LEU A 1123 42.91 18.67 -26.15
N MET A 1124 43.86 18.08 -25.41
CA MET A 1124 43.56 16.81 -24.75
C MET A 1124 42.60 17.01 -23.57
N PHE A 1125 42.74 18.12 -22.85
CA PHE A 1125 41.75 18.52 -21.86
C PHE A 1125 40.35 18.58 -22.48
N ALA A 1126 40.23 19.28 -23.61
CA ALA A 1126 38.95 19.41 -24.28
C ALA A 1126 38.42 18.06 -24.74
N LEU A 1127 39.28 17.21 -25.29
CA LEU A 1127 38.84 15.90 -25.75
C LEU A 1127 38.37 15.03 -24.60
N ILE A 1128 39.04 15.12 -23.45
CA ILE A 1128 38.61 14.35 -22.28
C ILE A 1128 37.24 14.83 -21.80
N MET A 1129 37.05 16.15 -21.73
CA MET A 1129 35.75 16.67 -21.33
C MET A 1129 34.66 16.26 -22.32
N LEU A 1130 34.97 16.28 -23.61
CA LEU A 1130 34.02 15.83 -24.62
C LEU A 1130 33.68 14.36 -24.43
N ASN A 1131 34.68 13.54 -24.12
CA ASN A 1131 34.42 12.13 -23.85
C ASN A 1131 33.49 11.96 -22.66
N THR A 1132 33.71 12.73 -21.60
CA THR A 1132 32.81 12.66 -20.44
C THR A 1132 31.40 13.05 -20.82
N ILE A 1133 31.24 14.14 -21.57
CA ILE A 1133 29.90 14.58 -21.96
C ILE A 1133 29.22 13.54 -22.83
N CYS A 1134 29.99 12.86 -23.69
CA CYS A 1134 29.41 11.80 -24.50
C CYS A 1134 29.10 10.56 -23.68
N LEU A 1135 29.80 10.37 -22.56
CA LEU A 1135 29.51 9.25 -21.67
C LEU A 1135 28.30 9.51 -20.79
N GLY A 1136 27.97 10.78 -20.55
CA GLY A 1136 26.82 11.10 -19.75
C GLY A 1136 25.53 11.12 -20.55
N MET A 1137 25.66 11.25 -21.88
CA MET A 1137 24.49 11.39 -22.74
C MET A 1137 23.61 10.15 -22.76
N GLN A 1138 24.12 9.00 -22.34
CA GLN A 1138 23.38 7.76 -22.49
C GLN A 1138 22.18 7.72 -21.54
N HIS A 1139 21.16 6.97 -21.95
CA HIS A 1139 19.94 6.82 -21.17
C HIS A 1139 19.38 5.42 -21.46
N TYR A 1140 18.13 5.20 -21.07
CA TYR A 1140 17.50 3.89 -21.18
C TYR A 1140 16.24 3.99 -22.02
N HIS A 1141 16.10 3.07 -22.98
CA HIS A 1141 14.93 3.00 -23.86
C HIS A 1141 14.75 4.28 -24.65
N HIS A 1148 22.39 4.15 -32.10
CA HIS A 1148 23.70 3.51 -32.07
C HIS A 1148 24.81 4.55 -32.15
N ILE A 1149 24.74 5.55 -31.27
CA ILE A 1149 25.73 6.63 -31.25
C ILE A 1149 26.70 6.49 -30.09
N SER A 1150 26.55 5.47 -29.25
CA SER A 1150 27.50 5.20 -28.17
C SER A 1150 28.51 4.14 -28.55
N ASP A 1151 28.42 3.57 -29.75
CA ASP A 1151 29.31 2.51 -30.19
C ASP A 1151 30.45 2.99 -31.07
N ILE A 1152 30.25 4.07 -31.83
CA ILE A 1152 31.22 4.54 -32.80
C ILE A 1152 32.02 5.72 -32.27
N LEU A 1153 31.36 6.65 -31.57
CA LEU A 1153 32.09 7.77 -30.97
C LEU A 1153 33.11 7.27 -29.96
N ASN A 1154 32.81 6.17 -29.27
CA ASN A 1154 33.78 5.57 -28.36
C ASN A 1154 34.99 5.04 -29.13
N VAL A 1155 34.75 4.45 -30.30
CA VAL A 1155 35.87 3.99 -31.13
C VAL A 1155 36.71 5.18 -31.58
N ALA A 1156 36.06 6.27 -31.98
CA ALA A 1156 36.80 7.45 -32.39
C ALA A 1156 37.66 7.99 -31.25
N PHE A 1157 37.11 8.03 -30.04
CA PHE A 1157 37.86 8.55 -28.91
C PHE A 1157 39.02 7.63 -28.54
N THR A 1158 38.79 6.32 -28.58
CA THR A 1158 39.88 5.38 -28.35
C THR A 1158 40.99 5.57 -29.39
N ILE A 1159 40.60 5.85 -30.63
CA ILE A 1159 41.59 6.04 -31.69
C ILE A 1159 42.41 7.29 -31.43
N ILE A 1160 41.74 8.39 -31.08
CA ILE A 1160 42.48 9.62 -30.82
C ILE A 1160 43.41 9.47 -29.63
N PHE A 1161 42.98 8.75 -28.59
CA PHE A 1161 43.84 8.60 -27.42
C PHE A 1161 44.98 7.62 -27.67
N THR A 1162 44.77 6.60 -28.50
CA THR A 1162 45.88 5.75 -28.93
C THR A 1162 46.86 6.54 -29.79
N LEU A 1163 46.35 7.47 -30.61
CA LEU A 1163 47.22 8.38 -31.34
C LEU A 1163 48.10 9.19 -30.38
N GLU A 1164 47.47 9.77 -29.35
CA GLU A 1164 48.24 10.48 -28.33
C GLU A 1164 49.30 9.59 -27.72
N MET A 1165 48.94 8.35 -27.37
CA MET A 1165 49.89 7.43 -26.76
C MET A 1165 51.08 7.17 -27.69
N ILE A 1166 50.80 6.83 -28.95
CA ILE A 1166 51.87 6.54 -29.89
C ILE A 1166 52.76 7.75 -30.11
N LEU A 1167 52.15 8.93 -30.26
CA LEU A 1167 52.93 10.15 -30.45
C LEU A 1167 53.86 10.39 -29.28
N LYS A 1168 53.32 10.46 -28.06
CA LYS A 1168 54.17 10.69 -26.90
C LYS A 1168 55.18 9.57 -26.69
N LEU A 1169 54.92 8.38 -27.25
CA LEU A 1169 55.91 7.31 -27.23
C LEU A 1169 57.02 7.55 -28.25
N LEU A 1170 56.71 8.27 -29.33
CA LEU A 1170 57.73 8.51 -30.36
C LEU A 1170 58.61 9.70 -30.03
N ALA A 1171 58.12 10.64 -29.23
CA ALA A 1171 58.90 11.80 -28.82
C ALA A 1171 59.61 11.58 -27.49
N PHE A 1172 59.55 10.37 -26.95
CA PHE A 1172 60.28 10.03 -25.73
C PHE A 1172 61.02 8.70 -25.81
N LYS A 1173 60.79 7.90 -26.86
CA LYS A 1173 61.48 6.63 -27.07
C LYS A 1173 61.34 5.69 -25.89
N ALA A 1174 60.21 5.79 -25.18
CA ALA A 1174 59.90 4.98 -24.00
C ALA A 1174 60.84 5.31 -22.85
N ARG A 1175 61.78 6.22 -23.08
CA ARG A 1175 62.68 6.64 -22.01
C ARG A 1175 62.02 7.68 -21.11
N GLY A 1176 61.37 8.67 -21.70
CA GLY A 1176 60.65 9.67 -20.94
C GLY A 1176 59.16 9.41 -20.91
N TYR A 1177 58.72 8.31 -21.54
CA TYR A 1177 57.32 7.93 -21.48
C TYR A 1177 57.03 7.11 -20.23
N PHE A 1178 57.88 6.11 -19.96
CA PHE A 1178 57.72 5.30 -18.77
C PHE A 1178 58.52 5.83 -17.60
N GLY A 1179 58.79 7.14 -17.58
CA GLY A 1179 59.34 7.78 -16.41
C GLY A 1179 58.24 8.41 -15.56
N ASP A 1180 57.36 9.16 -16.21
CA ASP A 1180 56.26 9.81 -15.51
C ASP A 1180 55.18 8.78 -15.17
N PRO A 1181 54.78 8.66 -13.90
CA PRO A 1181 53.71 7.70 -13.56
C PRO A 1181 52.40 7.97 -14.27
N TRP A 1182 52.11 9.22 -14.62
CA TRP A 1182 50.84 9.51 -15.27
C TRP A 1182 50.80 8.90 -16.67
N ASN A 1183 51.92 8.82 -17.36
CA ASN A 1183 51.93 8.12 -18.64
C ASN A 1183 51.89 6.62 -18.44
N VAL A 1184 52.45 6.12 -17.34
CA VAL A 1184 52.27 4.72 -16.96
C VAL A 1184 50.79 4.40 -16.84
N PHE A 1185 50.02 5.30 -16.23
CA PHE A 1185 48.58 5.11 -16.10
C PHE A 1185 47.87 5.29 -17.44
N ASP A 1186 48.36 6.23 -18.26
CA ASP A 1186 47.78 6.46 -19.58
C ASP A 1186 47.87 5.22 -20.45
N PHE A 1187 49.02 4.53 -20.43
CA PHE A 1187 49.16 3.32 -21.23
C PHE A 1187 48.18 2.24 -20.79
N LEU A 1188 48.01 2.10 -19.48
CA LEU A 1188 47.01 1.17 -18.95
C LEU A 1188 45.63 1.49 -19.51
N ILE A 1189 45.22 2.75 -19.41
CA ILE A 1189 43.91 3.15 -19.91
C ILE A 1189 43.79 2.86 -21.40
N VAL A 1190 44.85 3.13 -22.16
CA VAL A 1190 44.81 2.94 -23.61
C VAL A 1190 44.59 1.48 -23.94
N ILE A 1191 45.40 0.59 -23.35
CA ILE A 1191 45.29 -0.82 -23.68
C ILE A 1191 43.95 -1.38 -23.22
N GLY A 1192 43.46 -0.93 -22.05
CA GLY A 1192 42.16 -1.38 -21.59
C GLY A 1192 41.04 -0.96 -22.53
N SER A 1193 41.09 0.29 -23.00
CA SER A 1193 40.04 0.74 -23.90
C SER A 1193 40.10 0.02 -25.24
N ILE A 1194 41.31 -0.28 -25.73
CA ILE A 1194 41.44 -1.02 -26.98
C ILE A 1194 40.85 -2.42 -26.83
N ILE A 1195 41.17 -3.09 -25.72
CA ILE A 1195 40.61 -4.42 -25.47
C ILE A 1195 39.09 -4.34 -25.37
N ASP A 1196 38.58 -3.28 -24.76
CA ASP A 1196 37.13 -3.09 -24.67
C ASP A 1196 36.51 -2.96 -26.06
N VAL A 1197 37.13 -2.17 -26.94
CA VAL A 1197 36.61 -2.03 -28.30
C VAL A 1197 36.65 -3.37 -29.02
N ILE A 1198 37.71 -4.15 -28.81
CA ILE A 1198 37.81 -5.46 -29.46
C ILE A 1198 36.68 -6.37 -28.99
N LEU A 1199 36.45 -6.40 -27.68
CA LEU A 1199 35.38 -7.25 -27.15
C LEU A 1199 34.01 -6.77 -27.62
N SER A 1200 33.81 -5.47 -27.77
CA SER A 1200 32.55 -4.96 -28.31
C SER A 1200 32.37 -5.35 -29.77
N GLU A 1201 33.46 -5.30 -30.54
CA GLU A 1201 33.43 -5.79 -31.91
C GLU A 1201 33.01 -7.26 -31.96
N ILE A 1202 33.58 -8.09 -31.08
CA ILE A 1202 33.19 -9.49 -31.02
C ILE A 1202 31.71 -9.62 -30.65
N ASP A 1203 31.26 -8.82 -29.67
CA ASP A 1203 29.84 -8.83 -29.29
C ASP A 1203 28.96 -8.57 -30.49
N THR A 1204 29.26 -7.54 -31.27
CA THR A 1204 28.48 -7.24 -32.46
C THR A 1204 28.68 -8.27 -33.56
N PHE A 1205 29.75 -9.06 -33.49
CA PHE A 1205 29.99 -10.09 -34.50
C PHE A 1205 29.04 -11.26 -34.32
N LEU A 1206 28.96 -11.80 -33.11
CA LEU A 1206 28.00 -12.85 -32.80
C LEU A 1206 26.95 -12.36 -31.80
N SER A 1232 31.50 -9.35 -19.75
CA SER A 1232 32.62 -8.43 -19.57
C SER A 1232 32.12 -7.00 -19.45
N ALA A 1233 31.14 -6.78 -18.57
CA ALA A 1233 30.59 -5.44 -18.40
C ALA A 1233 31.62 -4.49 -17.79
N PHE A 1234 32.48 -4.99 -16.91
CA PHE A 1234 33.42 -4.13 -16.21
C PHE A 1234 34.57 -3.65 -17.09
N PHE A 1235 34.78 -4.26 -18.25
CA PHE A 1235 35.81 -3.77 -19.16
C PHE A 1235 35.45 -2.44 -19.79
N ARG A 1236 34.22 -1.98 -19.61
CA ARG A 1236 33.84 -0.64 -20.06
C ARG A 1236 34.21 0.43 -19.05
N LEU A 1237 34.61 0.05 -17.84
CA LEU A 1237 35.02 1.03 -16.84
C LEU A 1237 36.29 1.77 -17.27
N PHE A 1238 37.05 1.22 -18.20
CA PHE A 1238 38.28 1.86 -18.64
C PHE A 1238 38.01 3.15 -19.41
N ARG A 1239 36.79 3.34 -19.91
CA ARG A 1239 36.47 4.60 -20.57
C ARG A 1239 36.13 5.69 -19.57
N VAL A 1240 35.57 5.34 -18.42
CA VAL A 1240 35.30 6.36 -17.40
C VAL A 1240 36.55 6.69 -16.61
N MET A 1241 37.54 5.79 -16.57
CA MET A 1241 38.81 6.11 -15.94
C MET A 1241 39.56 7.19 -16.69
N ARG A 1242 39.22 7.40 -17.97
CA ARG A 1242 39.93 8.36 -18.82
C ARG A 1242 39.89 9.77 -18.24
N LEU A 1243 38.93 10.07 -17.38
CA LEU A 1243 38.82 11.41 -16.82
C LEU A 1243 39.56 11.57 -15.50
N ILE A 1244 40.08 10.48 -14.93
CA ILE A 1244 40.89 10.62 -13.73
C ILE A 1244 42.20 11.36 -14.02
N LYS A 1245 42.70 11.27 -15.25
CA LYS A 1245 43.88 12.02 -15.63
C LYS A 1245 43.61 13.50 -15.83
N LEU A 1246 42.37 13.95 -15.59
CA LEU A 1246 42.08 15.38 -15.63
C LEU A 1246 42.85 16.13 -14.55
N LEU A 1247 43.28 15.44 -13.49
CA LEU A 1247 44.02 16.09 -12.42
C LEU A 1247 45.53 16.05 -12.65
N SER A 1248 45.96 15.93 -13.92
CA SER A 1248 47.36 16.16 -14.25
C SER A 1248 47.70 17.64 -14.20
N ARG A 1249 46.70 18.51 -14.35
CA ARG A 1249 46.86 19.95 -14.23
C ARG A 1249 46.30 20.50 -12.93
N ALA A 1250 45.73 19.64 -12.08
CA ALA A 1250 45.17 20.09 -10.81
C ALA A 1250 46.29 20.40 -9.83
N GLU A 1251 46.76 21.65 -9.82
CA GLU A 1251 47.90 22.01 -8.99
C GLU A 1251 47.56 21.93 -7.51
N GLY A 1252 46.35 22.32 -7.12
CA GLY A 1252 46.00 22.38 -5.73
C GLY A 1252 45.22 21.18 -5.22
N VAL A 1253 44.82 20.29 -6.14
CA VAL A 1253 44.07 19.10 -5.78
C VAL A 1253 44.96 17.87 -5.75
N ARG A 1254 45.84 17.72 -6.74
CA ARG A 1254 46.81 16.63 -6.70
C ARG A 1254 47.70 16.74 -5.47
N THR A 1255 48.08 17.97 -5.11
CA THR A 1255 48.88 18.18 -3.90
C THR A 1255 48.11 17.78 -2.66
N LEU A 1256 46.82 18.11 -2.59
CA LEU A 1256 46.00 17.72 -1.45
C LEU A 1256 45.88 16.21 -1.35
N LEU A 1257 45.71 15.53 -2.49
CA LEU A 1257 45.64 14.08 -2.48
C LEU A 1257 46.96 13.47 -2.03
N TRP A 1258 48.08 14.00 -2.54
CA TRP A 1258 49.39 13.58 -2.06
C TRP A 1258 49.49 13.71 -0.55
N THR A 1259 49.09 14.88 -0.02
CA THR A 1259 49.21 15.12 1.41
C THR A 1259 48.37 14.14 2.21
N PHE A 1260 47.11 13.95 1.83
CA PHE A 1260 46.21 13.10 2.60
C PHE A 1260 46.30 11.63 2.23
N ILE A 1261 47.22 11.26 1.34
CA ILE A 1261 47.50 9.87 1.04
C ILE A 1261 48.80 9.42 1.67
N LYS A 1262 49.83 10.27 1.66
CA LYS A 1262 51.08 9.98 2.34
C LYS A 1262 50.92 9.95 3.86
N SER A 1263 49.72 10.23 4.38
CA SER A 1263 49.45 10.16 5.80
C SER A 1263 48.58 8.99 6.20
N PHE A 1264 47.97 8.31 5.23
CA PHE A 1264 47.34 7.02 5.50
C PHE A 1264 48.33 5.87 5.39
N GLN A 1265 49.54 6.13 4.92
CA GLN A 1265 50.62 5.15 4.89
C GLN A 1265 51.59 5.33 6.05
N ALA A 1266 51.35 6.30 6.92
CA ALA A 1266 52.15 6.49 8.11
C ALA A 1266 51.53 5.87 9.36
N LEU A 1267 50.22 5.61 9.34
CA LEU A 1267 49.54 4.94 10.44
C LEU A 1267 48.71 3.78 9.89
N PRO A 1268 49.37 2.75 9.34
CA PRO A 1268 48.62 1.56 8.91
C PRO A 1268 48.15 0.71 10.07
N TYR A 1269 48.53 1.06 11.30
CA TYR A 1269 48.18 0.28 12.47
C TYR A 1269 46.89 0.76 13.12
N VAL A 1270 46.65 2.07 13.13
CA VAL A 1270 45.36 2.57 13.59
C VAL A 1270 44.25 2.04 12.69
N ALA A 1271 44.56 1.76 11.43
CA ALA A 1271 43.64 1.06 10.55
C ALA A 1271 43.70 -0.45 10.73
N LEU A 1272 44.67 -0.95 11.50
CA LEU A 1272 44.64 -2.36 11.88
C LEU A 1272 43.78 -2.59 13.11
N LEU A 1273 43.65 -1.59 13.98
CA LEU A 1273 42.76 -1.70 15.13
C LEU A 1273 41.32 -1.91 14.69
N ILE A 1274 40.86 -1.15 13.69
CA ILE A 1274 39.48 -1.29 13.22
C ILE A 1274 39.28 -2.63 12.55
N VAL A 1275 40.26 -3.11 11.79
CA VAL A 1275 40.14 -4.41 11.14
C VAL A 1275 40.06 -5.51 12.19
N MET A 1276 40.89 -5.43 13.23
CA MET A 1276 40.83 -6.40 14.31
C MET A 1276 39.48 -6.33 15.03
N LEU A 1277 38.93 -5.13 15.20
CA LEU A 1277 37.63 -4.99 15.84
C LEU A 1277 36.55 -5.67 15.02
N PHE A 1278 36.53 -5.40 13.70
CA PHE A 1278 35.54 -6.03 12.84
C PHE A 1278 35.68 -7.54 12.84
N PHE A 1279 36.92 -8.05 12.79
CA PHE A 1279 37.12 -9.49 12.79
C PHE A 1279 36.68 -10.12 14.11
N ILE A 1280 36.93 -9.43 15.22
CA ILE A 1280 36.57 -10.00 16.52
C ILE A 1280 35.07 -9.96 16.74
N TYR A 1281 34.39 -8.94 16.21
CA TYR A 1281 32.96 -8.84 16.41
C TYR A 1281 32.16 -9.69 15.44
N ALA A 1282 32.69 -9.90 14.23
CA ALA A 1282 31.94 -10.68 13.24
C ALA A 1282 31.77 -12.13 13.67
N VAL A 1283 32.80 -12.71 14.27
CA VAL A 1283 32.71 -14.12 14.67
C VAL A 1283 31.79 -14.29 15.87
N ILE A 1284 31.90 -13.37 16.84
CA ILE A 1284 30.97 -13.38 17.97
C ILE A 1284 29.54 -13.25 17.48
N GLY A 1285 29.30 -12.39 16.48
CA GLY A 1285 27.97 -12.28 15.91
C GLY A 1285 27.52 -13.56 15.23
N MET A 1286 28.40 -14.15 14.44
CA MET A 1286 28.07 -15.40 13.75
C MET A 1286 27.69 -16.49 14.73
N GLN A 1287 28.39 -16.56 15.87
CA GLN A 1287 28.10 -17.61 16.84
C GLN A 1287 26.84 -17.31 17.63
N MET A 1288 26.73 -16.10 18.20
CA MET A 1288 25.61 -15.79 19.08
C MET A 1288 24.29 -15.81 18.33
N PHE A 1289 24.12 -14.93 17.35
CA PHE A 1289 22.90 -14.85 16.55
C PHE A 1289 23.28 -15.24 15.12
N GLY A 1290 23.22 -16.54 14.82
CA GLY A 1290 23.59 -17.01 13.51
C GLY A 1290 22.57 -17.96 12.90
N LYS A 1291 21.58 -18.36 13.69
CA LYS A 1291 20.56 -19.31 13.23
C LYS A 1291 19.20 -18.65 13.04
N ILE A 1292 19.13 -17.33 13.12
CA ILE A 1292 17.85 -16.63 12.96
C ILE A 1292 17.38 -16.75 11.52
N ALA A 1293 16.09 -17.06 11.35
CA ALA A 1293 15.54 -17.26 10.02
C ALA A 1293 15.49 -15.96 9.24
N LEU A 1294 15.73 -16.06 7.94
CA LEU A 1294 15.77 -14.90 7.06
C LEU A 1294 14.38 -14.71 6.46
N VAL A 1295 13.53 -14.02 7.21
CA VAL A 1295 12.17 -13.72 6.80
C VAL A 1295 12.13 -12.29 6.27
N ASP A 1296 11.67 -12.13 5.04
CA ASP A 1296 11.58 -10.80 4.45
C ASP A 1296 10.52 -9.97 5.17
N GLY A 1297 10.73 -8.66 5.17
CA GLY A 1297 9.94 -7.76 5.98
C GLY A 1297 10.53 -7.46 7.34
N THR A 1298 11.53 -8.23 7.76
CA THR A 1298 12.24 -8.00 9.02
C THR A 1298 13.66 -7.57 8.70
N GLN A 1299 14.33 -7.03 9.71
CA GLN A 1299 15.67 -6.48 9.50
C GLN A 1299 16.75 -7.54 9.40
N ILE A 1300 16.41 -8.81 9.58
CA ILE A 1300 17.34 -9.91 9.32
C ILE A 1300 16.82 -10.66 8.11
N ASN A 1301 17.31 -10.30 6.92
CA ASN A 1301 16.79 -10.86 5.68
C ASN A 1301 17.91 -11.41 4.81
N ARG A 1302 17.60 -11.71 3.54
CA ARG A 1302 18.56 -12.34 2.66
C ARG A 1302 19.78 -11.47 2.40
N ASN A 1303 19.70 -10.16 2.65
CA ASN A 1303 20.82 -9.26 2.41
C ASN A 1303 21.49 -8.76 3.68
N ASN A 1304 20.92 -9.02 4.85
CA ASN A 1304 21.44 -8.50 6.11
C ASN A 1304 21.28 -9.61 7.15
N ASN A 1305 22.34 -10.40 7.34
CA ASN A 1305 22.27 -11.54 8.23
C ASN A 1305 23.68 -11.89 8.70
N PHE A 1306 23.74 -12.81 9.67
CA PHE A 1306 25.00 -13.32 10.20
C PHE A 1306 25.34 -14.70 9.68
N GLN A 1307 24.69 -15.14 8.59
CA GLN A 1307 24.88 -16.51 8.13
C GLN A 1307 26.32 -16.77 7.74
N THR A 1308 26.83 -16.07 6.74
CA THR A 1308 28.21 -16.22 6.33
C THR A 1308 29.07 -15.18 7.05
N PHE A 1309 30.36 -15.17 6.75
CA PHE A 1309 31.26 -14.18 7.34
C PHE A 1309 31.16 -12.84 6.61
N PRO A 1310 31.21 -12.80 5.27
CA PRO A 1310 31.06 -11.50 4.60
C PRO A 1310 29.75 -10.81 4.91
N GLN A 1311 28.66 -11.55 5.09
CA GLN A 1311 27.39 -10.92 5.44
C GLN A 1311 27.46 -10.31 6.85
N ALA A 1312 28.14 -10.99 7.77
CA ALA A 1312 28.31 -10.42 9.10
C ALA A 1312 29.15 -9.15 9.05
N VAL A 1313 30.21 -9.14 8.24
CA VAL A 1313 31.04 -7.95 8.15
C VAL A 1313 30.27 -6.81 7.49
N LEU A 1314 29.41 -7.13 6.53
CA LEU A 1314 28.61 -6.08 5.89
C LEU A 1314 27.59 -5.52 6.86
N LEU A 1315 26.97 -6.37 7.68
CA LEU A 1315 26.06 -5.88 8.70
C LEU A 1315 26.78 -4.99 9.69
N LEU A 1316 28.00 -5.36 10.08
CA LEU A 1316 28.77 -4.52 11.00
C LEU A 1316 29.13 -3.19 10.36
N PHE A 1317 29.46 -3.19 9.08
CA PHE A 1317 29.74 -1.94 8.38
C PHE A 1317 28.49 -1.06 8.31
N ARG A 1318 27.33 -1.68 8.08
CA ARG A 1318 26.08 -0.92 8.06
C ARG A 1318 25.81 -0.29 9.42
N CYS A 1319 25.99 -1.06 10.50
CA CYS A 1319 25.77 -0.50 11.84
C CYS A 1319 26.81 0.56 12.17
N ALA A 1320 28.03 0.44 11.65
CA ALA A 1320 29.06 1.43 11.93
C ALA A 1320 28.76 2.75 11.24
N THR A 1321 28.52 2.70 9.92
CA THR A 1321 28.26 3.93 9.17
C THR A 1321 26.99 4.64 9.62
N GLY A 1322 26.18 4.02 10.47
CA GLY A 1322 25.04 4.69 11.06
C GLY A 1322 23.73 4.49 10.34
N GLU A 1323 23.41 3.24 10.00
CA GLU A 1323 22.11 2.93 9.44
C GLU A 1323 21.16 2.55 10.58
N ALA A 1324 20.05 1.90 10.24
CA ALA A 1324 19.04 1.59 11.26
C ALA A 1324 19.52 0.45 12.15
N TRP A 1325 20.56 0.68 12.94
CA TRP A 1325 21.12 -0.37 13.77
C TRP A 1325 20.19 -0.74 14.92
N GLN A 1326 19.41 0.21 15.44
CA GLN A 1326 18.52 -0.10 16.54
C GLN A 1326 17.34 -0.94 16.11
N GLU A 1327 17.13 -1.14 14.81
CA GLU A 1327 16.11 -2.06 14.35
C GLU A 1327 16.65 -3.48 14.22
N ILE A 1328 17.90 -3.62 13.80
CA ILE A 1328 18.59 -4.91 13.88
C ILE A 1328 18.65 -5.36 15.33
N LEU A 1329 19.07 -4.46 16.23
CA LEU A 1329 19.17 -4.77 17.65
C LEU A 1329 17.89 -5.37 18.20
N LEU A 1330 16.75 -5.02 17.64
CA LEU A 1330 15.49 -5.61 18.03
C LEU A 1330 15.09 -6.78 17.14
N ALA A 1331 15.75 -6.96 16.01
CA ALA A 1331 15.45 -8.08 15.12
C ALA A 1331 16.17 -9.36 15.52
N CYS A 1332 17.09 -9.32 16.48
CA CYS A 1332 17.87 -10.47 16.88
C CYS A 1332 17.88 -10.62 18.40
N SER A 1333 16.71 -10.55 19.03
CA SER A 1333 16.63 -10.59 20.49
C SER A 1333 15.53 -11.57 20.96
N TYR A 1334 15.92 -12.83 21.14
CA TYR A 1334 15.21 -13.78 22.01
C TYR A 1334 13.75 -13.96 21.60
N GLY A 1335 13.55 -14.67 20.50
CA GLY A 1335 12.20 -15.04 20.12
C GLY A 1335 11.95 -15.10 18.63
N LYS A 1336 12.97 -14.79 17.85
CA LYS A 1336 12.85 -14.95 16.41
C LYS A 1336 12.81 -16.44 16.05
N LEU A 1337 12.33 -16.72 14.85
CA LEU A 1337 12.20 -18.10 14.39
C LEU A 1337 13.57 -18.63 13.97
N CYS A 1338 13.89 -19.83 14.43
CA CYS A 1338 15.12 -20.49 14.02
C CYS A 1338 14.94 -21.12 12.65
N ASP A 1339 15.90 -20.89 11.75
CA ASP A 1339 15.78 -21.42 10.41
C ASP A 1339 15.83 -22.94 10.44
N PRO A 1340 15.14 -23.61 9.52
CA PRO A 1340 14.93 -25.06 9.65
C PRO A 1340 16.21 -25.88 9.63
N GLU A 1341 17.26 -25.40 8.96
CA GLU A 1341 18.48 -26.19 8.85
C GLU A 1341 19.28 -26.25 10.14
N SER A 1342 18.78 -25.69 11.23
CA SER A 1342 19.44 -25.76 12.52
C SER A 1342 18.91 -26.99 13.28
N ASP A 1343 19.26 -27.09 14.56
CA ASP A 1343 18.82 -28.19 15.41
C ASP A 1343 17.92 -27.66 16.50
N TYR A 1344 16.72 -28.22 16.61
CA TYR A 1344 15.79 -27.84 17.67
C TYR A 1344 14.71 -28.90 17.78
N ALA A 1345 14.40 -29.29 19.01
CA ALA A 1345 13.31 -30.22 19.24
C ALA A 1345 11.98 -29.60 18.84
N PRO A 1346 11.01 -30.40 18.41
CA PRO A 1346 9.68 -29.86 18.11
C PRO A 1346 9.10 -29.15 19.32
N GLY A 1347 8.91 -27.84 19.18
CA GLY A 1347 8.48 -27.01 20.30
C GLY A 1347 9.51 -25.97 20.65
N GLU A 1348 10.78 -26.34 20.54
CA GLU A 1348 11.89 -25.42 20.82
C GLU A 1348 12.32 -24.69 19.56
N GLU A 1349 11.36 -24.08 18.87
CA GLU A 1349 11.63 -23.42 17.59
C GLU A 1349 11.84 -21.92 17.72
N TYR A 1350 11.12 -21.27 18.62
CA TYR A 1350 11.21 -19.81 18.78
C TYR A 1350 12.21 -19.48 19.89
N THR A 1351 13.45 -19.95 19.70
CA THR A 1351 14.50 -19.77 20.68
C THR A 1351 15.78 -19.22 20.06
N CYS A 1352 15.70 -18.60 18.88
CA CYS A 1352 16.88 -17.97 18.31
C CYS A 1352 17.04 -16.56 18.85
N GLY A 1353 18.26 -16.05 18.75
CA GLY A 1353 18.59 -14.76 19.31
C GLY A 1353 18.63 -14.77 20.82
N THR A 1354 19.24 -13.75 21.42
CA THR A 1354 19.34 -13.66 22.86
C THR A 1354 19.50 -12.20 23.26
N ASN A 1355 19.02 -11.88 24.46
CA ASN A 1355 19.09 -10.50 24.94
C ASN A 1355 20.51 -9.99 25.05
N PHE A 1356 21.51 -10.87 25.00
CA PHE A 1356 22.91 -10.45 24.90
C PHE A 1356 23.12 -9.46 23.75
N ALA A 1357 22.23 -9.47 22.76
CA ALA A 1357 22.30 -8.51 21.66
C ALA A 1357 22.40 -7.08 22.16
N TYR A 1358 21.72 -6.77 23.27
CA TYR A 1358 21.76 -5.40 23.78
C TYR A 1358 23.18 -5.01 24.19
N TYR A 1359 23.93 -5.95 24.77
CA TYR A 1359 25.32 -5.67 25.08
C TYR A 1359 26.23 -5.77 23.87
N TYR A 1360 25.75 -6.39 22.79
CA TYR A 1360 26.60 -6.61 21.62
C TYR A 1360 26.65 -5.39 20.73
N PHE A 1361 25.49 -4.79 20.45
CA PHE A 1361 25.44 -3.69 19.49
C PHE A 1361 25.87 -2.37 20.13
N ILE A 1362 25.32 -2.05 21.31
CA ILE A 1362 25.67 -0.81 22.00
C ILE A 1362 27.17 -0.67 22.10
N SER A 1363 27.83 -1.66 22.69
CA SER A 1363 29.28 -1.65 22.81
C SER A 1363 29.93 -1.41 21.45
N PHE A 1364 29.47 -2.13 20.42
CA PHE A 1364 30.08 -1.97 19.11
C PHE A 1364 29.95 -0.54 18.61
N TYR A 1365 28.82 0.12 18.91
CA TYR A 1365 28.70 1.49 18.44
C TYR A 1365 29.56 2.45 19.25
N MET A 1366 29.91 2.10 20.48
CA MET A 1366 30.83 2.95 21.22
C MET A 1366 32.23 2.81 20.64
N LEU A 1367 32.79 1.61 20.79
CA LEU A 1367 34.17 1.35 20.37
C LEU A 1367 34.43 1.86 18.97
N CYS A 1368 33.68 1.35 17.98
CA CYS A 1368 33.86 1.78 16.60
C CYS A 1368 33.90 3.30 16.49
N ALA A 1369 32.89 3.98 17.05
CA ALA A 1369 32.88 5.43 17.02
C ALA A 1369 34.20 5.98 17.56
N PHE A 1370 34.54 5.57 18.78
CA PHE A 1370 35.83 5.94 19.37
C PHE A 1370 36.97 5.71 18.39
N LEU A 1371 37.05 4.49 17.83
CA LEU A 1371 38.12 4.19 16.90
C LEU A 1371 38.05 5.11 15.68
N ILE A 1372 36.85 5.32 15.13
CA ILE A 1372 36.73 6.15 13.95
C ILE A 1372 37.13 7.58 14.26
N ILE A 1373 37.12 7.97 15.53
CA ILE A 1373 37.67 9.28 15.89
C ILE A 1373 39.18 9.26 15.76
N ASN A 1374 39.83 8.26 16.36
CA ASN A 1374 41.29 8.21 16.36
C ASN A 1374 41.85 8.26 14.95
N LEU A 1375 41.44 7.31 14.11
CA LEU A 1375 41.89 7.28 12.72
C LEU A 1375 41.64 8.61 12.03
N PHE A 1376 40.57 9.32 12.40
CA PHE A 1376 40.28 10.58 11.74
C PHE A 1376 41.14 11.72 12.29
N VAL A 1377 41.52 11.65 13.57
CA VAL A 1377 42.35 12.70 14.13
C VAL A 1377 43.84 12.37 14.03
N ALA A 1378 44.21 11.09 14.13
CA ALA A 1378 45.60 10.70 13.92
C ALA A 1378 46.11 11.13 12.55
N VAL A 1379 45.21 11.26 11.58
CA VAL A 1379 45.59 11.81 10.29
C VAL A 1379 45.60 13.33 10.34
N ILE A 1380 44.60 13.92 10.99
CA ILE A 1380 44.51 15.38 11.04
C ILE A 1380 45.71 15.95 11.78
N MET A 1381 46.14 15.29 12.87
CA MET A 1381 47.34 15.72 13.55
C MET A 1381 48.60 15.41 12.75
N ASP A 1382 48.55 14.43 11.85
CA ASP A 1382 49.73 14.06 11.09
C ASP A 1382 50.14 15.15 10.10
N ASN A 1383 49.18 15.93 9.61
CA ASN A 1383 49.44 16.90 8.56
C ASN A 1383 49.12 18.32 9.00
N PHE A 1384 49.29 18.62 10.29
CA PHE A 1384 49.10 20.00 10.74
C PHE A 1384 50.10 20.95 10.11
N ASP A 1385 51.16 20.43 9.48
CA ASP A 1385 52.00 21.26 8.64
C ASP A 1385 51.21 21.83 7.46
N TYR A 1386 50.66 20.94 6.63
CA TYR A 1386 49.93 21.39 5.45
C TYR A 1386 48.63 22.10 5.81
N LEU A 1387 47.92 21.60 6.83
CA LEU A 1387 46.65 22.21 7.21
C LEU A 1387 46.82 23.65 7.65
N THR A 1388 47.96 23.96 8.28
CA THR A 1388 48.28 25.32 8.70
C THR A 1388 49.59 25.71 8.01
N ARG A 1389 49.47 26.23 6.79
CA ARG A 1389 50.63 26.68 6.02
C ARG A 1389 50.31 28.03 5.42
N ASP A 1390 51.10 29.04 5.79
CA ASP A 1390 50.92 30.38 5.26
C ASP A 1390 51.53 30.44 3.86
N TRP A 1391 50.68 30.69 2.86
CA TRP A 1391 51.08 30.63 1.46
C TRP A 1391 51.74 31.90 0.96
N SER A 1392 52.22 32.75 1.86
CA SER A 1392 52.86 34.00 1.50
C SER A 1392 54.27 34.15 2.04
N ILE A 1393 54.57 33.60 3.21
CA ILE A 1393 55.86 33.81 3.85
C ILE A 1393 56.92 32.90 3.22
N LEU A 1394 56.76 31.59 3.35
CA LEU A 1394 57.68 30.63 2.77
C LEU A 1394 57.05 29.25 2.84
N GLY A 1395 57.09 28.52 1.73
CA GLY A 1395 56.50 27.21 1.66
C GLY A 1395 57.15 26.35 0.60
N PRO A 1396 57.13 25.03 0.79
CA PRO A 1396 57.76 24.13 -0.19
C PRO A 1396 57.16 24.23 -1.58
N HIS A 1397 56.08 25.00 -1.77
CA HIS A 1397 55.64 25.30 -3.13
C HIS A 1397 56.64 26.20 -3.84
N HIS A 1398 57.13 27.22 -3.15
CA HIS A 1398 58.20 28.06 -3.70
C HIS A 1398 59.42 27.22 -4.08
N LEU A 1399 59.84 26.34 -3.17
CA LEU A 1399 61.06 25.57 -3.42
C LEU A 1399 60.84 24.51 -4.47
N ASP A 1400 59.61 23.99 -4.62
CA ASP A 1400 59.34 23.06 -5.72
C ASP A 1400 59.33 23.79 -7.05
N GLU A 1401 58.80 25.02 -7.07
CA GLU A 1401 58.91 25.86 -8.27
C GLU A 1401 60.37 26.08 -8.63
N PHE A 1402 61.19 26.40 -7.64
CA PHE A 1402 62.62 26.58 -7.88
C PHE A 1402 63.26 25.30 -8.42
N LYS A 1403 62.92 24.15 -7.83
CA LYS A 1403 63.44 22.87 -8.30
C LYS A 1403 63.09 22.64 -9.76
N ALA A 1404 61.84 22.90 -10.13
CA ALA A 1404 61.42 22.70 -11.51
C ALA A 1404 62.09 23.69 -12.45
N ILE A 1405 62.34 24.91 -12.00
CA ILE A 1405 63.02 25.90 -12.85
C ILE A 1405 64.49 25.55 -12.99
N TRP A 1406 65.05 24.83 -12.02
CA TRP A 1406 66.47 24.46 -12.09
C TRP A 1406 66.74 23.57 -13.29
N ALA A 1407 65.99 22.47 -13.43
CA ALA A 1407 66.17 21.55 -14.54
C ALA A 1407 65.74 22.13 -15.87
N GLU A 1408 65.10 23.31 -15.87
CA GLU A 1408 64.71 23.94 -17.13
C GLU A 1408 65.92 24.23 -18.00
N TYR A 1409 67.03 24.63 -17.39
CA TYR A 1409 68.29 24.81 -18.11
C TYR A 1409 69.25 23.64 -17.95
N ASP A 1410 69.07 22.83 -16.90
CA ASP A 1410 69.98 21.73 -16.61
C ASP A 1410 69.35 20.43 -17.08
N PRO A 1411 69.82 19.82 -18.17
CA PRO A 1411 69.19 18.60 -18.68
C PRO A 1411 69.18 17.46 -17.68
N GLU A 1412 70.35 17.04 -17.22
CA GLU A 1412 70.50 16.00 -16.22
C GLU A 1412 70.98 16.64 -14.92
N ALA A 1413 71.26 15.81 -13.91
CA ALA A 1413 71.72 16.33 -12.64
C ALA A 1413 73.04 17.06 -12.78
N LYS A 1414 74.10 16.32 -13.10
CA LYS A 1414 75.46 16.86 -13.30
C LYS A 1414 75.84 17.86 -12.21
N GLY A 1415 75.39 17.61 -10.98
CA GLY A 1415 75.68 18.52 -9.88
C GLY A 1415 75.13 19.90 -10.15
N ARG A 1416 75.91 20.92 -9.74
CA ARG A 1416 75.57 22.29 -10.07
C ARG A 1416 75.87 22.56 -11.54
N ILE A 1417 75.43 23.72 -12.03
CA ILE A 1417 75.66 24.12 -13.41
C ILE A 1417 76.58 25.33 -13.42
N LYS A 1418 76.96 25.78 -14.61
CA LYS A 1418 77.84 26.93 -14.71
C LYS A 1418 77.16 28.19 -14.16
N HIS A 1419 77.98 29.12 -13.68
CA HIS A 1419 77.48 30.29 -12.97
C HIS A 1419 76.67 31.21 -13.86
N LEU A 1420 76.77 31.07 -15.19
CA LEU A 1420 75.94 31.88 -16.08
C LEU A 1420 74.46 31.66 -15.81
N ASP A 1421 74.04 30.40 -15.68
CA ASP A 1421 72.68 30.09 -15.31
C ASP A 1421 72.66 29.54 -13.88
N VAL A 1423 73.13 32.54 -12.96
CA VAL A 1423 72.65 33.83 -12.47
C VAL A 1423 71.50 34.31 -13.37
N THR A 1424 71.53 33.91 -14.64
CA THR A 1424 70.48 34.31 -15.57
C THR A 1424 69.13 33.70 -15.20
N LEU A 1425 69.10 32.59 -14.47
CA LEU A 1425 67.86 32.02 -13.99
C LEU A 1425 67.42 32.62 -12.65
N LEU A 1426 68.36 33.17 -11.89
CA LEU A 1426 68.00 33.84 -10.64
C LEU A 1426 67.02 34.98 -10.86
N ARG A 1427 67.00 35.56 -12.06
CA ARG A 1427 66.01 36.59 -12.39
C ARG A 1427 64.62 36.02 -12.62
N ARG A 1428 64.44 34.70 -12.50
CA ARG A 1428 63.13 34.07 -12.62
C ARG A 1428 62.54 33.64 -11.29
N ILE A 1429 63.35 33.56 -10.24
CA ILE A 1429 62.82 33.23 -8.91
C ILE A 1429 62.15 34.46 -8.32
N GLN A 1430 61.35 34.23 -7.28
CA GLN A 1430 60.52 35.28 -6.71
C GLN A 1430 61.15 35.84 -5.45
N PRO A 1431 60.79 37.07 -5.08
CA PRO A 1431 61.32 37.68 -3.85
C PRO A 1431 61.14 36.80 -2.63
N PRO A 1432 60.02 36.04 -2.49
CA PRO A 1432 59.92 35.08 -1.38
C PRO A 1432 61.09 34.12 -1.29
N LEU A 1433 61.83 33.95 -2.37
CA LEU A 1433 63.04 33.14 -2.37
C LEU A 1433 64.30 33.92 -2.72
N GLY A 1434 64.19 35.00 -3.49
CA GLY A 1434 65.34 35.81 -3.85
C GLY A 1434 64.98 37.21 -4.31
N MET B 1 69.07 -3.32 -10.74
CA MET B 1 69.66 -3.70 -9.45
C MET B 1 68.70 -3.37 -8.31
N SER B 2 68.49 -2.08 -8.08
CA SER B 2 67.56 -1.67 -7.02
C SER B 2 66.13 -2.13 -7.31
N PRO B 3 65.55 -1.87 -8.50
CA PRO B 3 64.20 -2.37 -8.77
C PRO B 3 64.20 -3.70 -9.51
N THR B 4 65.37 -4.16 -9.95
CA THR B 4 65.47 -5.38 -10.74
C THR B 4 66.05 -6.56 -9.98
N GLU B 5 66.84 -6.32 -8.92
CA GLU B 5 67.47 -7.41 -8.19
C GLU B 5 67.14 -7.39 -6.71
N ALA B 6 66.24 -6.51 -6.27
CA ALA B 6 65.76 -6.58 -4.90
C ALA B 6 65.02 -7.92 -4.69
N PRO B 7 65.00 -8.43 -3.47
CA PRO B 7 64.35 -9.74 -3.25
C PRO B 7 62.87 -9.74 -3.56
N LYS B 8 62.15 -8.66 -3.21
CA LYS B 8 60.70 -8.66 -3.35
C LYS B 8 60.28 -8.73 -4.82
N VAL B 9 60.85 -7.87 -5.66
CA VAL B 9 60.51 -7.90 -7.08
C VAL B 9 60.91 -9.23 -7.71
N ARG B 10 62.02 -9.80 -7.24
CA ARG B 10 62.48 -11.09 -7.78
C ARG B 10 61.50 -12.20 -7.46
N VAL B 11 61.06 -12.29 -6.20
CA VAL B 11 60.12 -13.35 -5.85
C VAL B 11 58.77 -13.10 -6.49
N THR B 12 58.40 -11.83 -6.70
CA THR B 12 57.14 -11.56 -7.38
C THR B 12 57.19 -12.01 -8.83
N LEU B 13 58.30 -11.77 -9.53
CA LEU B 13 58.43 -12.28 -10.89
C LEU B 13 58.48 -13.80 -10.91
N PHE B 14 59.12 -14.41 -9.90
CA PHE B 14 59.11 -15.86 -9.79
C PHE B 14 57.71 -16.40 -9.60
N CYS B 15 56.84 -15.63 -8.93
CA CYS B 15 55.45 -16.06 -8.78
C CYS B 15 54.67 -15.87 -10.08
N ILE B 16 54.92 -14.77 -10.80
CA ILE B 16 54.13 -14.53 -12.01
C ILE B 16 54.52 -15.50 -13.11
N LEU B 17 55.76 -15.99 -13.14
CA LEU B 17 56.09 -16.98 -14.17
C LEU B 17 55.37 -18.30 -13.92
N VAL B 18 55.25 -18.71 -12.65
CA VAL B 18 54.40 -19.84 -12.33
C VAL B 18 52.96 -19.55 -12.70
N GLY B 19 52.51 -18.31 -12.49
CA GLY B 19 51.20 -17.92 -12.96
C GLY B 19 51.02 -18.15 -14.45
N ILE B 20 52.04 -17.81 -15.24
CA ILE B 20 51.96 -17.99 -16.69
C ILE B 20 51.91 -19.46 -17.05
N VAL B 21 52.72 -20.30 -16.39
CA VAL B 21 52.71 -21.71 -16.77
C VAL B 21 51.39 -22.37 -16.36
N LEU B 22 50.84 -21.99 -15.20
CA LEU B 22 49.51 -22.50 -14.84
C LEU B 22 48.43 -21.97 -15.77
N ALA B 23 48.59 -20.75 -16.30
CA ALA B 23 47.66 -20.27 -17.31
C ALA B 23 47.75 -21.12 -18.57
N MET B 24 48.97 -21.49 -18.97
CA MET B 24 49.13 -22.40 -20.11
C MET B 24 48.42 -23.72 -19.85
N THR B 25 48.61 -24.30 -18.67
CA THR B 25 47.92 -25.54 -18.31
C THR B 25 46.41 -25.37 -18.40
N ALA B 26 45.86 -24.40 -17.66
CA ALA B 26 44.42 -24.17 -17.67
C ALA B 26 43.90 -23.88 -19.08
N VAL B 27 44.77 -23.44 -19.99
CA VAL B 27 44.36 -23.31 -21.39
C VAL B 27 44.28 -24.69 -22.04
N VAL B 28 45.29 -25.54 -21.80
CA VAL B 28 45.30 -26.85 -22.45
C VAL B 28 44.56 -27.90 -21.64
N SER B 29 44.58 -27.82 -20.31
CA SER B 29 43.94 -28.84 -19.48
C SER B 29 42.43 -28.67 -19.51
N ASP B 30 41.77 -29.36 -20.44
CA ASP B 30 40.34 -29.23 -20.65
C ASP B 30 39.62 -30.27 -19.79
N HIS B 31 39.12 -29.82 -18.64
CA HIS B 31 38.35 -30.67 -17.74
C HIS B 31 37.24 -29.88 -17.07
N SER B 104 30.66 -18.67 -24.89
CA SER B 104 30.57 -20.03 -25.39
C SER B 104 31.53 -20.24 -26.57
N ILE B 105 31.36 -19.44 -27.62
CA ILE B 105 32.24 -19.55 -28.77
C ILE B 105 33.38 -18.54 -28.68
N SER B 106 33.15 -17.37 -28.09
CA SER B 106 34.20 -16.39 -27.89
C SER B 106 35.16 -16.75 -26.77
N ALA B 107 34.94 -17.89 -26.10
CA ALA B 107 35.83 -18.31 -25.02
C ALA B 107 37.24 -18.62 -25.50
N ALA B 108 37.44 -18.76 -26.81
CA ALA B 108 38.76 -19.03 -27.36
C ALA B 108 39.47 -17.76 -27.81
N ALA B 109 38.73 -16.78 -28.32
CA ALA B 109 39.35 -15.54 -28.77
C ALA B 109 39.93 -14.76 -27.59
N ILE B 110 39.18 -14.69 -26.48
CA ILE B 110 39.68 -14.02 -25.29
C ILE B 110 40.94 -14.74 -24.78
N SER B 111 40.96 -16.07 -24.90
CA SER B 111 42.10 -16.84 -24.40
C SER B 111 43.34 -16.62 -25.27
N VAL B 112 43.17 -16.63 -26.59
CA VAL B 112 44.34 -16.40 -27.45
C VAL B 112 44.81 -14.95 -27.31
N PHE B 113 43.89 -14.01 -27.06
CA PHE B 113 44.30 -12.65 -26.79
C PHE B 113 45.12 -12.56 -25.50
N SER B 114 44.69 -13.25 -24.44
CA SER B 114 45.46 -13.28 -23.21
C SER B 114 46.83 -13.91 -23.42
N LEU B 115 46.89 -14.95 -24.26
CA LEU B 115 48.17 -15.59 -24.56
C LEU B 115 49.10 -14.64 -25.28
N GLY B 116 48.58 -13.92 -26.28
CA GLY B 116 49.38 -12.91 -26.95
C GLY B 116 49.82 -11.81 -26.02
N PHE B 117 48.99 -11.47 -25.03
CA PHE B 117 49.40 -10.50 -24.02
C PHE B 117 50.55 -11.04 -23.19
N LEU B 118 50.49 -12.32 -22.80
CA LEU B 118 51.60 -12.92 -22.08
C LEU B 118 52.89 -12.88 -22.89
N ILE B 119 52.81 -13.17 -24.18
CA ILE B 119 54.00 -13.11 -25.04
C ILE B 119 54.53 -11.69 -25.11
N MET B 120 53.64 -10.73 -25.39
CA MET B 120 54.07 -9.34 -25.53
C MET B 120 54.62 -8.79 -24.22
N GLY B 121 54.17 -9.32 -23.09
CA GLY B 121 54.68 -8.92 -21.80
C GLY B 121 56.05 -9.50 -21.53
N THR B 122 56.20 -10.81 -21.73
CA THR B 122 57.49 -11.43 -21.46
C THR B 122 58.58 -10.98 -22.42
N ILE B 123 58.20 -10.54 -23.63
CA ILE B 123 59.19 -10.01 -24.56
C ILE B 123 59.97 -8.87 -23.92
N CYS B 124 59.26 -7.88 -23.39
CA CYS B 124 59.88 -6.75 -22.73
C CYS B 124 60.23 -7.02 -21.28
N ALA B 125 59.71 -8.10 -20.69
CA ALA B 125 60.05 -8.42 -19.31
C ALA B 125 61.36 -9.18 -19.19
N LEU B 126 61.77 -9.88 -20.25
CA LEU B 126 63.08 -10.51 -20.24
C LEU B 126 64.18 -9.50 -20.55
N MET B 127 64.00 -8.71 -21.61
CA MET B 127 64.96 -7.67 -22.00
C MET B 127 65.02 -6.51 -21.03
N ALA B 128 64.25 -6.53 -19.93
CA ALA B 128 64.34 -5.45 -18.95
C ALA B 128 65.57 -5.60 -18.07
N PHE B 129 65.98 -6.83 -17.77
CA PHE B 129 67.20 -7.05 -16.99
C PHE B 129 68.43 -6.52 -17.72
N ARG B 130 68.70 -7.07 -18.89
CA ARG B 130 69.91 -6.74 -19.62
C ARG B 130 69.87 -5.30 -20.12
N LYS B 131 71.05 -4.78 -20.46
CA LYS B 131 71.24 -3.42 -20.98
C LYS B 131 70.85 -2.35 -19.98
N LYS B 132 70.48 -2.73 -18.75
CA LYS B 132 69.99 -1.81 -17.73
C LYS B 132 68.76 -1.05 -18.20
N ARG B 133 68.02 -1.62 -19.15
CA ARG B 133 66.76 -1.06 -19.61
C ARG B 133 65.63 -1.43 -18.64
N ASP B 134 65.78 -0.95 -17.40
CA ASP B 134 64.87 -1.35 -16.33
C ASP B 134 63.46 -0.79 -16.52
N TYR B 135 63.32 0.39 -17.14
CA TYR B 135 62.02 1.04 -17.20
C TYR B 135 60.97 0.15 -17.88
N LEU B 136 61.39 -0.76 -18.76
CA LEU B 136 60.46 -1.63 -19.45
C LEU B 136 59.76 -2.62 -18.51
N LEU B 137 60.16 -2.69 -17.24
CA LEU B 137 59.39 -3.44 -16.26
C LEU B 137 58.03 -2.82 -16.01
N ARG B 138 57.87 -1.53 -16.32
CA ARG B 138 56.56 -0.88 -16.11
C ARG B 138 55.53 -1.37 -17.12
N PRO B 139 55.75 -1.31 -18.42
CA PRO B 139 54.72 -1.82 -19.34
C PRO B 139 54.48 -3.31 -19.20
N ALA B 140 55.54 -4.10 -19.06
CA ALA B 140 55.41 -5.56 -19.00
C ALA B 140 54.34 -5.99 -18.01
N SER B 141 54.44 -5.53 -16.77
CA SER B 141 53.46 -5.88 -15.74
C SER B 141 52.04 -5.69 -16.25
N MET B 142 51.76 -4.54 -16.86
CA MET B 142 50.42 -4.27 -17.38
C MET B 142 49.93 -5.42 -18.25
N PHE B 143 50.75 -5.83 -19.22
CA PHE B 143 50.37 -6.94 -20.08
C PHE B 143 50.00 -8.14 -19.24
N TYR B 144 50.87 -8.52 -18.31
CA TYR B 144 50.55 -9.60 -17.38
C TYR B 144 49.21 -9.35 -16.72
N VAL B 145 49.06 -8.18 -16.10
CA VAL B 145 47.78 -7.79 -15.51
C VAL B 145 46.64 -8.05 -16.48
N PHE B 146 46.77 -7.50 -17.69
CA PHE B 146 45.68 -7.64 -18.66
C PHE B 146 45.46 -9.09 -19.02
N ALA B 147 46.55 -9.86 -19.15
CA ALA B 147 46.42 -11.31 -19.32
C ALA B 147 45.43 -11.87 -18.31
N GLY B 148 45.71 -11.65 -17.02
CA GLY B 148 44.76 -12.07 -16.00
C GLY B 148 43.38 -11.51 -16.23
N LEU B 149 43.31 -10.19 -16.46
CA LEU B 149 42.01 -9.55 -16.65
C LEU B 149 41.28 -10.13 -17.86
N CYS B 150 42.02 -10.67 -18.83
CA CYS B 150 41.34 -11.35 -19.93
C CYS B 150 40.83 -12.72 -19.49
N LEU B 151 41.69 -13.51 -18.83
CA LEU B 151 41.32 -14.87 -18.47
C LEU B 151 40.05 -14.89 -17.62
N PHE B 152 39.99 -14.02 -16.61
CA PHE B 152 38.80 -13.90 -15.78
C PHE B 152 37.53 -13.80 -16.62
N VAL B 153 37.57 -12.98 -17.67
CA VAL B 153 36.42 -12.85 -18.57
C VAL B 153 36.01 -14.23 -19.09
N SER B 154 36.96 -14.93 -19.71
CA SER B 154 36.70 -16.30 -20.16
C SER B 154 36.11 -17.13 -19.04
N LEU B 155 36.67 -17.00 -17.84
CA LEU B 155 36.14 -17.70 -16.67
C LEU B 155 34.62 -17.53 -16.60
N GLU B 156 34.15 -16.27 -16.59
CA GLU B 156 32.72 -16.03 -16.51
C GLU B 156 31.98 -16.68 -17.68
N VAL B 157 32.53 -16.54 -18.89
CA VAL B 157 31.82 -17.09 -20.04
C VAL B 157 31.77 -18.60 -19.98
N MET B 158 32.63 -19.22 -19.17
CA MET B 158 32.45 -20.63 -18.87
C MET B 158 31.26 -20.82 -17.92
N ARG B 159 31.30 -20.14 -16.78
CA ARG B 159 30.24 -20.27 -15.78
C ARG B 159 28.87 -20.02 -16.39
N GLN B 160 28.72 -18.92 -17.12
CA GLN B 160 27.44 -18.61 -17.76
C GLN B 160 27.04 -19.70 -18.74
N SER B 161 28.01 -20.25 -19.47
CA SER B 161 27.69 -21.35 -20.38
C SER B 161 27.15 -22.55 -19.64
N VAL B 162 27.59 -22.76 -18.40
CA VAL B 162 27.00 -23.81 -17.57
C VAL B 162 25.55 -23.48 -17.25
N LYS B 163 25.26 -22.21 -16.97
CA LYS B 163 23.88 -21.77 -16.84
C LYS B 163 23.23 -21.50 -18.19
N ARG B 164 23.89 -21.90 -19.29
CA ARG B 164 23.32 -21.78 -20.62
C ARG B 164 23.30 -23.08 -21.41
N MET B 165 24.31 -23.94 -21.24
CA MET B 165 24.33 -25.24 -21.90
C MET B 165 24.76 -26.33 -20.93
N ILE B 174 19.97 -31.80 -13.33
CA ILE B 174 21.36 -31.79 -13.78
C ILE B 174 22.25 -31.25 -12.66
N GLU B 175 23.49 -31.74 -12.64
CA GLU B 175 24.47 -31.32 -11.64
C GLU B 175 25.78 -31.00 -12.35
N TYR B 176 26.42 -29.91 -11.93
CA TYR B 176 27.70 -29.50 -12.50
C TYR B 176 28.67 -29.20 -11.36
N TYR B 177 29.95 -29.12 -11.71
CA TYR B 177 30.99 -28.72 -10.76
C TYR B 177 32.16 -28.16 -11.56
N TYR B 178 33.13 -27.63 -10.83
CA TYR B 178 34.30 -26.98 -11.42
C TYR B 178 35.52 -27.86 -11.17
N SER B 179 35.87 -28.66 -12.17
CA SER B 179 37.00 -29.59 -12.09
C SER B 179 38.33 -28.87 -12.32
N TRP B 180 39.38 -29.64 -12.57
CA TRP B 180 40.75 -29.14 -12.72
C TRP B 180 40.84 -27.81 -13.46
N SER B 181 40.21 -27.73 -14.64
CA SER B 181 40.34 -26.56 -15.49
C SER B 181 39.95 -25.29 -14.75
N PHE B 182 38.74 -25.27 -14.19
CA PHE B 182 38.23 -24.04 -13.58
C PHE B 182 39.01 -23.66 -12.33
N ALA B 183 39.41 -24.64 -11.52
CA ALA B 183 40.15 -24.33 -10.31
C ALA B 183 41.53 -23.79 -10.64
N CYS B 184 42.20 -24.40 -11.63
CA CYS B 184 43.50 -23.90 -12.06
C CYS B 184 43.37 -22.49 -12.64
N ALA B 185 42.29 -22.22 -13.36
CA ALA B 185 42.09 -20.88 -13.92
C ALA B 185 41.82 -19.87 -12.82
N CYS B 186 41.02 -20.25 -11.81
CA CYS B 186 40.72 -19.34 -10.72
C CYS B 186 41.94 -19.08 -9.84
N ALA B 187 42.88 -20.03 -9.80
CA ALA B 187 44.13 -19.76 -9.11
C ALA B 187 45.05 -18.88 -9.95
N ALA B 188 45.16 -19.18 -11.24
CA ALA B 188 46.06 -18.44 -12.12
C ALA B 188 45.62 -16.99 -12.25
N PHE B 189 44.31 -16.74 -12.28
CA PHE B 189 43.84 -15.36 -12.38
C PHE B 189 44.34 -14.54 -11.21
N VAL B 190 44.10 -15.01 -9.98
CA VAL B 190 44.52 -14.27 -8.80
C VAL B 190 46.04 -14.13 -8.77
N LEU B 191 46.75 -15.20 -9.09
CA LEU B 191 48.21 -15.14 -9.03
C LEU B 191 48.76 -14.13 -10.02
N LEU B 192 48.40 -14.27 -11.30
CA LEU B 192 48.86 -13.34 -12.33
C LEU B 192 48.47 -11.91 -12.00
N PHE B 193 47.21 -11.68 -11.63
CA PHE B 193 46.73 -10.33 -11.38
C PHE B 193 47.47 -9.68 -10.23
N LEU B 194 47.46 -10.32 -9.05
CA LEU B 194 48.11 -9.71 -7.89
C LEU B 194 49.61 -9.59 -8.09
N GLY B 195 50.23 -10.56 -8.77
CA GLY B 195 51.64 -10.46 -9.04
C GLY B 195 51.97 -9.31 -9.97
N GLY B 196 51.15 -9.10 -11.00
CA GLY B 196 51.38 -7.98 -11.88
C GLY B 196 51.19 -6.65 -11.20
N ILE B 197 50.16 -6.53 -10.36
CA ILE B 197 49.95 -5.29 -9.63
C ILE B 197 51.09 -5.03 -8.67
N SER B 198 51.54 -6.05 -7.94
CA SER B 198 52.65 -5.87 -7.02
C SER B 198 53.95 -5.55 -7.77
N LEU B 199 54.13 -6.16 -8.95
CA LEU B 199 55.31 -5.85 -9.77
C LEU B 199 55.27 -4.40 -10.24
N LEU B 200 54.08 -3.93 -10.61
CA LEU B 200 53.94 -2.53 -11.02
C LEU B 200 54.25 -1.59 -9.87
N LEU B 201 53.74 -1.89 -8.67
CA LEU B 201 54.01 -1.02 -7.53
C LEU B 201 55.45 -1.11 -7.06
N PHE B 202 56.12 -2.24 -7.30
CA PHE B 202 57.53 -2.36 -6.95
C PHE B 202 58.43 -1.70 -7.97
N SER B 203 57.98 -1.62 -9.23
CA SER B 203 58.75 -0.94 -10.26
C SER B 203 58.52 0.56 -10.23
N LEU B 204 57.31 1.01 -9.90
CA LEU B 204 57.05 2.43 -9.78
C LEU B 204 57.94 3.02 -8.69
N PRO B 205 58.49 4.23 -8.88
CA PRO B 205 59.63 4.67 -8.08
C PRO B 205 59.38 4.70 -6.58
N ARG B 206 58.44 5.54 -6.13
CA ARG B 206 58.22 5.71 -4.70
C ARG B 206 57.05 6.62 -4.38
N MET B 207 56.38 6.37 -3.26
CA MET B 207 55.51 7.37 -2.67
C MET B 207 56.34 8.32 -1.83
N PRO B 208 56.38 9.62 -2.14
CA PRO B 208 57.33 10.52 -1.48
C PRO B 208 57.37 10.45 0.04
N GLN B 209 56.24 10.66 0.69
CA GLN B 209 56.15 10.68 2.15
C GLN B 209 57.08 11.71 2.78
N ASN B 210 57.49 12.71 2.01
CA ASN B 210 58.37 13.77 2.49
C ASN B 210 58.22 14.96 1.57
N PRO B 211 58.27 16.19 2.10
CA PRO B 211 57.93 17.37 1.27
C PRO B 211 58.90 17.63 0.13
N TRP B 212 60.09 17.04 0.14
CA TRP B 212 61.07 17.32 -0.91
C TRP B 212 61.17 16.23 -1.96
N GLU B 213 60.58 15.07 -1.73
CA GLU B 213 60.67 13.99 -2.69
C GLU B 213 59.61 14.14 -3.77
N SER B 214 59.80 13.40 -4.86
CA SER B 214 58.86 13.43 -5.97
C SER B 214 59.06 12.19 -6.83
N CYS B 215 57.99 11.78 -7.50
CA CYS B 215 58.11 10.72 -8.49
C CYS B 215 58.99 11.19 -9.65
N MET B 216 59.55 10.22 -10.37
CA MET B 216 60.44 10.48 -11.51
C MET B 216 61.63 11.33 -11.07
N ASP B 217 62.44 10.72 -10.21
CA ASP B 217 63.66 11.32 -9.72
C ASP B 217 64.85 10.43 -10.04
N ALA B 218 66.05 11.00 -9.95
CA ALA B 218 67.27 10.32 -10.35
C ALA B 218 67.74 9.41 -9.21
N GLU B 219 67.59 8.10 -9.40
CA GLU B 219 68.07 7.10 -8.46
C GLU B 219 67.50 7.30 -7.06
N PHE C 29 -41.14 -14.01 -62.84
CA PHE C 29 -41.69 -14.09 -61.48
C PHE C 29 -43.16 -14.48 -61.52
N PRO C 30 -43.54 -15.46 -60.71
CA PRO C 30 -44.92 -15.95 -60.73
C PRO C 30 -45.93 -14.87 -60.38
N SER C 31 -47.19 -15.15 -60.66
CA SER C 31 -48.29 -14.26 -60.35
C SER C 31 -48.80 -14.53 -58.94
N ALA C 32 -49.81 -13.76 -58.52
CA ALA C 32 -50.34 -13.91 -57.18
C ALA C 32 -51.18 -15.17 -57.03
N VAL C 33 -51.87 -15.59 -58.10
CA VAL C 33 -52.78 -16.72 -57.99
C VAL C 33 -52.01 -18.03 -57.91
N THR C 34 -50.94 -18.16 -58.69
CA THR C 34 -50.15 -19.39 -58.62
C THR C 34 -49.39 -19.50 -57.30
N ILE C 35 -48.91 -18.38 -56.77
CA ILE C 35 -48.30 -18.39 -55.45
C ILE C 35 -49.32 -18.77 -54.39
N LYS C 36 -50.52 -18.18 -54.46
CA LYS C 36 -51.58 -18.56 -53.55
C LYS C 36 -51.92 -20.04 -53.67
N SER C 37 -51.82 -20.60 -54.87
CA SER C 37 -52.08 -22.03 -55.04
C SER C 37 -51.00 -22.88 -54.39
N TRP C 38 -49.73 -22.51 -54.59
CA TRP C 38 -48.64 -23.19 -53.88
C TRP C 38 -48.87 -23.17 -52.38
N VAL C 39 -49.24 -22.00 -51.84
CA VAL C 39 -49.44 -21.87 -50.41
C VAL C 39 -50.63 -22.70 -49.94
N ASP C 40 -51.70 -22.72 -50.73
CA ASP C 40 -52.86 -23.53 -50.37
C ASP C 40 -52.52 -25.00 -50.34
N LYS C 41 -51.73 -25.47 -51.31
CA LYS C 41 -51.27 -26.85 -51.32
C LYS C 41 -50.46 -27.16 -50.07
N MET C 42 -49.49 -26.30 -49.75
CA MET C 42 -48.63 -26.53 -48.59
C MET C 42 -49.45 -26.56 -47.31
N GLN C 43 -50.41 -25.64 -47.17
CA GLN C 43 -51.18 -25.58 -45.93
C GLN C 43 -52.16 -26.74 -45.83
N GLU C 44 -52.73 -27.17 -46.95
CA GLU C 44 -53.63 -28.31 -46.93
C GLU C 44 -52.89 -29.62 -46.69
N ASP C 45 -51.59 -29.66 -46.99
CA ASP C 45 -50.79 -30.81 -46.58
C ASP C 45 -50.45 -30.75 -45.09
N LEU C 46 -49.95 -29.60 -44.63
CA LEU C 46 -49.49 -29.48 -43.25
C LEU C 46 -50.63 -29.65 -42.26
N VAL C 47 -51.74 -28.96 -42.48
CA VAL C 47 -52.87 -29.04 -41.55
C VAL C 47 -53.44 -30.46 -41.53
N THR C 48 -53.60 -31.07 -42.69
CA THR C 48 -54.15 -32.42 -42.74
C THR C 48 -53.25 -33.40 -42.03
N LEU C 49 -51.94 -33.32 -42.27
CA LEU C 49 -51.01 -34.21 -41.57
C LEU C 49 -51.09 -34.01 -40.06
N ALA C 50 -50.90 -32.78 -39.60
CA ALA C 50 -50.87 -32.51 -38.17
C ALA C 50 -52.23 -32.66 -37.51
N LYS C 51 -53.30 -32.83 -38.29
CA LYS C 51 -54.61 -33.10 -37.72
C LYS C 51 -54.88 -34.60 -37.63
N THR C 52 -54.57 -35.34 -38.69
CA THR C 52 -54.85 -36.76 -38.68
C THR C 52 -53.85 -37.53 -37.84
N ALA C 53 -52.55 -37.30 -38.05
CA ALA C 53 -51.55 -38.10 -37.37
C ALA C 53 -51.40 -37.75 -35.89
N SER C 54 -51.95 -36.62 -35.45
CA SER C 54 -51.84 -36.26 -34.04
C SER C 54 -52.96 -36.86 -33.22
N GLY C 55 -54.21 -36.53 -33.54
CA GLY C 55 -55.33 -37.10 -32.85
C GLY C 55 -56.22 -36.08 -32.15
N VAL C 56 -56.23 -34.84 -32.65
CA VAL C 56 -57.00 -33.77 -32.02
C VAL C 56 -58.46 -34.20 -31.84
N HIS C 57 -59.11 -34.54 -32.95
CA HIS C 57 -60.53 -34.85 -32.90
C HIS C 57 -60.82 -36.11 -32.12
N GLN C 58 -59.90 -37.08 -32.13
CA GLN C 58 -60.11 -38.29 -31.35
C GLN C 58 -60.09 -38.01 -29.86
N LEU C 59 -59.13 -37.20 -29.40
CA LEU C 59 -59.10 -36.84 -27.98
C LEU C 59 -60.30 -35.99 -27.61
N VAL C 60 -60.70 -35.07 -28.50
CA VAL C 60 -61.91 -34.29 -28.27
C VAL C 60 -63.11 -35.21 -28.11
N ASP C 61 -63.19 -36.26 -28.93
CA ASP C 61 -64.28 -37.22 -28.83
C ASP C 61 -64.26 -37.92 -27.49
N ILE C 62 -63.16 -38.60 -27.17
CA ILE C 62 -63.12 -39.40 -25.95
C ILE C 62 -63.24 -38.54 -24.69
N TYR C 63 -62.91 -37.25 -24.76
CA TYR C 63 -63.14 -36.39 -23.61
C TYR C 63 -64.61 -36.09 -23.38
N GLU C 64 -65.49 -36.47 -24.31
CA GLU C 64 -66.92 -36.33 -24.13
C GLU C 64 -67.66 -37.65 -24.14
N LYS C 65 -67.06 -38.71 -24.69
CA LYS C 65 -67.72 -40.02 -24.70
C LYS C 65 -67.99 -40.51 -23.29
N TYR C 66 -67.04 -40.32 -22.38
CA TYR C 66 -67.26 -40.75 -21.00
C TYR C 66 -68.12 -39.72 -20.27
N GLN C 67 -67.60 -38.52 -20.06
CA GLN C 67 -68.34 -37.39 -19.53
C GLN C 67 -69.04 -37.72 -18.20
N ASP C 68 -68.65 -38.80 -17.56
CA ASP C 68 -69.26 -39.22 -16.31
C ASP C 68 -68.18 -39.48 -15.27
N LEU C 69 -66.98 -39.84 -15.74
CA LEU C 69 -65.84 -40.05 -14.86
C LEU C 69 -65.38 -38.75 -14.20
N TYR C 70 -65.88 -37.60 -14.65
CA TYR C 70 -65.48 -36.31 -14.10
C TYR C 70 -66.69 -35.38 -14.07
N THR C 71 -66.50 -34.23 -13.44
CA THR C 71 -67.51 -33.19 -13.41
C THR C 71 -66.87 -31.86 -13.79
N VAL C 72 -67.71 -30.89 -14.13
CA VAL C 72 -67.25 -29.58 -14.59
C VAL C 72 -67.61 -28.57 -13.51
N GLU C 73 -66.61 -28.12 -12.76
CA GLU C 73 -66.84 -27.17 -11.69
C GLU C 73 -66.37 -25.77 -12.09
N PRO C 74 -67.12 -24.73 -11.72
CA PRO C 74 -66.73 -23.38 -12.12
C PRO C 74 -65.57 -22.84 -11.30
N ASN C 75 -64.91 -21.84 -11.87
CA ASN C 75 -63.82 -21.10 -11.23
C ASN C 75 -64.33 -19.68 -10.98
N ASN C 76 -64.91 -19.46 -9.80
CA ASN C 76 -65.43 -18.15 -9.46
C ASN C 76 -64.27 -17.21 -9.18
N ALA C 77 -63.83 -16.49 -10.20
CA ALA C 77 -62.65 -15.63 -10.10
C ALA C 77 -62.77 -14.57 -9.02
N ARG C 78 -63.96 -14.37 -8.45
CA ARG C 78 -64.10 -13.45 -7.34
C ARG C 78 -63.85 -14.11 -6.00
N GLN C 79 -64.41 -15.31 -5.78
CA GLN C 79 -64.28 -15.96 -4.49
C GLN C 79 -62.86 -16.46 -4.24
N LEU C 80 -62.16 -16.89 -5.28
CA LEU C 80 -60.80 -17.37 -5.09
C LEU C 80 -59.90 -16.28 -4.51
N VAL C 81 -60.05 -15.05 -4.99
CA VAL C 81 -59.21 -13.97 -4.50
C VAL C 81 -59.54 -13.64 -3.05
N GLU C 82 -60.83 -13.73 -2.68
CA GLU C 82 -61.20 -13.44 -1.31
C GLU C 82 -60.72 -14.53 -0.36
N ILE C 83 -60.80 -15.79 -0.78
CA ILE C 83 -60.30 -16.87 0.06
C ILE C 83 -58.79 -16.76 0.25
N ALA C 84 -58.06 -16.52 -0.84
CA ALA C 84 -56.61 -16.40 -0.73
C ALA C 84 -56.22 -15.18 0.09
N ALA C 85 -56.97 -14.08 -0.03
CA ALA C 85 -56.67 -12.90 0.77
C ALA C 85 -56.92 -13.15 2.24
N ARG C 86 -57.99 -13.86 2.57
CA ARG C 86 -58.25 -14.19 3.97
CA ARG C 86 -58.25 -14.19 3.97
C ARG C 86 -57.17 -15.10 4.54
N ASP C 87 -56.71 -16.06 3.74
CA ASP C 87 -55.69 -16.98 4.24
C ASP C 87 -54.35 -16.27 4.43
N ILE C 88 -53.99 -15.38 3.51
CA ILE C 88 -52.75 -14.62 3.67
C ILE C 88 -52.85 -13.69 4.88
N GLU C 89 -54.02 -13.06 5.06
CA GLU C 89 -54.21 -12.20 6.21
C GLU C 89 -54.11 -12.98 7.51
N LYS C 90 -54.64 -14.21 7.53
CA LYS C 90 -54.55 -15.04 8.72
C LYS C 90 -53.10 -15.43 9.01
N LEU C 91 -52.35 -15.80 7.97
CA LEU C 91 -50.95 -16.14 8.16
C LEU C 91 -50.17 -14.97 8.74
N LEU C 92 -50.37 -13.78 8.18
CA LEU C 92 -49.63 -12.62 8.68
C LEU C 92 -50.08 -12.22 10.08
N SER C 93 -51.37 -12.40 10.41
CA SER C 93 -51.82 -12.13 11.77
C SER C 93 -51.19 -13.09 12.77
N ASN C 94 -51.05 -14.36 12.38
CA ASN C 94 -50.35 -15.32 13.24
C ASN C 94 -48.90 -14.92 13.44
N ARG C 95 -48.23 -14.50 12.36
CA ARG C 95 -46.84 -14.08 12.48
C ARG C 95 -46.70 -12.76 13.24
N SER C 96 -47.78 -12.01 13.41
CA SER C 96 -47.75 -10.80 14.24
C SER C 96 -47.99 -11.10 15.71
N LYS C 97 -48.91 -12.02 15.99
CA LYS C 97 -49.08 -12.50 17.36
C LYS C 97 -47.83 -13.20 17.85
N ALA C 98 -47.09 -13.84 16.96
CA ALA C 98 -45.82 -14.44 17.34
C ALA C 98 -44.74 -13.39 17.64
N LEU C 99 -44.99 -12.14 17.30
CA LEU C 99 -44.04 -11.05 17.52
C LEU C 99 -44.35 -10.26 18.77
N VAL C 100 -45.63 -9.99 19.03
CA VAL C 100 -45.98 -9.18 20.20
C VAL C 100 -45.58 -9.90 21.48
N ARG C 101 -45.62 -11.24 21.49
CA ARG C 101 -45.21 -12.00 22.66
C ARG C 101 -43.72 -11.80 22.94
N LEU C 102 -42.90 -11.92 21.91
CA LEU C 102 -41.47 -11.72 22.07
C LEU C 102 -41.17 -10.30 22.54
N ALA C 103 -41.89 -9.32 22.01
CA ALA C 103 -41.68 -7.93 22.42
C ALA C 103 -41.99 -7.75 23.90
N LEU C 104 -43.15 -8.27 24.34
CA LEU C 104 -43.53 -8.14 25.74
C LEU C 104 -42.51 -8.80 26.65
N GLU C 105 -42.10 -10.03 26.33
CA GLU C 105 -41.16 -10.74 27.19
C GLU C 105 -39.81 -10.04 27.22
N ALA C 106 -39.36 -9.51 26.08
CA ALA C 106 -38.07 -8.83 26.06
C ALA C 106 -38.10 -7.58 26.93
N GLU C 107 -39.16 -6.78 26.79
CA GLU C 107 -39.26 -5.58 27.64
C GLU C 107 -39.33 -5.96 29.11
N LYS C 108 -40.14 -6.96 29.45
CA LYS C 108 -40.28 -7.36 30.85
C LYS C 108 -38.96 -7.85 31.42
N VAL C 109 -38.22 -8.65 30.66
CA VAL C 109 -37.00 -9.26 31.19
C VAL C 109 -35.89 -8.21 31.31
N GLN C 110 -35.74 -7.34 30.31
CA GLN C 110 -34.70 -6.33 30.45
C GLN C 110 -35.05 -5.26 31.47
N ALA C 111 -36.34 -5.07 31.76
CA ALA C 111 -36.72 -4.14 32.81
C ALA C 111 -36.10 -4.52 34.15
N ALA C 112 -35.85 -5.81 34.36
CA ALA C 112 -35.35 -6.32 35.62
C ALA C 112 -33.92 -6.86 35.50
N HIS C 113 -33.08 -6.19 34.72
CA HIS C 113 -31.68 -6.59 34.63
C HIS C 113 -30.87 -5.88 35.70
N GLN C 114 -29.81 -6.55 36.15
CA GLN C 114 -29.04 -6.10 37.30
C GLN C 114 -27.71 -5.48 36.96
N TRP C 115 -27.23 -5.61 35.72
CA TRP C 115 -25.97 -5.02 35.27
C TRP C 115 -24.79 -5.53 36.10
N ARG C 116 -24.53 -6.82 35.97
CA ARG C 116 -23.30 -7.37 36.49
C ARG C 116 -22.10 -6.75 35.76
N GLU C 117 -20.93 -6.84 36.38
CA GLU C 117 -19.72 -6.33 35.76
C GLU C 117 -18.53 -7.26 35.92
N ASP C 118 -18.73 -8.50 36.37
CA ASP C 118 -17.64 -9.45 36.54
C ASP C 118 -18.19 -10.85 36.32
N PHE C 119 -17.98 -11.37 35.12
CA PHE C 119 -18.50 -12.67 34.72
C PHE C 119 -17.43 -13.76 34.78
N ALA C 120 -16.51 -13.67 35.75
CA ALA C 120 -15.49 -14.71 35.88
C ALA C 120 -16.05 -15.97 36.50
N SER C 121 -16.92 -15.83 37.51
CA SER C 121 -17.55 -16.96 38.17
C SER C 121 -18.99 -17.18 37.74
N ASN C 122 -19.74 -16.11 37.49
CA ASN C 122 -21.11 -16.21 37.00
C ASN C 122 -21.11 -16.15 35.47
N GLU C 123 -20.48 -17.16 34.89
CA GLU C 123 -20.28 -17.20 33.45
C GLU C 123 -21.62 -17.22 32.72
N VAL C 124 -21.58 -16.84 31.45
CA VAL C 124 -22.74 -16.88 30.56
C VAL C 124 -22.60 -18.10 29.67
N VAL C 125 -23.58 -19.00 29.72
CA VAL C 125 -23.59 -20.18 28.88
C VAL C 125 -24.39 -19.87 27.62
N TYR C 126 -23.76 -20.01 26.46
CA TYR C 126 -24.45 -19.68 25.22
C TYR C 126 -23.74 -20.35 24.05
N TYR C 127 -24.43 -20.39 22.91
CA TYR C 127 -23.93 -21.04 21.70
C TYR C 127 -23.58 -19.97 20.68
N ASN C 128 -22.32 -19.56 20.68
CA ASN C 128 -21.83 -18.64 19.65
C ASN C 128 -21.80 -19.36 18.31
N ALA C 129 -22.57 -18.86 17.35
CA ALA C 129 -22.52 -19.39 16.00
C ALA C 129 -21.16 -19.10 15.37
N LYS C 130 -20.98 -19.58 14.14
CA LYS C 130 -19.75 -19.42 13.36
C LYS C 130 -18.50 -19.69 14.21
N ASP C 131 -18.43 -20.92 14.70
CA ASP C 131 -17.25 -21.42 15.39
C ASP C 131 -16.99 -22.85 14.96
N ASP C 132 -15.72 -23.24 14.99
CA ASP C 132 -15.35 -24.62 14.66
C ASP C 132 -16.05 -25.58 15.60
N LEU C 133 -16.79 -26.54 15.03
CA LEU C 133 -17.68 -27.40 15.80
C LEU C 133 -17.07 -28.78 16.07
N ASP C 134 -15.74 -28.88 16.06
CA ASP C 134 -15.11 -30.12 16.44
C ASP C 134 -15.36 -30.40 17.93
N PRO C 135 -15.54 -31.67 18.31
CA PRO C 135 -15.74 -31.98 19.72
C PRO C 135 -14.42 -32.07 20.48
N GLU C 136 -13.52 -31.13 20.21
CA GLU C 136 -12.24 -31.07 20.89
C GLU C 136 -11.77 -29.65 21.15
N LYS C 137 -12.56 -28.62 20.83
CA LYS C 137 -12.07 -27.26 20.85
C LYS C 137 -11.77 -26.79 22.27
N ASN C 138 -12.79 -26.77 23.12
CA ASN C 138 -12.68 -26.32 24.51
C ASN C 138 -12.12 -24.89 24.55
N ASP C 139 -12.92 -23.96 24.02
CA ASP C 139 -12.48 -22.57 23.91
C ASP C 139 -12.17 -21.98 25.27
N SER C 140 -13.17 -21.93 26.16
CA SER C 140 -13.02 -21.40 27.52
C SER C 140 -12.43 -19.99 27.51
N GLU C 141 -13.15 -19.07 26.88
CA GLU C 141 -12.77 -17.68 26.88
C GLU C 141 -12.92 -17.10 28.28
N PRO C 142 -12.26 -15.98 28.57
CA PRO C 142 -12.38 -15.39 29.91
C PRO C 142 -13.72 -14.73 30.16
N GLY C 143 -14.71 -15.52 30.57
CA GLY C 143 -15.98 -14.96 30.95
C GLY C 143 -17.22 -15.76 30.59
N SER C 144 -17.15 -16.62 29.58
CA SER C 144 -18.34 -17.33 29.12
C SER C 144 -17.99 -18.76 28.74
N GLN C 145 -19.04 -19.54 28.47
CA GLN C 145 -18.92 -20.96 28.16
C GLN C 145 -19.82 -21.32 27.00
N ARG C 146 -19.23 -21.93 25.97
CA ARG C 146 -19.94 -22.28 24.77
C ARG C 146 -20.73 -23.58 24.94
N ILE C 147 -21.71 -23.77 24.06
CA ILE C 147 -22.54 -24.97 24.04
C ILE C 147 -22.23 -25.74 22.77
N LYS C 148 -22.24 -27.07 22.86
CA LYS C 148 -22.12 -27.93 21.70
C LYS C 148 -23.48 -28.50 21.36
N PRO C 149 -24.01 -28.25 20.17
CA PRO C 149 -25.37 -28.68 19.83
C PRO C 149 -25.40 -30.04 19.16
N VAL C 150 -26.62 -30.54 18.97
CA VAL C 150 -26.82 -31.86 18.38
C VAL C 150 -27.05 -31.76 16.87
N PHE C 151 -27.76 -30.74 16.40
CA PHE C 151 -27.85 -30.39 14.98
C PHE C 151 -28.41 -31.54 14.14
N ILE C 152 -29.67 -31.87 14.42
CA ILE C 152 -30.40 -32.73 13.49
C ILE C 152 -30.62 -31.98 12.18
N ASP C 153 -30.96 -32.74 11.14
CA ASP C 153 -31.31 -32.18 9.85
C ASP C 153 -32.82 -32.06 9.74
N ASP C 154 -33.28 -31.20 8.84
CA ASP C 154 -34.69 -30.86 8.80
C ASP C 154 -35.09 -30.37 7.42
N ALA C 155 -36.41 -30.24 7.24
CA ALA C 155 -37.01 -29.51 6.13
C ALA C 155 -37.58 -28.20 6.65
N ASN C 156 -37.96 -27.33 5.70
CA ASN C 156 -38.33 -25.94 5.92
C ASN C 156 -37.09 -25.11 6.26
N PHE C 157 -35.97 -25.80 6.46
CA PHE C 157 -34.65 -25.18 6.43
C PHE C 157 -33.74 -26.23 5.80
N ARG C 158 -33.31 -26.00 4.56
CA ARG C 158 -32.49 -26.99 3.86
C ARG C 158 -31.06 -26.97 4.43
N ARG C 159 -30.98 -27.24 5.73
CA ARG C 159 -29.73 -27.20 6.48
C ARG C 159 -29.98 -27.84 7.83
N GLN C 160 -28.97 -27.78 8.70
CA GLN C 160 -29.01 -28.42 10.00
C GLN C 160 -29.50 -27.44 11.06
N VAL C 161 -30.33 -27.93 11.97
CA VAL C 161 -31.10 -27.09 12.88
C VAL C 161 -31.20 -27.79 14.23
N SER C 162 -31.07 -27.03 15.31
CA SER C 162 -31.23 -27.54 16.67
C SER C 162 -32.28 -26.71 17.38
N TYR C 163 -33.44 -27.31 17.65
CA TYR C 163 -34.56 -26.61 18.27
C TYR C 163 -34.45 -26.51 19.78
N GLN C 164 -33.28 -26.74 20.37
CA GLN C 164 -33.18 -26.80 21.82
C GLN C 164 -32.74 -25.49 22.45
N HIS C 165 -31.94 -24.69 21.76
CA HIS C 165 -31.52 -23.39 22.26
C HIS C 165 -31.53 -22.40 21.11
N ALA C 166 -31.03 -21.20 21.36
CA ALA C 166 -30.98 -20.14 20.36
C ALA C 166 -29.54 -19.79 20.08
N ALA C 167 -29.20 -19.69 18.79
CA ALA C 167 -27.84 -19.34 18.41
C ALA C 167 -27.59 -17.87 18.69
N VAL C 168 -26.36 -17.44 18.42
CA VAL C 168 -25.95 -16.05 18.62
C VAL C 168 -24.94 -15.71 17.56
N HIS C 169 -25.08 -14.53 16.96
CA HIS C 169 -24.14 -14.02 15.98
C HIS C 169 -23.65 -12.66 16.44
N ILE C 170 -22.33 -12.49 16.49
CA ILE C 170 -21.70 -11.26 16.93
C ILE C 170 -20.80 -10.78 15.80
N PRO C 171 -20.93 -9.53 15.34
CA PRO C 171 -20.08 -9.03 14.25
C PRO C 171 -18.61 -9.34 14.51
N THR C 172 -17.87 -9.54 13.42
CA THR C 172 -16.51 -10.06 13.54
C THR C 172 -15.61 -9.11 14.32
N ASP C 173 -15.76 -7.81 14.11
CA ASP C 173 -14.90 -6.82 14.74
C ASP C 173 -15.46 -6.33 16.07
N ILE C 174 -16.31 -7.11 16.72
CA ILE C 174 -16.83 -6.80 18.05
C ILE C 174 -16.34 -7.89 18.99
N TYR C 175 -15.80 -7.50 20.14
CA TYR C 175 -15.25 -8.47 21.07
C TYR C 175 -16.39 -9.25 21.72
N GLU C 176 -16.25 -10.57 21.75
CA GLU C 176 -17.26 -11.46 22.32
C GLU C 176 -16.90 -11.74 23.78
N GLY C 177 -17.23 -10.82 24.66
CA GLY C 177 -16.76 -10.90 26.02
C GLY C 177 -16.48 -9.55 26.64
N SER C 178 -16.66 -8.48 25.87
CA SER C 178 -16.73 -7.16 26.47
C SER C 178 -17.95 -7.07 27.38
N THR C 179 -17.93 -6.11 28.29
CA THR C 179 -19.02 -6.02 29.27
C THR C 179 -20.32 -5.57 28.62
N ILE C 180 -20.24 -4.80 27.53
CA ILE C 180 -21.46 -4.30 26.90
C ILE C 180 -22.20 -5.42 26.18
N VAL C 181 -21.50 -6.46 25.76
CA VAL C 181 -22.16 -7.60 25.10
C VAL C 181 -22.41 -8.76 26.06
N LEU C 182 -21.69 -8.82 27.19
CA LEU C 182 -21.92 -9.90 28.14
C LEU C 182 -23.24 -9.74 28.87
N ASN C 183 -23.78 -8.52 28.94
CA ASN C 183 -25.09 -8.32 29.53
C ASN C 183 -26.20 -8.62 28.53
N GLU C 184 -26.03 -8.15 27.28
CA GLU C 184 -26.99 -8.49 26.23
C GLU C 184 -27.06 -9.99 25.98
N LEU C 185 -26.02 -10.74 26.34
CA LEU C 185 -26.07 -12.19 26.30
C LEU C 185 -26.67 -12.79 27.56
N ASN C 186 -26.71 -12.04 28.66
CA ASN C 186 -27.22 -12.58 29.91
C ASN C 186 -28.72 -12.32 30.08
N TRP C 187 -29.22 -11.17 29.66
CA TRP C 187 -30.64 -10.90 29.82
C TRP C 187 -31.46 -11.41 28.66
N THR C 188 -30.86 -11.63 27.49
CA THR C 188 -31.58 -12.25 26.39
C THR C 188 -31.65 -13.76 26.51
N SER C 189 -31.12 -14.33 27.59
CA SER C 189 -31.24 -15.76 27.81
C SER C 189 -32.64 -16.18 28.19
N ALA C 190 -33.55 -15.23 28.41
CA ALA C 190 -34.93 -15.50 28.74
C ALA C 190 -35.84 -15.43 27.52
N LEU C 191 -35.28 -15.27 26.33
CA LEU C 191 -36.08 -15.29 25.11
C LEU C 191 -36.32 -16.70 24.62
N ASP C 192 -35.39 -17.62 24.89
CA ASP C 192 -35.48 -18.98 24.35
C ASP C 192 -36.78 -19.66 24.74
N ASP C 193 -37.33 -19.34 25.92
CA ASP C 193 -38.61 -19.91 26.29
C ASP C 193 -39.72 -19.44 25.37
N VAL C 194 -39.72 -18.16 25.01
CA VAL C 194 -40.75 -17.65 24.13
C VAL C 194 -40.52 -18.11 22.70
N PHE C 195 -39.27 -18.23 22.28
CA PHE C 195 -38.98 -18.85 20.99
C PHE C 195 -39.59 -20.25 20.92
N LYS C 196 -39.32 -21.07 21.94
CA LYS C 196 -39.82 -22.43 21.94
C LYS C 196 -41.34 -22.47 22.00
N LYS C 197 -41.96 -21.54 22.74
CA LYS C 197 -43.41 -21.53 22.83
C LYS C 197 -44.04 -21.10 21.51
N ASN C 198 -43.48 -20.06 20.87
CA ASN C 198 -43.96 -19.63 19.57
C ASN C 198 -43.91 -20.77 18.57
N ARG C 199 -42.81 -21.52 18.54
CA ARG C 199 -42.73 -22.60 17.57
C ARG C 199 -43.60 -23.78 17.95
N GLU C 200 -43.76 -24.06 19.24
CA GLU C 200 -44.66 -25.12 19.68
C GLU C 200 -46.09 -24.82 19.31
N GLU C 201 -46.48 -23.55 19.29
CA GLU C 201 -47.84 -23.20 18.90
C GLU C 201 -48.03 -23.37 17.39
N ASP C 202 -47.26 -22.64 16.60
CA ASP C 202 -47.33 -22.74 15.13
C ASP C 202 -46.10 -23.47 14.62
N PRO C 203 -46.17 -24.77 14.38
CA PRO C 203 -44.95 -25.54 14.07
C PRO C 203 -44.28 -25.17 12.77
N SER C 204 -44.88 -24.26 12.00
CA SER C 204 -44.37 -23.92 10.68
C SER C 204 -43.64 -22.58 10.65
N LEU C 205 -43.11 -22.14 11.79
CA LEU C 205 -42.39 -20.88 11.83
C LEU C 205 -40.96 -21.05 11.32
N LEU C 206 -40.50 -20.04 10.59
CA LEU C 206 -39.09 -19.93 10.20
C LEU C 206 -38.37 -19.08 11.26
N TRP C 207 -37.17 -18.60 10.93
CA TRP C 207 -36.32 -17.89 11.88
C TRP C 207 -37.11 -16.87 12.69
N GLN C 208 -36.86 -16.86 14.00
CA GLN C 208 -37.28 -15.80 14.89
C GLN C 208 -36.02 -15.18 15.45
N VAL C 209 -35.88 -13.86 15.33
CA VAL C 209 -34.60 -13.20 15.58
C VAL C 209 -34.84 -11.96 16.42
N PHE C 210 -33.93 -11.72 17.35
CA PHE C 210 -33.86 -10.46 18.10
C PHE C 210 -32.50 -9.85 17.77
N GLY C 211 -32.53 -8.70 17.10
CA GLY C 211 -31.29 -8.02 16.78
C GLY C 211 -31.15 -6.77 17.64
N SER C 212 -30.21 -6.80 18.58
CA SER C 212 -30.10 -5.72 19.54
C SER C 212 -29.25 -4.58 18.99
N ALA C 213 -29.28 -3.45 19.67
CA ALA C 213 -28.58 -2.25 19.24
C ALA C 213 -27.08 -2.32 19.48
N THR C 214 -26.56 -3.48 19.92
CA THR C 214 -25.14 -3.66 20.15
C THR C 214 -24.52 -4.68 19.20
N GLY C 215 -25.15 -4.92 18.05
CA GLY C 215 -24.68 -5.91 17.11
C GLY C 215 -25.11 -7.33 17.42
N LEU C 216 -25.19 -7.68 18.70
CA LEU C 216 -25.59 -9.01 19.14
C LEU C 216 -26.93 -9.40 18.53
N ALA C 217 -26.95 -10.47 17.73
CA ALA C 217 -28.17 -11.04 17.21
C ALA C 217 -28.41 -12.41 17.84
N ARG C 218 -29.67 -12.73 18.09
CA ARG C 218 -30.02 -14.01 18.72
C ARG C 218 -31.22 -14.58 17.99
N TYR C 219 -31.03 -15.67 17.27
CA TYR C 219 -32.10 -16.26 16.47
C TYR C 219 -32.35 -17.70 16.89
N TYR C 220 -33.52 -18.20 16.47
CA TYR C 220 -34.00 -19.53 16.81
C TYR C 220 -34.79 -20.03 15.61
N PRO C 221 -34.62 -21.30 15.21
CA PRO C 221 -33.79 -22.33 15.85
C PRO C 221 -32.31 -22.18 15.53
N ALA C 222 -31.45 -22.64 16.43
CA ALA C 222 -30.02 -22.47 16.25
C ALA C 222 -29.55 -23.19 15.00
N SER C 223 -28.56 -22.59 14.32
CA SER C 223 -28.03 -23.15 13.09
C SER C 223 -26.65 -22.57 12.88
N PRO C 224 -25.67 -23.36 12.43
CA PRO C 224 -24.33 -22.81 12.23
C PRO C 224 -24.37 -21.72 11.17
N TRP C 225 -23.66 -20.63 11.44
CA TRP C 225 -23.67 -19.51 10.52
C TRP C 225 -23.07 -19.93 9.19
N VAL C 226 -23.62 -19.39 8.10
CA VAL C 226 -23.21 -19.78 6.77
C VAL C 226 -21.77 -19.40 6.47
N ASP C 227 -21.18 -18.51 7.28
CA ASP C 227 -19.84 -17.99 7.01
C ASP C 227 -19.12 -17.82 8.35
N ASN C 228 -18.16 -18.71 8.62
CA ASN C 228 -17.28 -18.54 9.75
C ASN C 228 -16.27 -17.43 9.46
N SER C 229 -15.51 -17.06 10.49
CA SER C 229 -14.55 -15.96 10.34
C SER C 229 -13.46 -16.31 9.34
N ARG C 230 -12.70 -17.36 9.63
CA ARG C 230 -11.59 -17.76 8.76
C ARG C 230 -11.56 -19.25 8.46
N THR C 231 -12.59 -20.00 8.87
CA THR C 231 -12.64 -21.41 8.49
C THR C 231 -12.81 -21.59 6.99
N PRO C 232 -13.64 -20.79 6.27
CA PRO C 232 -13.50 -20.72 4.82
C PRO C 232 -12.42 -19.71 4.44
N ASN C 233 -12.25 -19.45 3.16
CA ASN C 233 -11.28 -18.43 2.74
C ASN C 233 -11.86 -17.03 2.77
N LYS C 234 -13.16 -16.87 3.01
CA LYS C 234 -13.81 -15.58 3.07
C LYS C 234 -14.15 -15.20 4.50
N ILE C 235 -14.40 -13.93 4.72
CA ILE C 235 -14.75 -13.42 6.04
C ILE C 235 -16.22 -13.00 6.04
N ASP C 236 -16.72 -12.65 7.22
CA ASP C 236 -18.15 -12.43 7.44
C ASP C 236 -18.39 -10.97 7.77
N LEU C 237 -18.81 -10.20 6.77
CA LEU C 237 -19.12 -8.78 6.96
C LEU C 237 -20.64 -8.63 7.06
N TYR C 238 -21.16 -9.00 8.23
CA TYR C 238 -22.58 -8.92 8.48
C TYR C 238 -22.79 -8.12 9.75
N ASP C 239 -23.88 -7.36 9.80
CA ASP C 239 -24.13 -6.46 10.92
C ASP C 239 -25.63 -6.20 10.98
N VAL C 240 -26.25 -6.60 12.09
CA VAL C 240 -27.70 -6.57 12.19
C VAL C 240 -28.24 -5.15 12.05
N ARG C 241 -27.45 -4.15 12.43
CA ARG C 241 -27.92 -2.78 12.40
C ARG C 241 -27.99 -2.20 11.00
N ARG C 242 -27.66 -2.97 9.96
CA ARG C 242 -27.75 -2.49 8.60
C ARG C 242 -28.74 -3.28 7.75
N ARG C 243 -29.35 -4.32 8.31
CA ARG C 243 -30.27 -5.12 7.52
C ARG C 243 -31.51 -4.31 7.18
N PRO C 244 -32.20 -4.66 6.09
CA PRO C 244 -33.44 -3.95 5.76
C PRO C 244 -34.48 -3.97 6.87
N TRP C 245 -34.73 -5.13 7.46
CA TRP C 245 -35.79 -5.24 8.46
C TRP C 245 -35.49 -4.42 9.70
N TYR C 246 -34.23 -4.41 10.14
CA TYR C 246 -33.87 -3.60 11.31
C TYR C 246 -34.04 -2.12 11.01
N ILE C 247 -33.40 -1.64 9.95
CA ILE C 247 -33.48 -0.22 9.61
C ILE C 247 -34.91 0.24 9.39
N GLN C 248 -35.79 -0.66 8.93
CA GLN C 248 -37.16 -0.24 8.73
C GLN C 248 -37.97 -0.30 10.03
N GLY C 249 -37.61 -1.19 10.95
CA GLY C 249 -38.32 -1.23 12.21
C GLY C 249 -37.81 -0.29 13.27
N ALA C 250 -36.67 0.36 13.03
CA ALA C 250 -36.04 1.20 14.03
C ALA C 250 -36.28 2.69 13.85
N ALA C 251 -36.93 3.11 12.76
CA ALA C 251 -37.15 4.53 12.50
C ALA C 251 -38.16 4.69 11.38
N SER C 252 -38.90 5.79 11.44
CA SER C 252 -39.86 6.12 10.40
C SER C 252 -39.16 6.70 9.17
N PRO C 253 -39.79 6.63 7.99
CA PRO C 253 -39.11 7.05 6.77
C PRO C 253 -38.60 8.48 6.85
N LYS C 254 -37.61 8.79 6.03
CA LYS C 254 -36.86 10.03 6.13
C LYS C 254 -36.73 10.70 4.77
N ASP C 255 -36.40 11.99 4.80
CA ASP C 255 -36.02 12.75 3.61
C ASP C 255 -34.61 13.26 3.85
N MET C 256 -33.63 12.41 3.53
CA MET C 256 -32.24 12.78 3.78
C MET C 256 -31.73 13.68 2.67
N LEU C 257 -30.82 14.58 3.03
CA LEU C 257 -30.13 15.42 2.05
C LEU C 257 -28.65 15.44 2.40
N ILE C 258 -27.91 14.47 1.87
CA ILE C 258 -26.47 14.47 2.06
C ILE C 258 -25.87 15.71 1.43
N LEU C 259 -24.93 16.34 2.14
CA LEU C 259 -24.38 17.64 1.75
C LEU C 259 -22.87 17.54 1.90
N VAL C 260 -22.18 17.29 0.80
CA VAL C 260 -20.74 17.11 0.81
C VAL C 260 -20.05 18.46 0.74
N ASP C 261 -18.94 18.58 1.45
CA ASP C 261 -18.08 19.75 1.36
C ASP C 261 -16.90 19.36 0.46
N VAL C 262 -16.87 19.91 -0.75
CA VAL C 262 -15.85 19.56 -1.73
C VAL C 262 -14.92 20.73 -1.96
N SER C 263 -14.74 21.56 -0.94
CA SER C 263 -13.79 22.67 -1.04
C SER C 263 -12.37 22.11 -1.06
N GLY C 264 -11.39 23.02 -1.17
CA GLY C 264 -10.02 22.58 -1.34
C GLY C 264 -9.45 21.89 -0.11
N SER C 265 -9.91 22.28 1.08
CA SER C 265 -9.33 21.74 2.31
C SER C 265 -9.61 20.26 2.49
N VAL C 266 -10.63 19.70 1.83
CA VAL C 266 -11.02 18.31 2.06
C VAL C 266 -10.31 17.41 1.07
N SER C 267 -9.33 17.94 0.35
CA SER C 267 -8.65 17.15 -0.66
C SER C 267 -7.69 16.16 0.00
N GLY C 268 -7.40 15.08 -0.73
CA GLY C 268 -6.46 14.10 -0.26
C GLY C 268 -7.10 12.87 0.36
N LEU C 269 -6.83 12.64 1.64
CA LEU C 269 -7.33 11.45 2.31
C LEU C 269 -8.79 11.63 2.73
N THR C 270 -9.13 12.80 3.27
CA THR C 270 -10.49 13.00 3.77
C THR C 270 -11.52 12.93 2.66
N LEU C 271 -11.14 13.23 1.42
CA LEU C 271 -12.10 13.09 0.32
C LEU C 271 -12.30 11.63 -0.04
N LYS C 272 -11.22 10.85 -0.09
CA LYS C 272 -11.35 9.41 -0.27
C LYS C 272 -12.23 8.81 0.80
N LEU C 273 -12.19 9.36 2.01
CA LEU C 273 -13.05 8.85 3.07
C LEU C 273 -14.49 9.33 2.92
N ILE C 274 -14.70 10.56 2.46
CA ILE C 274 -16.05 11.08 2.30
C ILE C 274 -16.79 10.32 1.22
N ARG C 275 -16.09 9.93 0.15
CA ARG C 275 -16.74 9.16 -0.91
C ARG C 275 -17.26 7.82 -0.36
N THR C 276 -16.40 7.09 0.34
CA THR C 276 -16.82 5.82 0.92
C THR C 276 -17.91 6.04 1.96
N SER C 277 -17.85 7.14 2.71
CA SER C 277 -18.84 7.38 3.74
C SER C 277 -20.21 7.64 3.15
N VAL C 278 -20.29 8.46 2.10
CA VAL C 278 -21.56 8.69 1.43
C VAL C 278 -22.08 7.41 0.80
N SER C 279 -21.17 6.60 0.23
CA SER C 279 -21.61 5.37 -0.43
C SER C 279 -22.08 4.32 0.58
N GLU C 280 -21.57 4.37 1.82
CA GLU C 280 -22.07 3.48 2.87
C GLU C 280 -23.28 4.06 3.60
N MET C 281 -23.50 5.37 3.51
CA MET C 281 -24.69 5.97 4.10
C MET C 281 -25.91 5.74 3.22
N LEU C 282 -25.75 5.89 1.91
CA LEU C 282 -26.84 5.58 1.00
C LEU C 282 -27.30 4.14 1.15
N GLU C 283 -26.40 3.24 1.52
CA GLU C 283 -26.73 1.83 1.70
C GLU C 283 -27.69 1.58 2.87
N THR C 284 -28.02 2.60 3.65
CA THR C 284 -28.95 2.47 4.77
C THR C 284 -30.27 3.16 4.48
N LEU C 285 -30.75 3.09 3.24
CA LEU C 285 -31.98 3.74 2.82
C LEU C 285 -32.87 2.73 2.12
N SER C 286 -34.08 2.57 2.62
CA SER C 286 -35.08 1.68 2.03
C SER C 286 -35.75 2.40 0.85
N ASP C 287 -36.83 1.81 0.35
CA ASP C 287 -37.53 2.39 -0.79
C ASP C 287 -38.53 3.47 -0.39
N ASP C 288 -38.84 3.60 0.90
CA ASP C 288 -39.73 4.64 1.38
C ASP C 288 -39.00 5.90 1.80
N ASP C 289 -37.68 5.93 1.70
CA ASP C 289 -36.90 7.11 2.04
C ASP C 289 -36.50 7.84 0.78
N PHE C 290 -36.32 9.15 0.90
CA PHE C 290 -35.96 10.00 -0.23
C PHE C 290 -34.63 10.70 0.07
N VAL C 291 -33.81 10.86 -0.97
CA VAL C 291 -32.42 11.26 -0.78
C VAL C 291 -31.98 12.10 -1.97
N ASN C 292 -31.02 12.99 -1.71
CA ASN C 292 -30.37 13.77 -2.75
C ASN C 292 -29.03 14.24 -2.21
N VAL C 293 -28.01 14.21 -3.04
CA VAL C 293 -26.63 14.45 -2.61
C VAL C 293 -26.18 15.75 -3.26
N ALA C 294 -26.21 16.84 -2.50
CA ALA C 294 -25.68 18.10 -2.98
C ALA C 294 -24.24 18.26 -2.51
N SER C 295 -23.53 19.18 -3.14
CA SER C 295 -22.16 19.50 -2.76
C SER C 295 -22.02 21.01 -2.72
N PHE C 296 -21.00 21.49 -2.01
CA PHE C 296 -20.80 22.93 -1.96
C PHE C 296 -19.34 23.29 -1.76
N ASN C 297 -18.85 24.22 -2.59
CA ASN C 297 -17.52 24.82 -2.41
C ASN C 297 -17.61 26.25 -2.93
N SER C 298 -17.89 27.19 -2.03
CA SER C 298 -18.13 28.59 -2.37
C SER C 298 -19.31 28.74 -3.32
N ASN C 299 -19.93 27.63 -3.70
CA ASN C 299 -21.08 27.61 -4.59
C ASN C 299 -21.73 26.25 -4.43
N ALA C 300 -23.00 26.21 -4.07
CA ALA C 300 -23.69 24.96 -3.83
C ALA C 300 -24.42 24.50 -5.08
N GLN C 301 -24.35 23.20 -5.36
CA GLN C 301 -25.07 22.65 -6.49
C GLN C 301 -25.25 21.15 -6.29
N ASP C 302 -26.24 20.59 -6.97
CA ASP C 302 -26.43 19.16 -6.94
C ASP C 302 -25.23 18.46 -7.57
N VAL C 303 -25.12 17.16 -7.32
CA VAL C 303 -23.96 16.39 -7.76
C VAL C 303 -24.26 15.48 -8.94
N SER C 304 -25.53 15.32 -9.31
CA SER C 304 -25.91 14.44 -10.40
C SER C 304 -27.02 15.12 -11.19
N CYS C 305 -27.67 14.38 -12.09
CA CYS C 305 -28.74 14.93 -12.91
C CYS C 305 -30.10 14.78 -12.25
N PHE C 306 -30.23 15.21 -10.99
CA PHE C 306 -31.49 14.93 -10.29
C PHE C 306 -32.21 16.18 -9.80
N GLN C 307 -31.49 17.16 -9.28
CA GLN C 307 -31.99 18.50 -8.97
C GLN C 307 -33.05 18.55 -7.88
N HIS C 308 -33.47 17.41 -7.33
CA HIS C 308 -34.48 17.39 -6.27
C HIS C 308 -34.40 16.05 -5.55
N LEU C 309 -35.38 15.77 -4.70
CA LEU C 309 -35.39 14.54 -3.92
C LEU C 309 -35.92 13.39 -4.77
N VAL C 310 -35.19 12.29 -4.80
CA VAL C 310 -35.58 11.10 -5.54
C VAL C 310 -35.88 9.99 -4.54
N GLN C 311 -36.36 8.86 -5.04
CA GLN C 311 -37.04 7.90 -4.18
C GLN C 311 -36.11 6.87 -3.56
N ALA C 312 -34.81 6.94 -3.83
CA ALA C 312 -33.82 6.07 -3.18
C ALA C 312 -34.18 4.59 -3.32
N ASN C 313 -34.45 4.18 -4.55
CA ASN C 313 -34.54 2.78 -4.89
C ASN C 313 -33.18 2.33 -5.44
N VAL C 314 -33.13 1.15 -6.03
CA VAL C 314 -31.85 0.56 -6.43
C VAL C 314 -31.16 1.43 -7.47
N ARG C 315 -31.89 1.83 -8.51
CA ARG C 315 -31.26 2.53 -9.63
C ARG C 315 -30.89 3.96 -9.26
N ASN C 316 -31.75 4.66 -8.52
CA ASN C 316 -31.42 6.01 -8.09
C ASN C 316 -30.22 6.02 -7.17
N LYS C 317 -30.20 5.12 -6.19
CA LYS C 317 -29.02 4.99 -5.32
C LYS C 317 -27.78 4.67 -6.13
N LYS C 318 -27.91 3.84 -7.17
CA LYS C 318 -26.76 3.50 -7.98
C LYS C 318 -26.22 4.72 -8.73
N VAL C 319 -27.13 5.54 -9.27
CA VAL C 319 -26.69 6.73 -9.99
C VAL C 319 -26.03 7.71 -9.04
N LEU C 320 -26.60 7.89 -7.84
CA LEU C 320 -25.98 8.81 -6.88
C LEU C 320 -24.62 8.30 -6.45
N LYS C 321 -24.48 6.99 -6.22
CA LYS C 321 -23.17 6.43 -5.88
C LYS C 321 -22.17 6.68 -6.99
N ASP C 322 -22.54 6.40 -8.23
CA ASP C 322 -21.62 6.57 -9.33
C ASP C 322 -21.32 8.04 -9.63
N ALA C 323 -22.17 8.96 -9.17
CA ALA C 323 -21.90 10.37 -9.35
C ALA C 323 -21.10 10.98 -8.21
N VAL C 324 -21.14 10.39 -7.01
CA VAL C 324 -20.30 10.87 -5.93
C VAL C 324 -18.83 10.57 -6.20
N ASN C 325 -18.54 9.38 -6.73
CA ASN C 325 -17.16 8.97 -6.96
C ASN C 325 -16.44 9.79 -8.01
N ASN C 326 -17.08 10.80 -8.60
CA ASN C 326 -16.46 11.63 -9.61
C ASN C 326 -16.06 13.01 -9.10
N ILE C 327 -16.41 13.36 -7.86
CA ILE C 327 -16.16 14.71 -7.38
C ILE C 327 -14.67 14.92 -7.13
N THR C 328 -14.24 16.18 -7.24
CA THR C 328 -12.90 16.58 -6.92
C THR C 328 -12.95 17.84 -6.07
N ALA C 329 -11.89 18.08 -5.32
CA ALA C 329 -11.86 19.16 -4.34
C ALA C 329 -11.09 20.35 -4.89
N LYS C 330 -11.74 21.51 -4.92
CA LYS C 330 -11.10 22.76 -5.29
C LYS C 330 -11.98 23.96 -4.96
N GLY C 331 -11.44 24.96 -4.27
CA GLY C 331 -12.16 26.18 -4.04
C GLY C 331 -12.12 26.59 -2.59
N ILE C 332 -13.02 27.51 -2.24
CA ILE C 332 -13.13 28.06 -0.88
C ILE C 332 -14.40 27.52 -0.25
N THR C 333 -14.41 27.44 1.08
CA THR C 333 -15.54 26.90 1.82
C THR C 333 -16.53 28.01 2.14
N ASP C 334 -17.81 27.75 1.86
CA ASP C 334 -18.88 28.69 2.20
C ASP C 334 -20.08 27.89 2.66
N TYR C 335 -20.32 27.86 3.98
CA TYR C 335 -21.40 27.06 4.53
C TYR C 335 -22.76 27.69 4.29
N LYS C 336 -22.83 29.01 4.14
CA LYS C 336 -24.12 29.66 4.03
C LYS C 336 -24.85 29.28 2.75
N LYS C 337 -24.14 29.27 1.62
CA LYS C 337 -24.76 28.89 0.36
C LYS C 337 -25.16 27.42 0.36
N GLY C 338 -24.30 26.55 0.90
CA GLY C 338 -24.64 25.15 0.98
C GLY C 338 -25.87 24.89 1.82
N PHE C 339 -25.97 25.53 2.98
CA PHE C 339 -27.13 25.29 3.83
C PHE C 339 -28.37 25.95 3.28
N SER C 340 -28.24 27.08 2.58
CA SER C 340 -29.38 27.64 1.88
C SER C 340 -29.89 26.67 0.82
N PHE C 341 -28.99 26.10 0.04
CA PHE C 341 -29.35 25.10 -0.95
C PHE C 341 -30.07 23.92 -0.32
N ALA C 342 -29.52 23.41 0.80
CA ALA C 342 -30.13 22.26 1.46
C ALA C 342 -31.53 22.58 1.95
N PHE C 343 -31.69 23.67 2.73
CA PHE C 343 -33.00 24.02 3.25
C PHE C 343 -33.98 24.38 2.14
N GLU C 344 -33.49 24.82 0.97
CA GLU C 344 -34.40 25.08 -0.14
C GLU C 344 -34.87 23.78 -0.78
N GLN C 345 -33.96 22.83 -0.98
CA GLN C 345 -34.36 21.54 -1.52
C GLN C 345 -35.25 20.76 -0.57
N LEU C 346 -35.19 21.05 0.73
CA LEU C 346 -36.07 20.41 1.68
C LEU C 346 -37.39 21.15 1.86
N LEU C 347 -37.71 22.07 0.95
CA LEU C 347 -38.94 22.85 1.01
C LEU C 347 -39.60 22.92 -0.36
N ASN C 348 -39.76 21.77 -1.00
CA ASN C 348 -40.23 21.74 -2.38
C ASN C 348 -41.73 21.45 -2.47
N TYR C 349 -42.16 20.31 -1.94
CA TYR C 349 -43.56 19.90 -1.86
C TYR C 349 -44.26 19.87 -3.21
N ASN C 350 -43.55 20.07 -4.31
CA ASN C 350 -44.10 19.81 -5.63
C ASN C 350 -43.90 18.35 -6.04
N VAL C 351 -42.77 17.77 -5.63
CA VAL C 351 -42.43 16.39 -5.93
C VAL C 351 -43.01 15.48 -4.86
N SER C 352 -43.05 14.17 -5.13
CA SER C 352 -43.50 13.21 -4.14
C SER C 352 -42.39 12.94 -3.14
N ARG C 353 -42.69 13.10 -1.86
CA ARG C 353 -41.72 12.90 -0.80
C ARG C 353 -42.31 11.99 0.27
N ALA C 354 -41.43 11.43 1.10
CA ALA C 354 -41.90 10.72 2.28
C ALA C 354 -42.45 11.69 3.32
N ASN C 355 -41.87 12.89 3.39
CA ASN C 355 -42.41 14.00 4.18
C ASN C 355 -42.60 13.63 5.65
N CYS C 356 -41.64 12.88 6.21
CA CYS C 356 -41.67 12.58 7.64
C CYS C 356 -40.49 13.16 8.38
N ASN C 357 -39.26 12.80 8.02
CA ASN C 357 -38.07 13.17 8.77
C ASN C 357 -37.18 14.02 7.88
N LYS C 358 -37.41 15.33 7.87
CA LYS C 358 -36.51 16.22 7.16
C LYS C 358 -35.21 16.34 7.94
N ILE C 359 -34.14 15.78 7.40
CA ILE C 359 -32.82 15.84 8.02
C ILE C 359 -31.80 16.18 6.95
N ILE C 360 -30.61 16.57 7.38
CA ILE C 360 -29.52 16.85 6.46
C ILE C 360 -28.21 16.40 7.10
N MET C 361 -27.37 15.74 6.31
CA MET C 361 -26.12 15.15 6.78
C MET C 361 -24.96 15.90 6.13
N LEU C 362 -24.26 16.70 6.92
CA LEU C 362 -23.16 17.52 6.42
C LEU C 362 -21.87 16.74 6.55
N PHE C 363 -21.26 16.36 5.42
CA PHE C 363 -20.00 15.62 5.39
C PHE C 363 -18.88 16.62 5.13
N THR C 364 -18.11 16.94 6.17
CA THR C 364 -17.06 17.93 6.04
C THR C 364 -15.90 17.51 6.92
N ASP C 365 -14.96 18.43 7.14
CA ASP C 365 -13.84 18.22 8.03
C ASP C 365 -13.74 19.23 9.17
N GLY C 366 -14.13 20.48 8.94
CA GLY C 366 -14.10 21.47 9.99
C GLY C 366 -13.73 22.86 9.50
N GLY C 367 -14.48 23.87 9.89
CA GLY C 367 -14.25 25.23 9.46
C GLY C 367 -14.26 26.20 10.63
N GLU C 368 -14.62 27.44 10.33
CA GLU C 368 -14.65 28.51 11.32
C GLU C 368 -15.95 29.28 11.35
N GLU C 369 -16.93 28.91 10.53
CA GLU C 369 -18.20 29.61 10.45
C GLU C 369 -19.30 28.68 10.94
N ARG C 370 -20.02 29.10 11.98
CA ARG C 370 -21.15 28.32 12.49
C ARG C 370 -22.49 28.75 11.90
N ALA C 371 -22.52 29.84 11.13
CA ALA C 371 -23.66 30.22 10.29
C ALA C 371 -24.95 30.31 11.10
N GLN C 372 -24.92 31.11 12.18
CA GLN C 372 -26.09 31.22 13.03
C GLN C 372 -27.26 31.87 12.30
N GLU C 373 -26.98 32.75 11.34
CA GLU C 373 -28.05 33.50 10.68
C GLU C 373 -28.88 32.60 9.77
N ILE C 374 -28.23 31.66 9.09
CA ILE C 374 -28.97 30.76 8.19
C ILE C 374 -29.92 29.88 9.00
N PHE C 375 -29.42 29.28 10.08
CA PHE C 375 -30.28 28.48 10.94
C PHE C 375 -31.39 29.34 11.55
N ALA C 376 -31.07 30.59 11.89
CA ALA C 376 -32.08 31.47 12.46
C ALA C 376 -33.21 31.74 11.47
N LYS C 377 -32.87 31.94 10.20
CA LYS C 377 -33.86 32.33 9.22
C LYS C 377 -34.57 31.16 8.55
N TYR C 378 -34.02 29.95 8.62
CA TYR C 378 -34.58 28.83 7.89
C TYR C 378 -35.32 27.83 8.77
N ASN C 379 -34.72 27.38 9.87
CA ASN C 379 -35.36 26.40 10.75
C ASN C 379 -35.41 26.92 12.18
N LYS C 380 -35.87 28.16 12.32
CA LYS C 380 -35.96 28.79 13.64
C LYS C 380 -36.79 27.95 14.61
N ASP C 381 -37.72 27.15 14.10
CA ASP C 381 -38.55 26.32 14.97
C ASP C 381 -38.02 24.90 15.09
N LYS C 382 -36.79 24.64 14.66
CA LYS C 382 -36.12 23.35 14.85
C LYS C 382 -36.94 22.21 14.24
N LYS C 383 -37.11 22.28 12.92
CA LYS C 383 -37.86 21.26 12.19
C LYS C 383 -36.98 20.30 11.41
N VAL C 384 -35.75 20.69 11.08
CA VAL C 384 -34.87 19.90 10.24
C VAL C 384 -33.61 19.59 11.03
N ARG C 385 -33.43 18.32 11.39
CA ARG C 385 -32.22 17.92 12.09
C ARG C 385 -31.00 18.05 11.18
N VAL C 386 -29.84 18.24 11.79
CA VAL C 386 -28.59 18.40 11.09
C VAL C 386 -27.57 17.48 11.76
N PHE C 387 -27.24 16.38 11.11
CA PHE C 387 -26.19 15.50 11.59
C PHE C 387 -24.90 15.92 10.89
N THR C 388 -23.82 16.07 11.66
CA THR C 388 -22.57 16.59 11.11
C THR C 388 -21.46 15.56 11.29
N PHE C 389 -20.82 15.21 10.18
CA PHE C 389 -19.74 14.22 10.16
C PHE C 389 -18.44 14.94 9.84
N SER C 390 -17.45 14.73 10.70
CA SER C 390 -16.11 15.28 10.52
C SER C 390 -15.21 14.11 10.13
N VAL C 391 -14.76 14.10 8.88
CA VAL C 391 -14.11 12.93 8.31
C VAL C 391 -12.61 13.18 8.19
N GLY C 392 -11.85 12.11 8.37
CA GLY C 392 -10.41 12.17 8.18
C GLY C 392 -9.68 12.70 9.39
N GLN C 393 -8.35 12.68 9.29
CA GLN C 393 -7.47 13.23 10.30
C GLN C 393 -6.91 14.57 9.81
N HIS C 394 -6.97 15.58 10.68
CA HIS C 394 -6.54 16.92 10.31
C HIS C 394 -6.38 17.74 11.58
N ASN C 395 -5.96 19.00 11.41
CA ASN C 395 -5.71 19.91 12.51
C ASN C 395 -6.61 21.14 12.41
N TYR C 396 -7.86 20.95 11.98
CA TYR C 396 -8.79 22.05 11.83
C TYR C 396 -9.63 22.21 13.08
N ASP C 397 -10.60 23.12 13.03
CA ASP C 397 -11.43 23.46 14.17
C ASP C 397 -12.76 22.73 14.05
N ARG C 398 -12.99 21.76 14.94
CA ARG C 398 -14.24 21.03 14.98
C ARG C 398 -15.24 21.66 15.94
N GLY C 399 -15.13 22.96 16.19
CA GLY C 399 -16.03 23.65 17.08
C GLY C 399 -17.38 23.98 16.47
N PRO C 400 -17.37 24.74 15.37
CA PRO C 400 -18.64 25.13 14.75
C PRO C 400 -19.45 23.93 14.26
N ILE C 401 -18.80 22.87 13.79
CA ILE C 401 -19.54 21.69 13.35
C ILE C 401 -20.23 21.03 14.54
N GLN C 402 -19.54 20.90 15.66
CA GLN C 402 -20.18 20.38 16.87
C GLN C 402 -21.32 21.28 17.30
N TRP C 403 -21.19 22.59 17.13
CA TRP C 403 -22.26 23.50 17.53
C TRP C 403 -23.48 23.34 16.64
N MET C 404 -23.28 23.22 15.32
CA MET C 404 -24.38 22.96 14.41
C MET C 404 -25.09 21.66 14.78
N ALA C 405 -24.32 20.63 15.14
CA ALA C 405 -24.93 19.36 15.51
C ALA C 405 -25.74 19.51 16.80
N CYS C 406 -25.16 20.15 17.82
CA CYS C 406 -25.81 20.26 19.12
C CYS C 406 -27.07 21.11 19.05
N GLU C 407 -27.08 22.15 18.21
CA GLU C 407 -28.20 23.08 18.24
C GLU C 407 -29.43 22.54 17.52
N ASN C 408 -29.24 21.98 16.33
CA ASN C 408 -30.37 21.59 15.48
C ASN C 408 -30.78 20.14 15.71
N LYS C 409 -30.98 19.76 16.97
CA LYS C 409 -31.50 18.43 17.34
C LYS C 409 -30.75 17.31 16.62
N GLY C 410 -29.47 17.51 16.33
CA GLY C 410 -28.73 16.54 15.54
C GLY C 410 -27.75 15.71 16.33
N TYR C 411 -26.57 15.50 15.78
CA TYR C 411 -25.54 14.68 16.41
C TYR C 411 -24.24 14.87 15.63
N TYR C 412 -23.11 14.66 16.31
CA TYR C 412 -21.79 14.92 15.77
C TYR C 412 -21.01 13.61 15.74
N TYR C 413 -20.57 13.21 14.55
CA TYR C 413 -19.84 11.97 14.36
C TYR C 413 -18.45 12.26 13.80
N GLU C 414 -17.48 11.45 14.23
CA GLU C 414 -16.09 11.58 13.78
C GLU C 414 -15.69 10.31 13.06
N ILE C 415 -15.22 10.45 11.83
CA ILE C 415 -14.82 9.29 11.02
C ILE C 415 -13.36 9.45 10.62
N PRO C 416 -12.41 8.92 11.39
CA PRO C 416 -10.98 9.09 11.06
C PRO C 416 -10.35 7.97 10.26
N SER C 417 -11.10 6.96 9.81
CA SER C 417 -10.49 5.84 9.10
C SER C 417 -11.59 5.02 8.45
N ILE C 418 -11.18 4.19 7.47
CA ILE C 418 -12.12 3.31 6.78
C ILE C 418 -12.73 2.31 7.75
N GLY C 419 -12.04 2.01 8.84
CA GLY C 419 -12.59 1.08 9.82
C GLY C 419 -13.84 1.59 10.49
N ALA C 420 -13.84 2.87 10.87
CA ALA C 420 -14.94 3.47 11.61
C ALA C 420 -16.03 4.02 10.71
N ILE C 421 -16.16 3.51 9.49
CA ILE C 421 -17.18 4.00 8.57
C ILE C 421 -18.48 3.23 8.71
N ARG C 422 -18.40 1.92 8.98
CA ARG C 422 -19.62 1.12 9.03
C ARG C 422 -20.44 1.44 10.27
N ILE C 423 -19.78 1.68 11.41
CA ILE C 423 -20.49 1.88 12.67
C ILE C 423 -20.82 3.33 12.96
N ASN C 424 -20.35 4.27 12.14
CA ASN C 424 -20.67 5.68 12.31
C ASN C 424 -21.77 6.15 11.38
N THR C 425 -21.81 5.64 10.16
CA THR C 425 -22.86 5.97 9.21
C THR C 425 -24.10 5.12 9.39
N GLN C 426 -24.28 4.52 10.57
CA GLN C 426 -25.47 3.74 10.87
C GLN C 426 -26.04 4.06 12.24
N GLU C 427 -25.46 5.02 12.97
CA GLU C 427 -25.90 5.33 14.32
C GLU C 427 -26.90 6.46 14.37
N TYR C 428 -27.03 7.24 13.30
CA TYR C 428 -28.03 8.31 13.29
C TYR C 428 -29.44 7.77 13.49
N LEU C 429 -29.67 6.49 13.21
CA LEU C 429 -30.98 5.91 13.46
C LEU C 429 -31.33 5.97 14.94
N ASP C 430 -30.34 5.77 15.81
CA ASP C 430 -30.57 5.88 17.25
C ASP C 430 -31.07 7.26 17.64
N VAL C 431 -30.90 8.26 16.78
CA VAL C 431 -31.42 9.59 17.06
C VAL C 431 -32.80 9.79 16.44
N LEU C 432 -33.10 9.06 15.36
CA LEU C 432 -34.42 9.17 14.74
C LEU C 432 -35.46 8.32 15.42
N GLY C 433 -35.09 7.56 16.45
CA GLY C 433 -36.03 6.71 17.14
C GLY C 433 -36.53 7.32 18.43
N ARG C 434 -35.96 8.45 18.82
CA ARG C 434 -36.42 9.14 20.03
C ARG C 434 -37.91 9.47 19.98
N PRO C 435 -38.43 10.18 18.96
CA PRO C 435 -39.86 10.49 18.96
C PRO C 435 -40.75 9.28 18.78
N MET C 436 -40.17 8.12 18.48
CA MET C 436 -40.94 6.88 18.39
C MET C 436 -41.05 6.19 19.74
N VAL C 437 -39.97 6.14 20.51
CA VAL C 437 -40.03 5.55 21.84
C VAL C 437 -40.78 6.48 22.79
N LEU C 438 -40.70 7.80 22.58
CA LEU C 438 -41.45 8.72 23.41
C LEU C 438 -42.94 8.74 23.10
N ALA C 439 -43.42 7.81 22.27
CA ALA C 439 -44.83 7.75 21.92
C ALA C 439 -45.60 6.67 22.66
N GLY C 440 -44.93 5.60 23.10
CA GLY C 440 -45.60 4.55 23.83
C GLY C 440 -46.06 3.40 22.97
N ASP C 441 -47.16 2.77 23.34
CA ASP C 441 -47.69 1.62 22.60
C ASP C 441 -48.39 2.01 21.32
N LYS C 442 -48.32 3.28 20.92
CA LYS C 442 -48.84 3.71 19.63
C LYS C 442 -47.79 3.57 18.52
N ALA C 443 -46.58 3.16 18.87
CA ALA C 443 -45.49 2.99 17.92
C ALA C 443 -45.08 1.53 17.74
N LYS C 444 -45.86 0.60 18.27
CA LYS C 444 -45.57 -0.83 18.15
C LYS C 444 -46.61 -1.44 17.22
N GLN C 445 -46.32 -1.40 15.92
CA GLN C 445 -47.15 -2.02 14.90
C GLN C 445 -46.26 -2.86 14.01
N VAL C 446 -46.69 -4.08 13.71
CA VAL C 446 -45.91 -4.95 12.84
C VAL C 446 -45.79 -4.28 11.48
N GLN C 447 -44.64 -4.48 10.85
CA GLN C 447 -44.29 -3.69 9.66
C GLN C 447 -43.46 -4.59 8.74
N TRP C 448 -44.12 -5.22 7.77
CA TRP C 448 -43.45 -6.13 6.87
C TRP C 448 -42.53 -5.37 5.91
N THR C 449 -41.42 -6.00 5.56
CA THR C 449 -40.40 -5.37 4.73
C THR C 449 -40.52 -5.84 3.29
N ASN C 450 -39.59 -5.38 2.45
CA ASN C 450 -39.55 -5.78 1.06
C ASN C 450 -39.11 -7.24 0.95
N VAL C 451 -39.11 -7.73 -0.28
CA VAL C 451 -38.65 -9.08 -0.55
C VAL C 451 -37.14 -9.06 -0.75
N TYR C 452 -36.43 -9.88 0.02
CA TYR C 452 -34.98 -9.97 -0.09
C TYR C 452 -34.58 -11.44 -0.04
N LEU C 453 -33.28 -11.68 -0.04
CA LEU C 453 -32.73 -13.02 0.06
C LEU C 453 -32.21 -13.24 1.47
N ASP C 454 -32.68 -14.31 2.11
CA ASP C 454 -32.29 -14.60 3.48
C ASP C 454 -30.78 -14.76 3.59
N ALA C 455 -30.25 -14.42 4.76
CA ALA C 455 -28.81 -14.53 4.98
C ALA C 455 -28.38 -15.94 5.36
N LEU C 456 -29.32 -16.76 5.83
CA LEU C 456 -29.07 -18.17 6.11
C LEU C 456 -29.52 -19.07 4.97
N GLU C 457 -29.51 -18.55 3.73
CA GLU C 457 -29.75 -19.32 2.52
C GLU C 457 -31.10 -20.04 2.57
N LEU C 458 -32.16 -19.23 2.61
CA LEU C 458 -33.52 -19.74 2.63
C LEU C 458 -34.37 -19.24 1.48
N GLY C 459 -33.81 -18.47 0.55
CA GLY C 459 -34.56 -18.03 -0.60
C GLY C 459 -35.09 -16.61 -0.48
N LEU C 460 -36.32 -16.39 -0.95
CA LEU C 460 -36.95 -15.08 -0.89
C LEU C 460 -37.89 -15.03 0.29
N VAL C 461 -37.61 -14.16 1.25
CA VAL C 461 -38.41 -14.04 2.46
C VAL C 461 -38.78 -12.58 2.68
N ILE C 462 -39.91 -12.37 3.34
CA ILE C 462 -40.25 -11.07 3.90
C ILE C 462 -40.23 -11.21 5.41
N THR C 463 -39.90 -10.12 6.09
CA THR C 463 -39.71 -10.12 7.53
C THR C 463 -40.63 -9.08 8.15
N GLY C 464 -41.31 -9.46 9.24
CA GLY C 464 -42.11 -8.54 10.01
C GLY C 464 -41.34 -8.08 11.23
N THR C 465 -41.31 -6.77 11.43
CA THR C 465 -40.50 -6.19 12.49
C THR C 465 -41.36 -5.41 13.46
N LEU C 466 -40.89 -5.32 14.69
CA LEU C 466 -41.56 -4.62 15.77
C LEU C 466 -40.51 -4.19 16.78
N PRO C 467 -40.34 -2.90 17.02
CA PRO C 467 -39.26 -2.44 17.90
C PRO C 467 -39.51 -2.87 19.33
N VAL C 468 -38.47 -2.70 20.16
CA VAL C 468 -38.51 -3.05 21.56
C VAL C 468 -37.94 -1.89 22.36
N PHE C 469 -38.69 -1.44 23.36
CA PHE C 469 -38.33 -0.24 24.10
C PHE C 469 -37.64 -0.59 25.40
N ASN C 470 -36.89 0.37 25.92
CA ASN C 470 -36.15 0.21 27.17
C ASN C 470 -36.94 0.86 28.29
N ILE C 471 -37.35 0.06 29.27
CA ILE C 471 -38.14 0.53 30.39
C ILE C 471 -37.45 0.10 31.67
N THR C 472 -36.88 1.06 32.40
CA THR C 472 -36.09 0.80 33.60
C THR C 472 -36.53 1.77 34.70
N GLY C 473 -37.83 1.79 34.98
CA GLY C 473 -38.36 2.78 35.88
C GLY C 473 -39.57 3.51 35.31
N GLN C 474 -40.29 2.83 34.42
CA GLN C 474 -41.62 3.30 34.03
C GLN C 474 -42.53 3.48 35.24
N PHE C 475 -42.21 2.85 36.37
CA PHE C 475 -42.99 3.00 37.59
C PHE C 475 -42.66 4.32 38.28
N GLU C 476 -41.41 4.52 38.66
CA GLU C 476 -40.99 5.74 39.36
C GLU C 476 -40.89 6.94 38.43
N ASN C 477 -40.71 6.73 37.13
CA ASN C 477 -40.63 7.80 36.13
C ASN C 477 -39.58 8.84 36.52
N LYS C 478 -38.33 8.39 36.58
CA LYS C 478 -37.23 9.30 36.86
C LYS C 478 -35.99 9.07 36.01
N THR C 479 -35.96 8.02 35.18
CA THR C 479 -34.71 7.71 34.47
C THR C 479 -34.53 8.57 33.22
N ASN C 480 -35.35 8.32 32.19
CA ASN C 480 -35.37 9.06 30.94
C ASN C 480 -33.98 9.51 30.48
N LEU C 481 -32.97 8.67 30.67
CA LEU C 481 -31.60 9.00 30.28
C LEU C 481 -31.06 8.05 29.22
N LYS C 482 -31.10 6.74 29.47
CA LYS C 482 -30.91 5.74 28.43
C LYS C 482 -32.23 5.27 27.83
N ASN C 483 -33.36 5.76 28.37
CA ASN C 483 -34.69 5.35 27.93
C ASN C 483 -35.21 6.19 26.78
N GLN C 484 -34.32 6.88 26.07
CA GLN C 484 -34.69 7.55 24.83
C GLN C 484 -34.28 6.74 23.60
N LEU C 485 -33.58 5.63 23.78
CA LEU C 485 -33.21 4.74 22.71
C LEU C 485 -33.95 3.42 22.86
N ILE C 486 -33.97 2.64 21.79
CA ILE C 486 -34.63 1.34 21.78
C ILE C 486 -33.59 0.27 22.08
N LEU C 487 -34.05 -0.87 22.59
CA LEU C 487 -33.14 -1.97 22.87
C LEU C 487 -32.70 -2.64 21.58
N GLY C 488 -33.65 -3.07 20.76
CA GLY C 488 -33.34 -3.70 19.50
C GLY C 488 -34.54 -3.81 18.61
N VAL C 489 -34.62 -4.87 17.82
CA VAL C 489 -35.74 -5.09 16.91
C VAL C 489 -35.99 -6.58 16.82
N MET C 490 -37.24 -6.98 17.03
CA MET C 490 -37.68 -8.36 16.86
C MET C 490 -38.08 -8.60 15.41
N GLY C 491 -38.05 -9.86 14.99
CA GLY C 491 -38.43 -10.19 13.63
C GLY C 491 -38.73 -11.65 13.47
N VAL C 492 -39.66 -11.95 12.57
CA VAL C 492 -40.00 -13.32 12.19
C VAL C 492 -40.14 -13.37 10.68
N ASP C 493 -39.54 -14.36 10.05
CA ASP C 493 -39.49 -14.44 8.60
C ASP C 493 -40.65 -15.26 8.06
N VAL C 494 -41.19 -14.79 6.94
CA VAL C 494 -42.25 -15.49 6.22
C VAL C 494 -41.72 -15.75 4.82
N SER C 495 -41.49 -17.02 4.49
CA SER C 495 -40.94 -17.34 3.18
C SER C 495 -42.03 -17.29 2.12
N LEU C 496 -41.62 -16.96 0.90
CA LEU C 496 -42.56 -16.88 -0.21
C LEU C 496 -42.95 -18.23 -0.76
N GLU C 497 -42.63 -19.31 -0.04
CA GLU C 497 -43.24 -20.61 -0.32
C GLU C 497 -44.50 -20.82 0.52
N ASP C 498 -44.46 -20.40 1.79
CA ASP C 498 -45.66 -20.45 2.63
C ASP C 498 -46.80 -19.66 2.01
N ILE C 499 -46.48 -18.61 1.25
CA ILE C 499 -47.52 -17.82 0.60
C ILE C 499 -48.00 -18.49 -0.68
N LYS C 500 -47.08 -19.06 -1.46
CA LYS C 500 -47.47 -19.76 -2.68
C LYS C 500 -48.22 -21.05 -2.41
N ARG C 501 -48.29 -21.50 -1.15
CA ARG C 501 -49.14 -22.63 -0.80
C ARG C 501 -50.51 -22.20 -0.33
N LEU C 502 -50.74 -20.90 -0.18
CA LEU C 502 -52.06 -20.35 0.12
C LEU C 502 -52.80 -19.89 -1.12
N THR C 503 -52.10 -19.74 -2.24
CA THR C 503 -52.69 -19.42 -3.53
C THR C 503 -52.45 -20.60 -4.47
N PRO C 504 -53.16 -21.71 -4.30
CA PRO C 504 -52.90 -22.90 -5.10
C PRO C 504 -53.33 -22.69 -6.54
N ARG C 505 -52.45 -23.02 -7.48
CA ARG C 505 -52.63 -22.70 -8.88
C ARG C 505 -52.77 -23.95 -9.76
N PHE C 506 -53.27 -25.04 -9.19
CA PHE C 506 -53.42 -26.28 -9.94
C PHE C 506 -54.87 -26.59 -10.28
N THR C 507 -55.72 -25.58 -10.28
CA THR C 507 -57.06 -25.69 -10.83
C THR C 507 -57.34 -24.66 -11.91
N LEU C 508 -56.38 -23.76 -12.16
CA LEU C 508 -56.49 -22.78 -13.23
C LEU C 508 -55.88 -23.38 -14.50
N CYS C 509 -55.69 -22.55 -15.51
CA CYS C 509 -54.96 -22.95 -16.70
C CYS C 509 -53.50 -22.59 -16.56
N PRO C 510 -52.63 -23.04 -17.46
CA PRO C 510 -51.23 -22.60 -17.42
C PRO C 510 -51.07 -21.11 -17.64
N ASN C 511 -52.18 -20.41 -17.92
CA ASN C 511 -52.15 -18.99 -18.24
C ASN C 511 -52.75 -18.12 -17.14
N GLY C 512 -53.34 -18.69 -16.10
CA GLY C 512 -53.88 -17.94 -14.99
C GLY C 512 -53.04 -18.13 -13.75
N TYR C 513 -52.96 -17.09 -12.93
CA TYR C 513 -52.07 -17.11 -11.77
C TYR C 513 -52.50 -16.05 -10.78
N TYR C 514 -51.83 -16.01 -9.63
CA TYR C 514 -52.01 -14.98 -8.63
C TYR C 514 -50.82 -14.04 -8.64
N PHE C 515 -51.04 -12.83 -8.14
CA PHE C 515 -49.94 -11.90 -7.91
C PHE C 515 -50.39 -10.80 -6.97
N ALA C 516 -49.51 -10.42 -6.05
CA ALA C 516 -49.83 -9.46 -5.01
C ALA C 516 -48.75 -8.39 -4.94
N ILE C 517 -49.17 -7.15 -4.80
CA ILE C 517 -48.26 -6.02 -4.85
C ILE C 517 -48.36 -5.19 -3.58
N ASP C 518 -47.24 -4.53 -3.25
CA ASP C 518 -47.03 -3.55 -2.19
C ASP C 518 -47.92 -2.33 -2.42
N PRO C 519 -48.04 -1.43 -1.44
CA PRO C 519 -48.54 -0.09 -1.78
C PRO C 519 -47.38 0.80 -2.21
N ASN C 520 -46.50 0.24 -3.02
CA ASN C 520 -45.37 0.95 -3.57
C ASN C 520 -45.13 0.58 -5.03
N GLY C 521 -45.90 -0.34 -5.58
CA GLY C 521 -45.70 -0.78 -6.94
C GLY C 521 -45.04 -2.15 -7.00
N TYR C 522 -44.09 -2.36 -6.10
CA TYR C 522 -43.27 -3.57 -6.15
C TYR C 522 -44.12 -4.81 -5.98
N VAL C 523 -43.65 -5.90 -6.56
CA VAL C 523 -44.39 -7.15 -6.57
C VAL C 523 -43.87 -8.03 -5.43
N LEU C 524 -44.78 -8.79 -4.83
CA LEU C 524 -44.45 -9.71 -3.75
C LEU C 524 -44.69 -11.16 -4.15
N LEU C 525 -45.41 -11.40 -5.23
CA LEU C 525 -45.78 -12.74 -5.66
C LEU C 525 -46.02 -12.66 -7.15
N HIS C 526 -45.26 -13.41 -7.94
CA HIS C 526 -45.42 -13.34 -9.39
C HIS C 526 -44.74 -14.55 -10.00
N PRO C 527 -45.26 -15.07 -11.11
CA PRO C 527 -44.55 -16.14 -11.84
C PRO C 527 -43.25 -15.67 -12.47
N ASN C 528 -42.87 -14.41 -12.28
CA ASN C 528 -41.71 -13.84 -12.94
C ASN C 528 -40.73 -13.22 -11.96
N LEU C 529 -40.96 -13.39 -10.66
CA LEU C 529 -40.03 -12.95 -9.62
C LEU C 529 -39.15 -14.14 -9.24
N GLN C 530 -37.85 -13.98 -9.40
CA GLN C 530 -36.90 -15.08 -9.28
C GLN C 530 -35.85 -14.77 -8.23
N PRO C 531 -35.22 -15.81 -7.66
CA PRO C 531 -34.27 -15.59 -6.55
C PRO C 531 -33.02 -14.82 -6.92
N LYS C 532 -32.88 -14.39 -8.13
CA LYS C 532 -31.64 -13.66 -8.33
C LYS C 532 -31.84 -12.18 -7.99
N PRO C 533 -30.79 -11.49 -7.55
CA PRO C 533 -30.93 -10.06 -7.27
C PRO C 533 -31.10 -9.28 -8.56
N ILE C 534 -31.93 -8.23 -8.49
CA ILE C 534 -32.17 -7.42 -9.67
C ILE C 534 -30.92 -6.61 -9.99
N GLY C 535 -30.68 -6.40 -11.28
CA GLY C 535 -29.47 -5.74 -11.73
C GLY C 535 -29.69 -4.27 -12.03
N VAL C 536 -28.59 -3.54 -12.09
CA VAL C 536 -28.60 -2.11 -12.42
C VAL C 536 -27.38 -1.83 -13.30
N GLY C 537 -27.63 -1.34 -14.51
CA GLY C 537 -26.56 -1.00 -15.43
C GLY C 537 -25.76 -2.19 -15.93
N ILE C 538 -24.96 -1.97 -16.97
CA ILE C 538 -24.08 -3.03 -17.47
C ILE C 538 -22.97 -3.28 -16.45
N PRO C 539 -22.68 -4.53 -16.11
CA PRO C 539 -21.62 -4.81 -15.14
C PRO C 539 -20.25 -4.63 -15.76
N THR C 540 -19.33 -4.03 -15.01
CA THR C 540 -17.95 -3.85 -15.44
C THR C 540 -17.04 -4.10 -14.25
N ILE C 541 -16.17 -5.10 -14.36
CA ILE C 541 -15.20 -5.41 -13.32
C ILE C 541 -13.81 -5.34 -13.92
N ASN C 542 -12.87 -4.82 -13.13
CA ASN C 542 -11.48 -4.68 -13.55
C ASN C 542 -10.65 -5.74 -12.83
N LEU C 543 -10.25 -6.78 -13.56
CA LEU C 543 -9.46 -7.85 -12.96
C LEU C 543 -8.05 -7.36 -12.62
N ARG C 544 -7.49 -6.48 -13.44
CA ARG C 544 -6.10 -6.05 -13.29
C ARG C 544 -5.82 -5.37 -11.96
N LYS C 545 -6.83 -5.02 -11.19
CA LYS C 545 -6.67 -4.33 -9.91
C LYS C 545 -7.42 -5.08 -8.81
N ARG C 546 -7.25 -6.39 -8.75
CA ARG C 546 -7.95 -7.22 -7.78
C ARG C 546 -6.97 -8.26 -7.23
N ARG C 547 -6.63 -8.15 -5.95
CA ARG C 547 -5.83 -9.17 -5.30
C ARG C 547 -6.57 -10.50 -5.31
N PRO C 548 -5.85 -11.62 -5.27
CA PRO C 548 -6.51 -12.93 -5.40
C PRO C 548 -7.42 -13.30 -4.24
N ASN C 549 -6.92 -13.23 -3.01
CA ASN C 549 -7.67 -13.63 -1.83
C ASN C 549 -7.80 -12.43 -0.88
N VAL C 550 -8.82 -11.60 -1.13
CA VAL C 550 -9.12 -10.49 -0.23
C VAL C 550 -10.62 -10.44 0.09
N GLN C 551 -11.41 -11.25 -0.62
CA GLN C 551 -12.86 -11.34 -0.41
C GLN C 551 -13.53 -9.98 -0.59
N ASN C 552 -13.50 -9.52 -1.84
CA ASN C 552 -14.31 -8.37 -2.22
C ASN C 552 -15.77 -8.64 -1.86
N PRO C 553 -16.43 -7.72 -1.12
CA PRO C 553 -17.72 -8.04 -0.50
C PRO C 553 -18.86 -8.26 -1.49
N LYS C 554 -20.05 -8.48 -0.94
CA LYS C 554 -21.26 -8.75 -1.71
C LYS C 554 -22.32 -7.71 -1.34
N SER C 555 -23.54 -7.94 -1.82
CA SER C 555 -24.61 -6.95 -1.72
C SER C 555 -25.64 -7.36 -0.66
N GLN C 556 -26.40 -6.36 -0.22
CA GLN C 556 -27.51 -6.57 0.71
C GLN C 556 -28.82 -6.01 0.18
N GLU C 557 -28.86 -5.65 -1.10
CA GLU C 557 -30.05 -5.05 -1.67
C GLU C 557 -31.21 -6.04 -1.65
N PRO C 558 -32.44 -5.55 -1.48
CA PRO C 558 -33.61 -6.42 -1.61
C PRO C 558 -33.95 -6.65 -3.08
N VAL C 559 -34.86 -7.58 -3.30
CA VAL C 559 -35.33 -7.90 -4.65
C VAL C 559 -36.60 -7.09 -4.85
N THR C 560 -36.44 -5.87 -5.36
CA THR C 560 -37.54 -4.95 -5.57
C THR C 560 -37.79 -4.87 -7.07
N LEU C 561 -38.70 -5.70 -7.54
CA LEU C 561 -39.07 -5.75 -8.96
C LEU C 561 -40.47 -5.16 -9.09
N ASP C 562 -40.56 -4.01 -9.73
CA ASP C 562 -41.85 -3.34 -9.86
C ASP C 562 -42.83 -4.19 -10.65
N PHE C 563 -44.11 -3.88 -10.50
CA PHE C 563 -45.14 -4.67 -11.17
C PHE C 563 -45.07 -4.46 -12.69
N LEU C 564 -44.91 -3.22 -13.13
CA LEU C 564 -44.84 -2.91 -14.55
C LEU C 564 -43.49 -3.23 -15.17
N ASP C 565 -42.63 -3.95 -14.46
CA ASP C 565 -41.38 -4.44 -15.01
C ASP C 565 -41.32 -5.96 -15.03
N ALA C 566 -42.34 -6.63 -14.53
CA ALA C 566 -42.45 -8.08 -14.61
C ALA C 566 -43.42 -8.54 -15.68
N GLU C 567 -44.09 -7.61 -16.36
CA GLU C 567 -45.00 -7.91 -17.45
C GLU C 567 -44.74 -6.91 -18.56
N LEU C 568 -45.63 -6.89 -19.56
CA LEU C 568 -45.60 -5.88 -20.60
C LEU C 568 -46.58 -4.78 -20.25
N GLU C 569 -46.14 -3.53 -20.37
CA GLU C 569 -46.92 -2.40 -19.89
C GLU C 569 -47.91 -1.96 -20.96
N ASN C 570 -49.18 -1.88 -20.57
CA ASN C 570 -50.23 -1.29 -21.39
C ASN C 570 -50.55 0.09 -20.85
N ASP C 571 -51.59 0.71 -21.39
CA ASP C 571 -52.20 1.86 -20.72
C ASP C 571 -53.33 1.42 -19.79
N ILE C 572 -53.73 0.15 -19.86
CA ILE C 572 -54.75 -0.39 -18.96
C ILE C 572 -54.12 -0.98 -17.71
N LYS C 573 -52.94 -1.61 -17.84
CA LYS C 573 -52.29 -2.19 -16.68
C LYS C 573 -51.82 -1.12 -15.71
N VAL C 574 -51.45 0.06 -16.20
CA VAL C 574 -51.10 1.14 -15.29
C VAL C 574 -52.33 1.59 -14.51
N GLU C 575 -53.50 1.57 -15.17
CA GLU C 575 -54.75 1.87 -14.47
C GLU C 575 -55.01 0.83 -13.38
N ILE C 576 -54.91 -0.46 -13.72
CA ILE C 576 -55.13 -1.51 -12.72
C ILE C 576 -54.16 -1.35 -11.56
N ARG C 577 -52.89 -1.05 -11.87
CA ARG C 577 -51.88 -0.89 -10.84
C ARG C 577 -52.23 0.25 -9.90
N ASN C 578 -52.31 1.48 -10.43
CA ASN C 578 -52.66 2.62 -9.61
C ASN C 578 -54.03 2.50 -8.97
N LYS C 579 -54.87 1.58 -9.44
CA LYS C 579 -56.19 1.40 -8.85
C LYS C 579 -56.19 0.41 -7.71
N MET C 580 -55.30 -0.58 -7.72
CA MET C 580 -55.21 -1.54 -6.63
C MET C 580 -54.04 -1.27 -5.70
N ILE C 581 -53.24 -0.23 -5.96
CA ILE C 581 -52.29 0.22 -4.96
C ILE C 581 -53.01 0.81 -3.76
N ASP C 582 -53.95 1.71 -4.02
CA ASP C 582 -54.69 2.38 -2.95
C ASP C 582 -55.92 1.60 -2.52
N GLY C 583 -55.74 0.32 -2.25
CA GLY C 583 -56.73 -0.53 -1.64
C GLY C 583 -58.15 -0.44 -2.19
N GLU C 584 -58.35 -0.86 -3.43
CA GLU C 584 -59.67 -0.92 -4.02
C GLU C 584 -59.91 -2.30 -4.61
N SER C 585 -61.16 -2.73 -4.59
CA SER C 585 -61.54 -3.99 -5.21
C SER C 585 -61.92 -3.73 -6.67
N GLY C 586 -62.43 -4.75 -7.35
CA GLY C 586 -62.90 -4.61 -8.71
C GLY C 586 -62.25 -5.62 -9.63
N GLU C 587 -62.66 -5.53 -10.90
CA GLU C 587 -62.14 -6.40 -11.94
C GLU C 587 -62.10 -5.62 -13.26
N LYS C 588 -61.50 -6.25 -14.27
CA LYS C 588 -61.42 -5.65 -15.59
C LYS C 588 -61.05 -6.73 -16.59
N THR C 589 -61.84 -6.86 -17.65
CA THR C 589 -61.59 -7.81 -18.72
C THR C 589 -61.16 -7.04 -19.95
N PHE C 590 -59.97 -7.35 -20.47
CA PHE C 590 -59.45 -6.62 -21.61
C PHE C 590 -58.64 -7.58 -22.49
N ARG C 591 -58.01 -7.01 -23.51
CA ARG C 591 -57.32 -7.76 -24.56
C ARG C 591 -55.87 -7.30 -24.60
N THR C 592 -54.99 -8.07 -23.98
CA THR C 592 -53.58 -7.70 -23.89
C THR C 592 -52.73 -8.72 -24.62
N LEU C 593 -51.57 -8.29 -25.08
CA LEU C 593 -50.62 -9.18 -25.72
C LEU C 593 -49.66 -9.71 -24.66
N VAL C 594 -49.65 -11.02 -24.48
CA VAL C 594 -48.86 -11.68 -23.44
C VAL C 594 -47.59 -12.21 -24.06
N LYS C 595 -46.56 -12.35 -23.22
CA LYS C 595 -45.28 -12.87 -23.65
C LYS C 595 -45.17 -14.35 -23.30
N SER C 596 -44.50 -15.10 -24.15
CA SER C 596 -44.41 -16.54 -23.96
C SER C 596 -43.39 -16.87 -22.86
N GLN C 597 -43.36 -18.14 -22.46
CA GLN C 597 -42.42 -18.58 -21.44
C GLN C 597 -40.98 -18.35 -21.90
N ASP C 598 -40.59 -19.01 -22.98
CA ASP C 598 -39.36 -18.64 -23.66
C ASP C 598 -39.56 -17.28 -24.31
N GLU C 599 -38.73 -16.31 -23.94
CA GLU C 599 -38.95 -14.94 -24.40
C GLU C 599 -38.60 -14.81 -25.87
N ARG C 600 -39.41 -15.39 -26.74
CA ARG C 600 -39.16 -15.34 -28.17
C ARG C 600 -40.40 -14.92 -28.95
N TYR C 601 -41.59 -15.22 -28.42
CA TYR C 601 -42.84 -14.99 -29.11
C TYR C 601 -43.68 -13.99 -28.31
N ILE C 602 -44.83 -13.63 -28.87
CA ILE C 602 -45.80 -12.76 -28.21
C ILE C 602 -47.18 -13.12 -28.71
N ASP C 603 -48.10 -13.38 -27.79
CA ASP C 603 -49.47 -13.75 -28.15
C ASP C 603 -50.35 -12.51 -28.19
N LYS C 604 -51.67 -12.73 -28.29
CA LYS C 604 -52.66 -11.66 -28.19
C LYS C 604 -53.91 -12.30 -27.59
N GLY C 605 -54.06 -12.18 -26.27
CA GLY C 605 -55.10 -12.92 -25.57
C GLY C 605 -55.98 -12.03 -24.72
N ASN C 606 -57.16 -12.54 -24.43
CA ASN C 606 -58.06 -11.90 -23.49
C ASN C 606 -57.69 -12.29 -22.08
N ARG C 607 -57.76 -11.33 -21.16
CA ARG C 607 -57.48 -11.58 -19.76
C ARG C 607 -58.52 -10.87 -18.92
N THR C 608 -58.71 -11.36 -17.70
CA THR C 608 -59.65 -10.76 -16.74
C THR C 608 -58.95 -10.65 -15.40
N TYR C 609 -58.43 -9.47 -15.09
CA TYR C 609 -57.86 -9.24 -13.77
C TYR C 609 -58.98 -9.01 -12.77
N THR C 610 -58.79 -9.47 -11.54
CA THR C 610 -59.80 -9.33 -10.50
C THR C 610 -59.09 -9.18 -9.17
N TRP C 611 -58.95 -7.94 -8.71
CA TRP C 611 -58.12 -7.66 -7.55
C TRP C 611 -58.97 -7.47 -6.30
N THR C 612 -58.28 -7.32 -5.16
CA THR C 612 -58.89 -7.09 -3.86
C THR C 612 -57.76 -6.72 -2.89
N PRO C 613 -58.07 -6.05 -1.78
CA PRO C 613 -57.03 -5.79 -0.77
C PRO C 613 -57.00 -6.87 0.31
N VAL C 614 -55.81 -7.13 0.82
CA VAL C 614 -55.64 -7.99 1.98
C VAL C 614 -55.96 -7.13 3.21
N ASN C 615 -57.11 -7.39 3.84
CA ASN C 615 -57.70 -6.42 4.75
C ASN C 615 -56.75 -6.06 5.90
N GLY C 616 -56.03 -7.04 6.43
CA GLY C 616 -55.17 -6.77 7.56
C GLY C 616 -53.95 -5.92 7.24
N THR C 617 -53.17 -6.34 6.25
CA THR C 617 -51.94 -5.66 5.88
C THR C 617 -52.23 -4.69 4.73
N ASP C 618 -51.16 -4.19 4.11
CA ASP C 618 -51.29 -3.20 3.03
C ASP C 618 -50.89 -3.78 1.69
N TYR C 619 -51.27 -5.03 1.43
CA TYR C 619 -51.00 -5.67 0.15
C TYR C 619 -52.28 -5.78 -0.65
N SER C 620 -52.12 -5.89 -1.97
CA SER C 620 -53.26 -6.11 -2.86
C SER C 620 -53.03 -7.38 -3.65
N LEU C 621 -54.01 -8.27 -3.63
CA LEU C 621 -53.94 -9.54 -4.32
C LEU C 621 -54.87 -9.52 -5.52
N ALA C 622 -54.36 -10.02 -6.65
CA ALA C 622 -55.14 -10.11 -7.87
C ALA C 622 -55.10 -11.54 -8.38
N LEU C 623 -55.70 -11.76 -9.54
CA LEU C 623 -55.75 -13.10 -10.12
C LEU C 623 -56.01 -12.96 -11.61
N VAL C 624 -55.05 -13.37 -12.42
CA VAL C 624 -55.15 -13.29 -13.87
C VAL C 624 -55.74 -14.61 -14.34
N LEU C 625 -57.03 -14.61 -14.66
CA LEU C 625 -57.69 -15.75 -15.25
C LEU C 625 -58.06 -15.42 -16.68
N PRO C 626 -57.58 -16.16 -17.66
CA PRO C 626 -58.03 -15.94 -19.03
C PRO C 626 -59.43 -16.49 -19.22
N THR C 627 -60.11 -15.95 -20.23
CA THR C 627 -61.30 -16.63 -20.72
C THR C 627 -60.91 -18.06 -21.12
N TYR C 628 -61.89 -18.93 -21.29
CA TYR C 628 -61.79 -20.39 -21.49
C TYR C 628 -61.24 -21.08 -20.25
N SER C 629 -61.11 -20.36 -19.13
CA SER C 629 -60.57 -20.93 -17.90
C SER C 629 -61.48 -20.63 -16.72
N PHE C 630 -62.78 -20.50 -16.97
CA PHE C 630 -63.76 -20.30 -15.91
C PHE C 630 -64.44 -21.59 -15.50
N TYR C 631 -64.00 -22.73 -16.03
CA TYR C 631 -64.48 -24.03 -15.61
C TYR C 631 -63.31 -25.00 -15.67
N TYR C 632 -63.33 -25.99 -14.79
CA TYR C 632 -62.27 -26.98 -14.74
C TYR C 632 -62.85 -28.36 -14.47
N ILE C 633 -62.05 -29.37 -14.77
CA ILE C 633 -62.46 -30.76 -14.65
C ILE C 633 -62.07 -31.27 -13.28
N LYS C 634 -63.05 -31.68 -12.49
CA LYS C 634 -62.81 -32.34 -11.22
C LYS C 634 -63.00 -33.84 -11.38
N ALA C 635 -61.99 -34.61 -11.01
CA ALA C 635 -62.04 -36.05 -11.21
C ALA C 635 -63.01 -36.68 -10.22
N LYS C 636 -63.85 -37.59 -10.72
CA LYS C 636 -64.87 -38.23 -9.90
C LYS C 636 -64.86 -39.73 -10.16
N ILE C 637 -63.67 -40.33 -10.22
CA ILE C 637 -63.56 -41.79 -10.42
C ILE C 637 -63.60 -42.40 -9.02
N GLU C 638 -64.81 -42.62 -8.53
CA GLU C 638 -64.98 -43.20 -7.20
C GLU C 638 -64.80 -44.71 -7.19
N GLU C 639 -65.01 -45.38 -8.33
CA GLU C 639 -64.79 -46.81 -8.40
C GLU C 639 -63.30 -47.10 -8.34
N THR C 640 -62.92 -48.05 -7.48
CA THR C 640 -61.51 -48.39 -7.35
C THR C 640 -61.01 -49.21 -8.53
N ILE C 641 -61.92 -49.85 -9.28
CA ILE C 641 -61.49 -50.65 -10.42
C ILE C 641 -60.89 -49.75 -11.50
N THR C 642 -61.60 -48.67 -11.85
CA THR C 642 -61.08 -47.75 -12.86
C THR C 642 -59.79 -47.09 -12.39
N GLN C 643 -59.74 -46.67 -11.13
CA GLN C 643 -58.53 -46.05 -10.59
C GLN C 643 -57.34 -47.00 -10.69
N ALA C 644 -57.52 -48.24 -10.24
CA ALA C 644 -56.45 -49.22 -10.31
C ALA C 644 -56.02 -49.46 -11.77
N ARG C 645 -56.99 -49.76 -12.64
CA ARG C 645 -56.68 -50.05 -14.03
C ARG C 645 -55.89 -48.91 -14.66
N TYR C 646 -56.34 -47.67 -14.46
CA TYR C 646 -55.61 -46.52 -14.99
C TYR C 646 -54.22 -46.43 -14.37
N SER C 647 -54.11 -46.76 -13.08
CA SER C 647 -52.81 -46.72 -12.43
C SER C 647 -51.85 -47.77 -12.97
N GLU C 648 -52.37 -48.83 -13.58
CA GLU C 648 -51.52 -49.84 -14.20
C GLU C 648 -50.93 -49.39 -15.54
N THR C 649 -51.19 -48.15 -15.97
CA THR C 649 -50.75 -47.66 -17.27
C THR C 649 -49.63 -46.65 -17.16
N LEU C 650 -48.77 -46.78 -16.15
CA LEU C 650 -47.66 -45.85 -15.98
C LEU C 650 -46.35 -46.55 -15.60
N LYS C 651 -46.30 -47.87 -15.60
CA LYS C 651 -45.07 -48.54 -15.21
C LYS C 651 -44.06 -48.51 -16.36
N PRO C 652 -42.79 -48.20 -16.06
CA PRO C 652 -41.79 -48.05 -17.12
C PRO C 652 -41.62 -49.28 -17.99
N ASP C 653 -42.03 -50.46 -17.53
CA ASP C 653 -41.95 -51.65 -18.36
C ASP C 653 -43.10 -51.75 -19.35
N ASN C 654 -44.08 -50.85 -19.27
CA ASN C 654 -45.24 -50.86 -20.16
C ASN C 654 -45.18 -49.76 -21.21
N PHE C 655 -44.06 -49.04 -21.31
CA PHE C 655 -43.96 -47.95 -22.27
C PHE C 655 -44.26 -48.43 -23.69
N GLU C 656 -43.72 -49.57 -24.09
CA GLU C 656 -43.94 -50.10 -25.43
C GLU C 656 -45.42 -50.27 -25.77
N GLU C 657 -46.31 -50.22 -24.77
CA GLU C 657 -47.74 -50.27 -25.02
C GLU C 657 -48.41 -48.91 -25.00
N SER C 658 -47.89 -47.97 -24.19
CA SER C 658 -48.51 -46.66 -24.05
C SER C 658 -47.52 -45.51 -24.28
N GLY C 659 -46.33 -45.80 -24.79
CA GLY C 659 -45.38 -44.75 -25.08
C GLY C 659 -44.71 -44.20 -23.84
N TYR C 660 -43.51 -43.64 -24.02
CA TYR C 660 -42.80 -42.95 -22.94
C TYR C 660 -43.75 -42.00 -22.22
N THR C 661 -43.75 -42.08 -20.89
CA THR C 661 -44.68 -41.31 -20.06
C THR C 661 -43.89 -40.55 -19.01
N PHE C 662 -44.20 -39.27 -18.87
CA PHE C 662 -43.62 -38.41 -17.84
C PHE C 662 -44.67 -38.14 -16.77
N LEU C 663 -44.29 -37.31 -15.80
CA LEU C 663 -45.22 -36.94 -14.75
C LEU C 663 -44.76 -35.64 -14.12
N ALA C 664 -45.67 -34.67 -14.00
CA ALA C 664 -45.31 -33.39 -13.43
C ALA C 664 -44.96 -33.57 -11.95
N PRO C 665 -43.77 -33.16 -11.52
CA PRO C 665 -43.38 -33.36 -10.10
C PRO C 665 -44.03 -32.36 -9.16
N ARG C 666 -45.31 -32.57 -8.89
CA ARG C 666 -46.06 -31.74 -7.97
C ARG C 666 -46.06 -32.37 -6.59
N ASP C 667 -46.73 -31.69 -5.65
CA ASP C 667 -46.89 -32.22 -4.29
C ASP C 667 -48.17 -33.05 -4.22
N TYR C 668 -48.11 -34.22 -4.85
CA TYR C 668 -49.26 -35.13 -4.83
C TYR C 668 -49.53 -35.61 -3.42
N CYS C 669 -48.48 -35.82 -2.63
CA CYS C 669 -48.65 -36.40 -1.31
C CYS C 669 -47.39 -36.10 -0.51
N SER C 670 -47.57 -35.85 0.78
CA SER C 670 -46.47 -35.38 1.62
C SER C 670 -45.36 -36.41 1.80
N ASP C 671 -45.52 -37.63 1.26
CA ASP C 671 -44.47 -38.64 1.39
C ASP C 671 -43.48 -38.57 0.24
N LEU C 672 -43.96 -38.74 -0.99
CA LEU C 672 -43.09 -38.68 -2.15
C LEU C 672 -42.68 -37.25 -2.44
N LYS C 673 -41.38 -37.02 -2.59
CA LYS C 673 -40.81 -35.70 -2.79
C LYS C 673 -40.44 -35.49 -4.25
N PRO C 674 -40.74 -34.32 -4.80
CA PRO C 674 -40.31 -34.02 -6.18
C PRO C 674 -38.81 -34.22 -6.36
N SER C 675 -38.45 -34.93 -7.42
CA SER C 675 -37.09 -35.41 -7.63
C SER C 675 -36.35 -34.67 -8.73
N ASP C 676 -37.01 -34.37 -9.84
CA ASP C 676 -36.46 -33.79 -11.06
C ASP C 676 -35.67 -34.84 -11.84
N ASN C 677 -35.46 -36.00 -11.24
CA ASN C 677 -35.00 -37.19 -11.96
C ASN C 677 -36.23 -38.02 -12.32
N ASN C 678 -36.94 -37.52 -13.33
CA ASN C 678 -38.37 -37.81 -13.48
C ASN C 678 -38.68 -39.30 -13.51
N THR C 679 -37.75 -40.13 -14.01
CA THR C 679 -38.00 -41.57 -13.97
C THR C 679 -38.03 -42.09 -12.54
N GLU C 680 -37.14 -41.57 -11.69
CA GLU C 680 -37.19 -41.94 -10.27
C GLU C 680 -38.49 -41.47 -9.63
N PHE C 681 -38.93 -40.26 -9.97
CA PHE C 681 -40.18 -39.76 -9.43
C PHE C 681 -41.36 -40.63 -9.86
N LEU C 682 -41.35 -41.08 -11.11
CA LEU C 682 -42.43 -41.95 -11.57
C LEU C 682 -42.40 -43.29 -10.84
N LEU C 683 -41.19 -43.84 -10.63
CA LEU C 683 -41.07 -45.05 -9.82
C LEU C 683 -41.66 -44.87 -8.43
N ASN C 684 -41.31 -43.76 -7.76
CA ASN C 684 -41.79 -43.54 -6.41
C ASN C 684 -43.29 -43.32 -6.38
N PHE C 685 -43.83 -42.62 -7.39
CA PHE C 685 -45.27 -42.40 -7.45
C PHE C 685 -46.02 -43.72 -7.64
N ASN C 686 -45.52 -44.58 -8.55
CA ASN C 686 -46.11 -45.89 -8.73
C ASN C 686 -46.06 -46.69 -7.44
N GLU C 687 -44.90 -46.72 -6.78
CA GLU C 687 -44.76 -47.53 -5.57
C GLU C 687 -45.53 -46.95 -4.40
N PHE C 688 -45.89 -45.67 -4.44
CA PHE C 688 -46.72 -45.11 -3.38
C PHE C 688 -48.19 -45.38 -3.63
N ILE C 689 -48.64 -45.28 -4.89
CA ILE C 689 -50.01 -45.66 -5.21
C ILE C 689 -50.21 -47.15 -5.00
N ASP C 690 -49.14 -47.94 -5.10
CA ASP C 690 -49.24 -49.37 -4.86
C ASP C 690 -49.64 -49.67 -3.41
N ARG C 691 -48.88 -49.15 -2.45
CA ARG C 691 -49.08 -49.54 -1.06
C ARG C 691 -50.41 -49.04 -0.51
N LYS C 692 -50.58 -47.73 -0.47
CA LYS C 692 -51.81 -47.14 0.05
C LYS C 692 -52.80 -46.91 -1.08
N THR C 693 -54.03 -47.38 -0.89
CA THR C 693 -55.06 -47.19 -1.89
C THR C 693 -55.41 -45.69 -1.99
N PRO C 694 -55.94 -45.24 -3.13
CA PRO C 694 -56.13 -43.80 -3.33
C PRO C 694 -57.13 -43.12 -2.41
N ASN C 695 -57.68 -43.83 -1.41
CA ASN C 695 -58.59 -43.18 -0.47
C ASN C 695 -57.90 -42.00 0.21
N ASN C 696 -56.71 -42.23 0.77
CA ASN C 696 -55.76 -41.20 1.20
C ASN C 696 -56.40 -40.16 2.11
N PRO C 697 -56.74 -40.51 3.35
CA PRO C 697 -57.33 -39.51 4.27
C PRO C 697 -56.33 -38.47 4.77
N SER C 698 -55.05 -38.65 4.52
CA SER C 698 -54.01 -37.71 4.94
C SER C 698 -53.17 -37.28 3.75
N CYS C 699 -53.81 -36.99 2.62
CA CYS C 699 -53.11 -36.85 1.36
C CYS C 699 -53.99 -36.11 0.37
N ASN C 700 -53.35 -35.55 -0.66
CA ASN C 700 -54.02 -34.70 -1.64
C ASN C 700 -54.69 -35.59 -2.68
N THR C 701 -55.96 -35.92 -2.44
CA THR C 701 -56.65 -36.87 -3.31
C THR C 701 -57.07 -36.24 -4.64
N ASP C 702 -57.28 -34.93 -4.68
CA ASP C 702 -57.80 -34.30 -5.89
C ASP C 702 -56.79 -34.38 -7.03
N LEU C 703 -55.57 -33.94 -6.78
CA LEU C 703 -54.54 -34.00 -7.81
C LEU C 703 -54.32 -35.43 -8.28
N ILE C 704 -54.31 -36.39 -7.35
CA ILE C 704 -54.02 -37.77 -7.73
C ILE C 704 -55.15 -38.34 -8.58
N ASN C 705 -56.40 -38.05 -8.21
CA ASN C 705 -57.52 -38.52 -9.02
C ASN C 705 -57.49 -37.90 -10.41
N ARG C 706 -57.16 -36.61 -10.49
CA ARG C 706 -57.06 -35.95 -11.79
C ARG C 706 -55.98 -36.59 -12.65
N VAL C 707 -54.83 -36.90 -12.05
CA VAL C 707 -53.73 -37.50 -12.79
C VAL C 707 -54.11 -38.89 -13.29
N LEU C 708 -54.73 -39.70 -12.42
CA LEU C 708 -55.16 -41.03 -12.86
C LEU C 708 -56.17 -40.93 -13.99
N LEU C 709 -57.10 -39.97 -13.90
CA LEU C 709 -58.12 -39.82 -14.94
C LEU C 709 -57.50 -39.44 -16.27
N ASP C 710 -56.62 -38.44 -16.28
CA ASP C 710 -56.04 -38.04 -17.56
C ASP C 710 -55.08 -39.08 -18.08
N ALA C 711 -54.43 -39.85 -17.20
CA ALA C 711 -53.61 -40.96 -17.65
C ALA C 711 -54.46 -42.01 -18.35
N GLY C 712 -55.62 -42.31 -17.78
CA GLY C 712 -56.54 -43.21 -18.46
C GLY C 712 -56.95 -42.70 -19.83
N PHE C 713 -57.28 -41.41 -19.92
CA PHE C 713 -57.69 -40.84 -21.20
C PHE C 713 -56.57 -40.90 -22.23
N THR C 714 -55.37 -40.46 -21.84
CA THR C 714 -54.25 -40.45 -22.77
C THR C 714 -53.88 -41.88 -23.20
N ASN C 715 -53.97 -42.84 -22.28
CA ASN C 715 -53.67 -44.22 -22.63
C ASN C 715 -54.72 -44.78 -23.57
N GLU C 716 -55.99 -44.39 -23.40
CA GLU C 716 -57.01 -44.80 -24.35
C GLU C 716 -56.77 -44.18 -25.72
N LEU C 717 -56.25 -42.96 -25.76
CA LEU C 717 -55.92 -42.35 -27.05
C LEU C 717 -54.76 -43.09 -27.72
N VAL C 718 -53.73 -43.42 -26.95
CA VAL C 718 -52.56 -44.10 -27.52
C VAL C 718 -52.95 -45.49 -28.02
N GLN C 719 -53.65 -46.26 -27.19
CA GLN C 719 -54.03 -47.62 -27.55
C GLN C 719 -54.97 -47.62 -28.75
N ASN C 720 -56.07 -46.87 -28.67
CA ASN C 720 -57.13 -47.02 -29.66
C ASN C 720 -56.78 -46.39 -31.00
N TYR C 721 -56.04 -45.28 -31.01
CA TYR C 721 -55.81 -44.55 -32.26
C TYR C 721 -54.35 -44.55 -32.69
N TRP C 722 -53.43 -44.10 -31.82
CA TRP C 722 -52.04 -44.01 -32.23
C TRP C 722 -51.44 -45.37 -32.54
N SER C 723 -51.94 -46.43 -31.90
CA SER C 723 -51.34 -47.74 -32.05
C SER C 723 -51.76 -48.46 -33.33
N LYS C 724 -52.72 -47.92 -34.08
CA LYS C 724 -53.09 -48.51 -35.35
C LYS C 724 -52.00 -48.26 -36.39
N GLN C 725 -51.70 -47.00 -36.65
CA GLN C 725 -50.61 -46.62 -37.57
C GLN C 725 -49.34 -46.50 -36.76
N LYS C 726 -48.45 -47.49 -36.88
CA LYS C 726 -47.22 -47.48 -36.10
C LYS C 726 -46.28 -46.38 -36.58
N ASN C 727 -46.27 -46.11 -37.88
CA ASN C 727 -45.45 -45.04 -38.45
C ASN C 727 -46.19 -44.42 -39.62
N ILE C 728 -45.89 -43.15 -39.88
CA ILE C 728 -46.53 -42.38 -40.93
C ILE C 728 -45.45 -41.74 -41.79
N LYS C 729 -45.90 -40.93 -42.76
CA LYS C 729 -45.01 -40.35 -43.77
C LYS C 729 -43.82 -39.64 -43.13
N GLY C 730 -44.10 -38.61 -42.33
CA GLY C 730 -43.02 -37.80 -41.80
C GLY C 730 -43.06 -37.57 -40.30
N VAL C 731 -44.06 -38.13 -39.62
CA VAL C 731 -44.24 -37.86 -38.20
C VAL C 731 -43.14 -38.57 -37.43
N LYS C 732 -42.15 -37.82 -36.96
CA LYS C 732 -41.07 -38.41 -36.19
C LYS C 732 -41.54 -38.88 -34.82
N ALA C 733 -42.47 -38.15 -34.22
CA ALA C 733 -43.07 -38.51 -32.94
C ALA C 733 -44.32 -37.68 -32.75
N ARG C 734 -45.26 -38.22 -31.96
CA ARG C 734 -46.49 -37.51 -31.62
C ARG C 734 -46.65 -37.55 -30.10
N PHE C 735 -46.82 -36.38 -29.50
CA PHE C 735 -46.88 -36.24 -28.06
C PHE C 735 -48.25 -35.74 -27.63
N VAL C 736 -48.58 -35.99 -26.37
CA VAL C 736 -49.80 -35.50 -25.74
C VAL C 736 -49.43 -34.98 -24.36
N VAL C 737 -49.67 -33.70 -24.12
CA VAL C 737 -49.53 -33.11 -22.80
C VAL C 737 -50.93 -32.79 -22.30
N THR C 738 -51.12 -32.89 -20.98
CA THR C 738 -52.42 -32.57 -20.41
C THR C 738 -52.22 -31.97 -19.03
N ASP C 739 -53.27 -31.34 -18.51
CA ASP C 739 -53.27 -30.94 -17.13
C ASP C 739 -53.30 -32.17 -16.23
N GLY C 740 -52.86 -32.00 -15.00
CA GLY C 740 -52.63 -33.14 -14.14
C GLY C 740 -51.17 -33.56 -14.16
N GLY C 741 -50.58 -33.59 -15.35
CA GLY C 741 -49.15 -33.82 -15.44
C GLY C 741 -48.72 -34.85 -16.46
N ILE C 742 -49.61 -35.78 -16.80
CA ILE C 742 -49.28 -36.83 -17.74
C ILE C 742 -48.86 -36.22 -19.08
N THR C 743 -47.75 -36.71 -19.62
CA THR C 743 -47.31 -36.33 -20.96
C THR C 743 -46.67 -37.55 -21.60
N ARG C 744 -47.20 -37.95 -22.75
CA ARG C 744 -46.83 -39.21 -23.39
C ARG C 744 -46.32 -38.96 -24.80
N VAL C 745 -45.14 -39.52 -25.09
CA VAL C 745 -44.60 -39.58 -26.44
C VAL C 745 -44.70 -41.02 -26.91
N TYR C 746 -45.25 -41.24 -28.11
CA TYR C 746 -45.56 -42.61 -28.51
C TYR C 746 -44.30 -43.44 -28.72
N PRO C 747 -43.41 -43.14 -29.68
CA PRO C 747 -42.25 -44.01 -29.85
C PRO C 747 -41.26 -43.85 -28.70
N LYS C 748 -41.13 -44.89 -27.87
CA LYS C 748 -40.21 -44.82 -26.73
C LYS C 748 -38.81 -44.41 -27.19
N GLU C 749 -38.37 -44.91 -28.34
CA GLU C 749 -37.06 -44.52 -28.87
C GLU C 749 -36.98 -43.02 -29.09
N ALA C 750 -38.11 -42.37 -29.37
CA ALA C 750 -38.14 -40.93 -29.54
C ALA C 750 -38.22 -40.19 -28.21
N GLY C 751 -38.66 -40.86 -27.14
CA GLY C 751 -38.79 -40.20 -25.86
C GLY C 751 -37.48 -39.63 -25.34
N GLU C 752 -36.35 -40.21 -25.75
CA GLU C 752 -35.05 -39.71 -25.33
C GLU C 752 -34.70 -38.37 -25.98
N ASN C 753 -35.55 -37.86 -26.86
CA ASN C 753 -35.35 -36.61 -27.56
C ASN C 753 -36.46 -35.61 -27.24
N TRP C 754 -36.80 -35.52 -25.95
CA TRP C 754 -37.89 -34.66 -25.47
C TRP C 754 -37.30 -33.81 -24.35
N GLN C 755 -36.74 -32.65 -24.72
CA GLN C 755 -36.08 -31.77 -23.78
C GLN C 755 -37.04 -30.95 -22.93
N GLU C 756 -38.34 -31.01 -23.21
CA GLU C 756 -39.30 -30.13 -22.57
C GLU C 756 -39.44 -30.47 -21.10
N ASN C 757 -39.76 -29.44 -20.31
CA ASN C 757 -39.96 -29.62 -18.88
C ASN C 757 -41.12 -30.60 -18.64
N PRO C 758 -41.02 -31.47 -17.63
CA PRO C 758 -42.11 -32.42 -17.40
C PRO C 758 -43.35 -31.79 -16.79
N GLU C 759 -43.21 -30.69 -16.05
CA GLU C 759 -44.38 -30.01 -15.50
C GLU C 759 -45.11 -29.27 -16.62
N THR C 760 -46.39 -29.57 -16.77
CA THR C 760 -47.18 -29.04 -17.87
C THR C 760 -47.64 -27.60 -17.65
N TYR C 761 -47.07 -26.90 -16.67
CA TYR C 761 -47.38 -25.50 -16.45
C TYR C 761 -46.24 -24.57 -16.80
N GLU C 762 -45.07 -25.11 -17.18
CA GLU C 762 -43.98 -24.30 -17.70
C GLU C 762 -43.63 -24.67 -19.14
N ASP C 763 -44.41 -25.54 -19.77
CA ASP C 763 -44.22 -25.86 -21.18
C ASP C 763 -44.65 -24.66 -22.03
N SER C 764 -43.69 -23.98 -22.64
CA SER C 764 -44.00 -22.81 -23.45
C SER C 764 -44.99 -23.14 -24.57
N PHE C 765 -44.76 -24.26 -25.26
CA PHE C 765 -45.66 -24.64 -26.35
C PHE C 765 -47.07 -24.90 -25.85
N TYR C 766 -47.20 -25.46 -24.65
CA TYR C 766 -48.52 -25.68 -24.07
C TYR C 766 -49.29 -24.37 -23.96
N LYS C 767 -48.70 -23.39 -23.29
CA LYS C 767 -49.38 -22.11 -23.09
C LYS C 767 -49.65 -21.41 -24.43
N ARG C 768 -48.65 -21.39 -25.32
CA ARG C 768 -48.83 -20.77 -26.62
C ARG C 768 -50.01 -21.39 -27.36
N SER C 769 -49.96 -22.70 -27.60
CA SER C 769 -51.03 -23.37 -28.33
C SER C 769 -52.35 -23.32 -27.57
N LEU C 770 -52.33 -23.04 -26.28
CA LEU C 770 -53.57 -22.78 -25.56
C LEU C 770 -54.16 -21.44 -25.96
N ASP C 771 -53.30 -20.41 -26.09
CA ASP C 771 -53.80 -19.09 -26.45
C ASP C 771 -54.34 -19.06 -27.88
N ASN C 772 -53.54 -19.52 -28.84
CA ASN C 772 -53.97 -19.50 -30.22
C ASN C 772 -55.09 -20.50 -30.48
N ASP C 773 -55.76 -20.32 -31.60
CA ASP C 773 -56.82 -21.22 -32.06
C ASP C 773 -56.45 -21.87 -33.39
N ASN C 774 -55.18 -22.20 -33.56
CA ASN C 774 -54.69 -22.83 -34.77
C ASN C 774 -53.37 -23.50 -34.48
N TYR C 775 -52.98 -24.41 -35.37
CA TYR C 775 -51.77 -25.21 -35.19
C TYR C 775 -50.56 -24.30 -35.06
N VAL C 776 -49.90 -24.37 -33.91
CA VAL C 776 -48.77 -23.49 -33.59
C VAL C 776 -47.48 -24.22 -33.92
N PHE C 777 -46.69 -23.64 -34.82
CA PHE C 777 -45.39 -24.18 -35.18
C PHE C 777 -44.32 -23.60 -34.28
N THR C 778 -43.66 -24.45 -33.51
CA THR C 778 -42.65 -24.03 -32.55
C THR C 778 -41.27 -24.28 -33.15
N ALA C 779 -40.59 -23.20 -33.51
CA ALA C 779 -39.28 -23.34 -34.13
C ALA C 779 -38.28 -23.90 -33.14
N PRO C 780 -37.34 -24.73 -33.59
CA PRO C 780 -36.31 -25.26 -32.69
C PRO C 780 -35.25 -24.22 -32.39
N TYR C 781 -34.36 -24.58 -31.48
CA TYR C 781 -33.24 -23.71 -31.15
C TYR C 781 -32.15 -23.83 -32.20
N PHE C 782 -31.26 -22.84 -32.23
CA PHE C 782 -30.16 -22.82 -33.18
C PHE C 782 -28.83 -22.85 -32.42
N ASN C 783 -27.95 -23.76 -32.83
CA ASN C 783 -26.58 -23.88 -32.34
C ASN C 783 -26.49 -24.13 -30.84
N LYS C 784 -27.62 -24.39 -30.18
CA LYS C 784 -27.59 -24.82 -28.79
C LYS C 784 -27.14 -26.27 -28.72
N SER C 785 -26.26 -26.58 -27.77
CA SER C 785 -25.64 -27.90 -27.73
C SER C 785 -26.67 -28.95 -27.32
N GLY C 786 -27.27 -29.58 -28.32
CA GLY C 786 -28.28 -30.59 -28.10
C GLY C 786 -28.99 -30.93 -29.40
N PRO C 787 -29.26 -32.21 -29.63
CA PRO C 787 -29.80 -32.62 -30.94
C PRO C 787 -31.27 -32.28 -31.10
N GLY C 788 -31.56 -31.22 -31.85
CA GLY C 788 -32.95 -30.85 -32.12
C GLY C 788 -33.30 -30.68 -33.59
N ALA C 789 -32.30 -30.35 -34.42
CA ALA C 789 -32.60 -29.94 -35.79
C ALA C 789 -33.04 -31.13 -36.64
N TYR C 790 -32.14 -32.09 -36.86
CA TYR C 790 -32.43 -33.27 -37.67
C TYR C 790 -32.67 -34.51 -36.82
N GLU C 791 -32.62 -34.39 -35.50
CA GLU C 791 -32.86 -35.51 -34.61
C GLU C 791 -34.23 -35.48 -33.96
N SER C 792 -34.82 -34.29 -33.82
CA SER C 792 -36.16 -34.15 -33.25
C SER C 792 -37.18 -33.71 -34.30
N GLY C 793 -36.90 -32.63 -35.01
CA GLY C 793 -37.77 -32.13 -36.05
C GLY C 793 -38.55 -30.90 -35.60
N ILE C 794 -39.16 -30.25 -36.59
CA ILE C 794 -40.00 -29.09 -36.30
C ILE C 794 -41.18 -29.54 -35.46
N MET C 795 -41.65 -28.66 -34.59
CA MET C 795 -42.69 -29.00 -33.62
C MET C 795 -44.03 -28.38 -34.04
N VAL C 796 -45.11 -29.09 -33.74
CA VAL C 796 -46.46 -28.62 -34.04
C VAL C 796 -47.35 -29.01 -32.86
N SER C 797 -48.22 -28.08 -32.45
CA SER C 797 -49.09 -28.33 -31.32
C SER C 797 -50.48 -27.77 -31.63
N LYS C 798 -51.47 -28.30 -30.93
CA LYS C 798 -52.83 -27.78 -31.01
C LYS C 798 -53.58 -28.16 -29.75
N ALA C 799 -54.36 -27.21 -29.24
CA ALA C 799 -55.07 -27.40 -27.99
C ALA C 799 -56.40 -28.10 -28.21
N VAL C 800 -56.67 -29.11 -27.38
CA VAL C 800 -57.96 -29.78 -27.40
C VAL C 800 -59.03 -28.82 -26.88
N GLU C 801 -60.14 -28.70 -27.60
CA GLU C 801 -61.24 -27.83 -27.22
C GLU C 801 -62.52 -28.63 -27.21
N ILE C 802 -63.11 -28.82 -26.03
CA ILE C 802 -64.29 -29.64 -25.85
C ILE C 802 -65.46 -28.76 -25.43
N TYR C 803 -66.66 -29.29 -25.58
CA TYR C 803 -67.90 -28.64 -25.15
C TYR C 803 -68.72 -29.67 -24.39
N ILE C 804 -68.74 -29.57 -23.07
CA ILE C 804 -69.44 -30.55 -22.24
C ILE C 804 -70.90 -30.17 -22.10
N GLN C 805 -71.16 -29.00 -21.53
CA GLN C 805 -72.51 -28.49 -21.34
C GLN C 805 -72.66 -27.11 -21.97
N GLY C 806 -72.14 -26.94 -23.18
CA GLY C 806 -72.08 -25.64 -23.79
C GLY C 806 -70.98 -24.74 -23.26
N LYS C 807 -70.03 -25.30 -22.50
CA LYS C 807 -68.97 -24.54 -21.87
C LYS C 807 -67.63 -24.96 -22.44
N LEU C 808 -66.79 -23.99 -22.76
CA LEU C 808 -65.50 -24.28 -23.36
C LEU C 808 -64.53 -24.84 -22.33
N LEU C 809 -63.60 -25.67 -22.80
CA LEU C 809 -62.60 -26.27 -21.94
C LEU C 809 -61.40 -26.65 -22.81
N LYS C 810 -60.20 -26.45 -22.28
CA LYS C 810 -58.96 -26.78 -22.98
C LYS C 810 -58.12 -27.63 -22.05
N PRO C 811 -58.40 -28.94 -21.97
CA PRO C 811 -57.73 -29.78 -20.97
C PRO C 811 -56.44 -30.43 -21.43
N ALA C 812 -56.08 -30.37 -22.70
CA ALA C 812 -54.88 -31.05 -23.17
C ALA C 812 -54.44 -30.43 -24.49
N VAL C 813 -53.19 -30.69 -24.84
CA VAL C 813 -52.57 -30.20 -26.05
C VAL C 813 -51.88 -31.37 -26.72
N VAL C 814 -52.22 -31.65 -27.97
CA VAL C 814 -51.62 -32.77 -28.69
C VAL C 814 -50.78 -32.21 -29.83
N GLY C 815 -49.73 -32.93 -30.18
CA GLY C 815 -48.82 -32.41 -31.17
C GLY C 815 -48.11 -33.44 -32.03
N ILE C 816 -47.07 -32.98 -32.72
CA ILE C 816 -46.38 -33.77 -33.72
C ILE C 816 -44.98 -33.17 -33.87
N LYS C 817 -44.02 -34.01 -34.24
CA LYS C 817 -42.67 -33.55 -34.58
C LYS C 817 -42.42 -33.95 -36.03
N ILE C 818 -42.63 -33.00 -36.94
CA ILE C 818 -42.41 -33.23 -38.36
C ILE C 818 -40.92 -33.31 -38.63
N ASP C 819 -40.52 -34.25 -39.48
CA ASP C 819 -39.11 -34.40 -39.81
C ASP C 819 -38.73 -33.40 -40.89
N VAL C 820 -37.52 -32.85 -40.78
CA VAL C 820 -37.14 -31.72 -41.62
C VAL C 820 -36.92 -32.15 -43.06
N ASN C 821 -36.28 -33.31 -43.27
CA ASN C 821 -35.87 -33.70 -44.62
C ASN C 821 -37.07 -34.02 -45.51
N SER C 822 -38.00 -34.83 -45.00
CA SER C 822 -39.20 -35.12 -45.78
C SER C 822 -39.99 -33.84 -46.06
N TRP C 823 -39.94 -32.87 -45.15
CA TRP C 823 -40.60 -31.60 -45.40
C TRP C 823 -39.90 -30.83 -46.50
N ILE C 824 -38.56 -30.84 -46.53
CA ILE C 824 -37.84 -30.24 -47.64
C ILE C 824 -38.29 -30.86 -48.96
N GLU C 825 -38.33 -32.20 -49.01
CA GLU C 825 -38.77 -32.87 -50.22
C GLU C 825 -40.17 -32.43 -50.63
N ASN C 826 -41.14 -32.54 -49.72
CA ASN C 826 -42.50 -32.09 -50.00
C ASN C 826 -42.56 -30.62 -50.39
N PHE C 827 -41.57 -29.82 -49.96
CA PHE C 827 -41.60 -28.38 -50.19
C PHE C 827 -41.12 -28.02 -51.59
N THR C 828 -39.99 -28.59 -52.01
CA THR C 828 -39.44 -28.26 -53.33
C THR C 828 -40.40 -28.65 -54.44
N LYS C 829 -40.70 -29.94 -54.56
CA LYS C 829 -41.59 -30.40 -55.62
C LYS C 829 -43.04 -30.08 -55.30
N ASP C 842 -40.97 -22.09 -59.33
CA ASP C 842 -39.60 -22.48 -59.67
C ASP C 842 -38.68 -22.32 -58.47
N CYS C 843 -38.98 -23.05 -57.40
CA CYS C 843 -38.24 -23.01 -56.14
C CYS C 843 -37.27 -24.19 -56.03
N LYS C 844 -36.65 -24.59 -57.15
CA LYS C 844 -35.76 -25.74 -57.15
C LYS C 844 -34.63 -25.56 -56.15
N ARG C 845 -34.18 -26.68 -55.59
CA ARG C 845 -33.16 -26.66 -54.54
C ARG C 845 -31.90 -25.94 -55.00
N ASN C 846 -31.26 -25.25 -54.06
CA ASN C 846 -30.00 -24.54 -54.29
C ASN C 846 -30.08 -23.62 -55.50
N SER C 847 -31.26 -23.04 -55.75
CA SER C 847 -31.42 -22.12 -56.86
C SER C 847 -30.56 -20.87 -56.65
N ASP C 848 -30.48 -20.06 -57.70
CA ASP C 848 -29.66 -18.85 -57.65
C ASP C 848 -30.40 -17.64 -58.20
N VAL C 849 -31.67 -17.76 -58.54
CA VAL C 849 -32.47 -16.63 -58.99
C VAL C 849 -33.43 -16.14 -57.92
N MET C 850 -33.98 -17.04 -57.11
CA MET C 850 -34.92 -16.68 -56.06
C MET C 850 -34.71 -17.59 -54.87
N ASP C 851 -35.11 -17.11 -53.69
CA ASP C 851 -35.17 -17.95 -52.49
C ASP C 851 -36.58 -17.92 -51.94
N CYS C 852 -37.05 -19.09 -51.51
CA CYS C 852 -38.40 -19.31 -51.01
C CYS C 852 -38.28 -19.87 -49.59
N VAL C 853 -38.57 -19.04 -48.58
CA VAL C 853 -38.37 -19.45 -47.20
C VAL C 853 -39.71 -19.41 -46.47
N ILE C 854 -39.75 -20.13 -45.35
CA ILE C 854 -40.93 -20.21 -44.49
C ILE C 854 -40.52 -19.80 -43.08
N LEU C 855 -41.30 -18.90 -42.49
CA LEU C 855 -41.09 -18.44 -41.13
C LEU C 855 -42.36 -18.66 -40.33
N ASP C 856 -42.28 -18.37 -39.04
CA ASP C 856 -43.44 -18.38 -38.16
C ASP C 856 -43.56 -17.02 -37.50
N ASP C 857 -44.68 -16.80 -36.80
CA ASP C 857 -44.85 -15.52 -36.14
C ASP C 857 -43.81 -15.37 -35.04
N GLY C 858 -42.81 -14.54 -35.30
CA GLY C 858 -41.64 -14.45 -34.44
C GLY C 858 -40.38 -14.29 -35.28
N GLY C 859 -40.48 -14.66 -36.56
CA GLY C 859 -39.38 -14.45 -37.48
C GLY C 859 -38.32 -15.53 -37.47
N PHE C 860 -38.68 -16.76 -37.16
CA PHE C 860 -37.71 -17.85 -37.09
C PHE C 860 -37.83 -18.73 -38.33
N LEU C 861 -36.68 -19.12 -38.88
CA LEU C 861 -36.64 -19.94 -40.08
C LEU C 861 -37.12 -21.35 -39.77
N LEU C 862 -37.92 -21.91 -40.69
CA LEU C 862 -38.44 -23.26 -40.51
C LEU C 862 -38.19 -24.14 -41.72
N MET C 863 -38.15 -23.55 -42.90
CA MET C 863 -37.97 -24.33 -44.13
C MET C 863 -37.42 -23.40 -45.20
N ALA C 864 -36.18 -23.61 -45.60
CA ALA C 864 -35.52 -22.76 -46.57
C ALA C 864 -35.48 -23.43 -47.93
N ASN C 865 -34.79 -22.80 -48.89
CA ASN C 865 -34.68 -23.32 -50.24
C ASN C 865 -33.28 -23.15 -50.80
N HIS C 866 -32.25 -23.25 -49.96
CA HIS C 866 -30.89 -23.08 -50.44
C HIS C 866 -29.88 -24.09 -49.93
N ASP C 867 -30.19 -24.88 -48.91
CA ASP C 867 -29.29 -25.84 -48.27
C ASP C 867 -28.08 -25.18 -47.63
N ASP C 868 -27.97 -23.85 -47.70
CA ASP C 868 -27.10 -23.08 -46.82
C ASP C 868 -27.87 -22.39 -45.72
N TYR C 869 -29.13 -22.05 -45.99
CA TYR C 869 -30.04 -21.55 -44.95
C TYR C 869 -30.61 -22.71 -44.14
N THR C 870 -31.17 -23.72 -44.81
CA THR C 870 -31.85 -24.77 -44.06
C THR C 870 -30.90 -25.74 -43.40
N ASN C 871 -29.61 -25.48 -43.32
CA ASN C 871 -28.76 -26.20 -42.39
C ASN C 871 -28.64 -25.47 -41.06
N GLN C 872 -28.82 -24.15 -41.08
CA GLN C 872 -28.96 -23.35 -39.86
C GLN C 872 -30.45 -23.04 -39.72
N ILE C 873 -31.17 -23.96 -39.08
CA ILE C 873 -32.61 -23.85 -38.95
C ILE C 873 -32.92 -23.32 -37.56
N GLY C 874 -34.12 -22.78 -37.41
CA GLY C 874 -34.52 -22.18 -36.15
C GLY C 874 -33.81 -20.88 -35.81
N ARG C 875 -32.97 -20.38 -36.71
CA ARG C 875 -32.25 -19.13 -36.48
C ARG C 875 -33.11 -17.96 -36.94
N PHE C 876 -32.83 -16.79 -36.37
CA PHE C 876 -33.64 -15.61 -36.67
C PHE C 876 -33.48 -15.20 -38.12
N PHE C 877 -34.61 -15.03 -38.82
CA PHE C 877 -34.57 -14.72 -40.25
C PHE C 877 -33.82 -13.41 -40.50
N GLY C 878 -34.03 -12.41 -39.67
CA GLY C 878 -33.33 -11.16 -39.80
C GLY C 878 -31.87 -11.19 -39.40
N GLU C 879 -31.34 -12.36 -39.08
CA GLU C 879 -29.92 -12.50 -38.79
C GLU C 879 -29.15 -13.08 -39.96
N ILE C 880 -29.83 -13.69 -40.92
CA ILE C 880 -29.22 -14.19 -42.15
C ILE C 880 -29.52 -13.29 -43.34
N ASP C 881 -30.77 -12.84 -43.48
CA ASP C 881 -31.20 -11.98 -44.57
C ASP C 881 -31.69 -10.67 -43.94
N PRO C 882 -30.77 -9.78 -43.54
CA PRO C 882 -31.17 -8.63 -42.74
C PRO C 882 -32.07 -7.64 -43.46
N SER C 883 -31.73 -7.25 -44.69
CA SER C 883 -32.42 -6.13 -45.33
C SER C 883 -33.88 -6.45 -45.61
N LEU C 884 -34.15 -7.66 -46.09
CA LEU C 884 -35.53 -8.06 -46.38
C LEU C 884 -36.37 -8.07 -45.11
N MET C 885 -35.82 -8.61 -44.02
CA MET C 885 -36.53 -8.61 -42.75
C MET C 885 -36.80 -7.19 -42.26
N ARG C 886 -35.80 -6.31 -42.41
CA ARG C 886 -36.01 -4.92 -42.02
C ARG C 886 -37.13 -4.28 -42.83
N HIS C 887 -37.22 -4.62 -44.12
CA HIS C 887 -38.30 -4.08 -44.92
C HIS C 887 -39.65 -4.67 -44.50
N LEU C 888 -39.68 -5.95 -44.14
CA LEU C 888 -40.91 -6.54 -43.66
C LEU C 888 -41.39 -5.86 -42.39
N VAL C 889 -40.46 -5.55 -41.49
CA VAL C 889 -40.81 -4.75 -40.32
C VAL C 889 -41.29 -3.37 -40.74
N ASN C 890 -40.70 -2.82 -41.80
CA ASN C 890 -41.04 -1.48 -42.25
C ASN C 890 -42.46 -1.41 -42.81
N ILE C 891 -42.82 -2.35 -43.69
CA ILE C 891 -44.15 -2.34 -44.30
C ILE C 891 -45.22 -2.84 -43.35
N SER C 892 -44.86 -3.14 -42.10
CA SER C 892 -45.80 -3.48 -41.04
C SER C 892 -46.56 -4.77 -41.33
N VAL C 893 -45.80 -5.83 -41.57
CA VAL C 893 -46.32 -7.19 -41.42
C VAL C 893 -45.91 -7.78 -40.08
N TYR C 894 -44.72 -7.44 -39.61
CA TYR C 894 -44.26 -7.78 -38.27
C TYR C 894 -44.40 -6.57 -37.35
N ALA C 895 -44.19 -6.81 -36.06
CA ALA C 895 -44.10 -5.74 -35.08
C ALA C 895 -43.38 -6.29 -33.87
N PHE C 896 -42.62 -5.43 -33.21
CA PHE C 896 -41.80 -5.84 -32.08
C PHE C 896 -42.23 -5.09 -30.84
N ASN C 897 -41.72 -5.55 -29.69
CA ASN C 897 -41.98 -4.87 -28.42
C ASN C 897 -40.78 -5.12 -27.52
N LYS C 898 -39.86 -4.17 -27.49
CA LYS C 898 -38.70 -4.31 -26.63
C LYS C 898 -39.11 -4.21 -25.17
N SER C 899 -38.36 -4.89 -24.31
CA SER C 899 -38.66 -4.93 -22.89
C SER C 899 -37.34 -4.91 -22.14
N TYR C 900 -37.41 -5.19 -20.84
CA TYR C 900 -36.23 -5.31 -20.01
C TYR C 900 -36.41 -6.47 -19.06
N ASP C 901 -35.34 -7.21 -18.83
CA ASP C 901 -35.33 -8.34 -17.90
C ASP C 901 -34.36 -7.96 -16.79
N TYR C 902 -34.88 -7.43 -15.70
CA TYR C 902 -34.04 -6.86 -14.66
C TYR C 902 -33.31 -7.90 -13.84
N GLN C 903 -33.47 -9.18 -14.14
CA GLN C 903 -32.75 -10.25 -13.43
C GLN C 903 -32.09 -11.15 -14.48
N SER C 904 -30.89 -10.79 -14.91
CA SER C 904 -30.13 -11.64 -15.81
C SER C 904 -28.70 -11.77 -15.32
N VAL C 905 -27.95 -12.69 -15.91
CA VAL C 905 -26.55 -12.88 -15.61
C VAL C 905 -25.74 -12.69 -16.89
N CYS C 906 -24.71 -11.84 -16.80
CA CYS C 906 -23.86 -11.54 -17.95
C CYS C 906 -22.40 -11.62 -17.54
N GLU C 907 -21.54 -11.45 -18.54
CA GLU C 907 -20.10 -11.44 -18.32
C GLU C 907 -19.59 -10.01 -18.39
N PRO C 908 -18.93 -9.51 -17.36
CA PRO C 908 -18.58 -8.08 -17.33
C PRO C 908 -17.50 -7.73 -18.34
N GLY C 909 -17.44 -6.45 -18.68
CA GLY C 909 -16.38 -5.91 -19.49
C GLY C 909 -15.30 -5.27 -18.64
N ALA C 910 -14.13 -5.08 -19.24
CA ALA C 910 -12.98 -4.50 -18.54
C ALA C 910 -13.04 -2.99 -18.67
N ALA C 911 -13.61 -2.33 -17.67
CA ALA C 911 -13.71 -0.88 -17.67
C ALA C 911 -13.89 -0.34 -16.25
N SER C 972 -18.13 -15.70 -11.67
CA SER C 972 -18.11 -16.09 -13.07
C SER C 972 -19.09 -15.26 -13.88
N LYS C 973 -20.09 -14.70 -13.20
CA LYS C 973 -21.12 -13.91 -13.84
C LYS C 973 -21.50 -12.77 -12.92
N GLN C 974 -22.30 -11.84 -13.45
CA GLN C 974 -22.77 -10.70 -12.67
C GLN C 974 -24.21 -10.39 -13.03
N SER C 975 -24.91 -9.74 -12.09
CA SER C 975 -26.29 -9.37 -12.30
C SER C 975 -26.39 -8.21 -13.29
N CYS C 976 -27.28 -8.36 -14.27
CA CYS C 976 -27.34 -7.42 -15.37
C CYS C 976 -28.76 -7.31 -15.89
N ILE C 977 -29.04 -6.18 -16.52
CA ILE C 977 -30.26 -5.95 -17.29
C ILE C 977 -29.99 -6.35 -18.73
N THR C 978 -30.94 -7.04 -19.34
CA THR C 978 -30.82 -7.45 -20.74
C THR C 978 -32.06 -7.04 -21.50
N GLU C 979 -31.90 -6.12 -22.43
CA GLU C 979 -32.99 -5.74 -23.32
C GLU C 979 -33.37 -6.91 -24.20
N GLN C 980 -34.66 -7.22 -24.24
CA GLN C 980 -35.21 -8.30 -25.04
C GLN C 980 -36.03 -7.72 -26.20
N THR C 981 -36.37 -8.59 -27.15
CA THR C 981 -37.18 -8.19 -28.29
C THR C 981 -37.99 -9.39 -28.74
N GLN C 982 -39.22 -9.14 -29.16
CA GLN C 982 -40.13 -10.20 -29.60
C GLN C 982 -40.97 -9.68 -30.75
N TYR C 983 -40.91 -10.38 -31.89
CA TYR C 983 -41.67 -10.00 -33.06
C TYR C 983 -42.92 -10.85 -33.18
N PHE C 984 -43.93 -10.31 -33.87
CA PHE C 984 -45.21 -10.98 -33.99
C PHE C 984 -46.03 -10.32 -35.08
N PHE C 985 -46.99 -11.07 -35.62
CA PHE C 985 -47.93 -10.52 -36.59
C PHE C 985 -48.79 -9.45 -35.92
N ASP C 986 -49.05 -8.37 -36.65
CA ASP C 986 -50.00 -7.37 -36.18
C ASP C 986 -51.18 -7.21 -37.13
N ASN C 987 -50.91 -7.05 -38.43
CA ASN C 987 -51.98 -6.86 -39.39
C ASN C 987 -52.67 -8.19 -39.69
N ASP C 988 -53.96 -8.11 -39.98
CA ASP C 988 -54.78 -9.28 -40.27
C ASP C 988 -54.74 -9.68 -41.74
N SER C 989 -54.01 -8.96 -42.58
CA SER C 989 -54.02 -9.24 -44.01
C SER C 989 -53.32 -10.56 -44.31
N LYS C 990 -53.58 -11.09 -45.50
CA LYS C 990 -53.13 -12.42 -45.88
C LYS C 990 -51.94 -12.40 -46.84
N SER C 991 -51.79 -11.36 -47.66
CA SER C 991 -50.73 -11.33 -48.66
C SER C 991 -50.11 -9.94 -48.72
N PHE C 992 -48.79 -9.91 -48.89
CA PHE C 992 -48.04 -8.65 -48.97
C PHE C 992 -47.01 -8.79 -50.08
N SER C 993 -47.13 -7.98 -51.13
CA SER C 993 -46.21 -8.02 -52.24
C SER C 993 -45.43 -6.71 -52.32
N GLY C 994 -44.43 -6.69 -53.18
CA GLY C 994 -43.78 -5.43 -53.49
C GLY C 994 -42.32 -5.63 -53.87
N VAL C 995 -41.57 -4.54 -53.70
CA VAL C 995 -40.18 -4.45 -54.15
C VAL C 995 -39.40 -3.62 -53.14
N LEU C 996 -38.22 -4.11 -52.78
CA LEU C 996 -37.33 -3.38 -51.87
C LEU C 996 -36.11 -2.88 -52.64
N ASP C 997 -35.75 -1.64 -52.38
CA ASP C 997 -34.60 -1.00 -53.01
C ASP C 997 -33.56 -0.64 -51.97
N CYS C 998 -32.29 -0.94 -52.28
CA CYS C 998 -31.21 -0.52 -51.40
C CYS C 998 -29.98 -0.02 -52.16
N GLY C 999 -30.18 0.57 -53.33
CA GLY C 999 -29.08 1.17 -54.07
C GLY C 999 -28.59 0.36 -55.25
N ASN C 1000 -28.65 0.94 -56.44
CA ASN C 1000 -28.16 0.37 -57.69
C ASN C 1000 -28.80 -0.97 -58.04
N CYS C 1001 -29.88 -1.34 -57.36
CA CYS C 1001 -30.56 -2.60 -57.62
C CYS C 1001 -31.90 -2.59 -56.89
N SER C 1002 -32.69 -3.62 -57.11
CA SER C 1002 -34.00 -3.73 -56.50
C SER C 1002 -34.46 -5.18 -56.56
N ARG C 1003 -34.94 -5.70 -55.43
CA ARG C 1003 -35.43 -7.06 -55.35
C ARG C 1003 -36.95 -7.06 -55.26
N ILE C 1004 -37.57 -8.11 -55.80
CA ILE C 1004 -39.01 -8.30 -55.75
C ILE C 1004 -39.31 -9.37 -54.71
N PHE C 1005 -40.39 -9.18 -53.96
CA PHE C 1005 -40.81 -10.15 -52.96
C PHE C 1005 -42.33 -10.26 -52.94
N HIS C 1006 -42.79 -11.44 -52.55
CA HIS C 1006 -44.20 -11.69 -52.29
C HIS C 1006 -44.32 -12.66 -51.13
N VAL C 1007 -45.10 -12.28 -50.12
CA VAL C 1007 -45.27 -13.09 -48.92
C VAL C 1007 -46.75 -13.39 -48.75
N GLU C 1008 -47.05 -14.58 -48.24
CA GLU C 1008 -48.41 -15.03 -48.05
C GLU C 1008 -48.49 -15.83 -46.76
N LYS C 1009 -49.55 -15.57 -45.99
CA LYS C 1009 -49.74 -16.22 -44.69
C LYS C 1009 -50.65 -17.42 -44.84
N LEU C 1010 -50.20 -18.57 -44.34
CA LEU C 1010 -51.00 -19.78 -44.41
C LEU C 1010 -52.22 -19.66 -43.51
N MET C 1011 -53.27 -20.38 -43.86
CA MET C 1011 -54.52 -20.34 -43.12
C MET C 1011 -54.52 -21.40 -42.01
N ASN C 1012 -55.03 -21.02 -40.85
CA ASN C 1012 -55.14 -21.89 -39.68
C ASN C 1012 -53.79 -22.38 -39.18
N THR C 1013 -52.73 -21.62 -39.45
CA THR C 1013 -51.43 -21.86 -38.83
C THR C 1013 -50.73 -20.52 -38.71
N ASN C 1014 -49.66 -20.50 -37.92
CA ASN C 1014 -48.90 -19.28 -37.67
C ASN C 1014 -47.66 -19.20 -38.55
N LEU C 1015 -47.74 -19.70 -39.78
CA LEU C 1015 -46.63 -19.70 -40.70
C LEU C 1015 -46.83 -18.67 -41.80
N ILE C 1016 -45.72 -18.16 -42.30
CA ILE C 1016 -45.70 -17.26 -43.46
C ILE C 1016 -44.69 -17.81 -44.46
N PHE C 1017 -45.01 -17.70 -45.74
CA PHE C 1017 -44.13 -18.13 -46.81
C PHE C 1017 -43.77 -16.91 -47.65
N ILE C 1018 -42.48 -16.64 -47.77
CA ILE C 1018 -41.99 -15.47 -48.47
C ILE C 1018 -41.07 -15.92 -49.60
N MET C 1019 -41.32 -15.42 -50.80
CA MET C 1019 -40.48 -15.69 -51.96
C MET C 1019 -39.91 -14.36 -52.45
N VAL C 1020 -38.58 -14.31 -52.57
CA VAL C 1020 -37.89 -13.06 -52.86
C VAL C 1020 -36.73 -13.33 -53.82
N GLU C 1021 -36.31 -12.28 -54.52
CA GLU C 1021 -35.11 -12.39 -55.34
C GLU C 1021 -33.89 -12.67 -54.47
N SER C 1022 -33.00 -13.53 -54.96
CA SER C 1022 -31.87 -13.97 -54.16
C SER C 1022 -30.93 -12.81 -53.83
N LYS C 1023 -30.18 -12.99 -52.75
CA LYS C 1023 -29.17 -12.02 -52.34
C LYS C 1023 -27.95 -12.05 -53.26
N GLY C 1024 -27.71 -13.17 -53.94
CA GLY C 1024 -26.57 -13.25 -54.85
C GLY C 1024 -26.66 -12.31 -56.03
N THR C 1025 -27.86 -11.87 -56.38
CA THR C 1025 -28.03 -10.91 -57.47
C THR C 1025 -27.90 -9.47 -56.98
N CYS C 1026 -28.59 -9.13 -55.90
CA CYS C 1026 -28.53 -7.79 -55.35
C CYS C 1026 -27.52 -7.73 -54.22
N PRO C 1027 -26.37 -7.06 -54.38
CA PRO C 1027 -25.48 -6.85 -53.23
C PRO C 1027 -26.07 -5.82 -52.29
N CYS C 1028 -26.55 -6.30 -51.13
CA CYS C 1028 -27.24 -5.47 -50.17
C CYS C 1028 -26.78 -5.79 -48.75
N ASP C 1029 -26.80 -4.77 -47.90
CA ASP C 1029 -26.53 -4.94 -46.48
C ASP C 1029 -26.85 -3.68 -45.70
N THR C 1030 -27.66 -3.80 -44.65
CA THR C 1030 -27.88 -2.69 -43.73
C THR C 1030 -27.20 -2.93 -42.38
N ARG C 1031 -27.58 -4.01 -41.69
CA ARG C 1031 -26.99 -4.44 -40.43
C ARG C 1031 -27.66 -5.73 -39.99
N LEU C 1032 -26.99 -6.55 -39.20
CA LEU C 1032 -27.64 -7.72 -38.62
C LEU C 1032 -28.70 -7.26 -37.64
N LEU C 1033 -29.96 -7.60 -37.92
CA LEU C 1033 -31.07 -7.25 -37.04
C LEU C 1033 -31.34 -8.45 -36.14
N ILE C 1034 -30.67 -8.48 -35.00
CA ILE C 1034 -30.64 -9.65 -34.13
C ILE C 1034 -31.76 -9.55 -33.09
N GLN C 1035 -32.41 -10.68 -32.84
CA GLN C 1035 -33.42 -10.82 -31.80
C GLN C 1035 -32.81 -11.72 -30.73
N ALA C 1036 -32.25 -11.09 -29.70
CA ALA C 1036 -31.59 -11.82 -28.62
C ALA C 1036 -31.32 -10.85 -27.49
N GLU C 1037 -31.22 -11.40 -26.28
CA GLU C 1037 -30.94 -10.59 -25.11
C GLU C 1037 -29.66 -9.79 -25.31
N GLN C 1038 -29.73 -8.48 -25.10
CA GLN C 1038 -28.58 -7.61 -25.23
C GLN C 1038 -28.31 -6.95 -23.88
N THR C 1039 -27.13 -7.17 -23.33
CA THR C 1039 -26.79 -6.56 -22.06
C THR C 1039 -26.90 -5.05 -22.15
N SER C 1040 -27.90 -4.48 -21.49
CA SER C 1040 -28.25 -3.08 -21.64
C SER C 1040 -28.01 -2.34 -20.32
N ASP C 1041 -28.25 -1.04 -20.36
CA ASP C 1041 -28.02 -0.16 -19.22
C ASP C 1041 -29.25 0.61 -18.80
N GLY C 1042 -30.09 1.02 -19.75
CA GLY C 1042 -31.21 1.87 -19.46
C GLY C 1042 -32.33 1.12 -18.75
N PRO C 1043 -33.48 1.77 -18.60
CA PRO C 1043 -33.79 3.12 -19.10
C PRO C 1043 -33.11 4.24 -18.32
N ASP C 1044 -33.11 5.44 -18.87
CA ASP C 1044 -32.45 6.57 -18.24
C ASP C 1044 -33.13 6.90 -16.92
N PRO C 1045 -32.45 6.79 -15.79
CA PRO C 1045 -33.13 7.07 -14.52
C PRO C 1045 -33.47 8.54 -14.32
N CYS C 1046 -32.54 9.46 -14.62
CA CYS C 1046 -32.79 10.87 -14.38
C CYS C 1046 -33.52 11.53 -15.53
N ASP C 1047 -34.17 10.75 -16.38
CA ASP C 1047 -35.26 11.22 -17.24
C ASP C 1047 -36.55 10.49 -16.89
N MET C 1048 -36.62 9.91 -15.71
CA MET C 1048 -37.80 9.19 -15.22
C MET C 1048 -38.32 9.74 -13.90
N VAL C 1049 -37.45 10.38 -13.11
CA VAL C 1049 -37.91 11.02 -11.88
C VAL C 1049 -38.76 12.24 -12.20
N LYS C 1050 -38.63 12.79 -13.41
CA LYS C 1050 -39.46 13.90 -13.82
C LYS C 1050 -40.94 13.51 -13.94
N GLN C 1051 -41.24 12.22 -13.92
CA GLN C 1051 -42.58 11.71 -14.13
C GLN C 1051 -42.73 10.35 -13.46
N PRO C 1052 -42.56 10.26 -12.14
CA PRO C 1052 -42.50 8.95 -11.49
C PRO C 1052 -43.86 8.27 -11.50
N ARG C 1053 -43.83 6.99 -11.14
CA ARG C 1053 -45.05 6.20 -11.07
C ARG C 1053 -45.81 6.53 -9.78
N TYR C 1054 -47.06 6.07 -9.72
CA TYR C 1054 -47.86 6.32 -8.54
C TYR C 1054 -47.27 5.61 -7.33
N ARG C 1055 -47.60 6.12 -6.15
CA ARG C 1055 -46.99 5.64 -4.93
C ARG C 1055 -47.77 6.11 -3.71
N LYS C 1056 -48.09 5.20 -2.80
CA LYS C 1056 -48.83 5.53 -1.58
C LYS C 1056 -47.94 5.17 -0.40
N GLY C 1057 -47.28 6.17 0.18
CA GLY C 1057 -46.37 5.94 1.26
C GLY C 1057 -47.08 5.60 2.56
N PRO C 1058 -46.32 5.54 3.65
CA PRO C 1058 -46.93 5.21 4.96
C PRO C 1058 -47.50 6.46 5.61
N ASP C 1059 -48.79 6.42 5.92
CA ASP C 1059 -49.45 7.59 6.48
C ASP C 1059 -49.06 7.84 7.94
N VAL C 1060 -48.58 6.83 8.65
CA VAL C 1060 -48.24 6.95 10.06
C VAL C 1060 -46.73 7.03 10.22
N CYS C 1061 -46.25 8.07 10.89
CA CYS C 1061 -44.84 8.21 11.15
C CYS C 1061 -44.63 9.15 12.32
N PHE C 1062 -43.53 8.95 13.04
CA PHE C 1062 -43.29 9.61 14.32
C PHE C 1062 -42.06 10.50 14.22
N ASP C 1063 -42.25 11.80 14.45
CA ASP C 1063 -41.13 12.73 14.59
C ASP C 1063 -41.61 13.91 15.43
N ASN C 1064 -40.65 14.74 15.84
CA ASN C 1064 -40.92 16.04 16.45
C ASN C 1064 -41.80 15.89 17.71
N ASN C 1065 -41.22 15.25 18.71
CA ASN C 1065 -41.85 15.24 20.02
C ASN C 1065 -41.35 16.41 20.86
N VAL C 1066 -42.15 16.79 21.84
CA VAL C 1066 -41.86 17.97 22.66
C VAL C 1066 -41.00 17.62 23.87
N LEU C 1067 -41.28 16.49 24.52
CA LEU C 1067 -40.50 16.10 25.69
C LEU C 1067 -39.23 15.34 25.33
N GLU C 1068 -38.76 15.49 24.10
CA GLU C 1068 -37.44 14.97 23.73
C GLU C 1068 -36.35 15.75 24.46
N ASP C 1069 -35.12 15.27 24.33
CA ASP C 1069 -33.99 15.88 25.04
C ASP C 1069 -33.03 16.57 24.09
N TYR C 1070 -32.53 15.84 23.09
CA TYR C 1070 -31.45 16.29 22.20
C TYR C 1070 -30.41 17.12 22.95
N THR C 1071 -29.96 16.57 24.08
CA THR C 1071 -28.84 17.14 24.82
C THR C 1071 -27.54 16.36 24.56
N ASP C 1072 -27.48 15.62 23.47
CA ASP C 1072 -26.31 14.82 23.13
C ASP C 1072 -25.79 15.23 21.76
N CYS C 1073 -24.47 15.16 21.61
CA CYS C 1073 -23.80 15.46 20.35
C CYS C 1073 -22.31 15.18 20.46
#